data_1X4K
#
_entry.id   1X4K
#
loop_
_entity.id
_entity.type
_entity.pdbx_description
1 polymer 'Skeletal muscle LIM-protein 3'
2 non-polymer 'ZINC ION'
#
_entity_poly.entity_id   1
_entity_poly.type   'polypeptide(L)'
_entity_poly.pdbx_seq_one_letter_code
;GSSGSSGCQECKKTIMPGTRKMEYKGSSWHETCFICHRCQQPIGTKSFIPKDNQNFCVPCYEKQHASGPSSG
;
_entity_poly.pdbx_strand_id   A
#
# COMPACT_ATOMS: atom_id res chain seq x y z
N GLY A 1 -11.94 17.81 0.20
CA GLY A 1 -12.44 18.90 1.01
C GLY A 1 -13.65 18.50 1.84
N SER A 2 -14.81 19.05 1.49
CA SER A 2 -16.05 18.75 2.20
C SER A 2 -16.79 17.58 1.55
N SER A 3 -17.17 17.77 0.29
CA SER A 3 -17.89 16.73 -0.45
C SER A 3 -17.18 15.39 -0.32
N GLY A 4 -15.86 15.39 -0.49
CA GLY A 4 -15.10 14.17 -0.38
C GLY A 4 -14.54 13.94 1.01
N SER A 5 -15.19 13.07 1.77
CA SER A 5 -14.76 12.77 3.13
C SER A 5 -13.66 11.72 3.13
N SER A 6 -12.77 11.80 2.14
CA SER A 6 -11.67 10.84 2.02
C SER A 6 -10.33 11.57 2.04
N GLY A 7 -9.26 10.83 2.30
CA GLY A 7 -7.94 11.41 2.34
C GLY A 7 -6.84 10.37 2.29
N CYS A 8 -5.69 10.75 1.75
CA CYS A 8 -4.56 9.84 1.63
C CYS A 8 -3.69 9.88 2.89
N GLN A 9 -2.85 8.87 3.07
CA GLN A 9 -1.98 8.79 4.22
C GLN A 9 -0.52 9.08 3.82
N GLU A 10 -0.15 8.64 2.63
CA GLU A 10 1.21 8.85 2.13
C GLU A 10 1.51 10.33 2.00
N CYS A 11 0.91 10.97 0.99
CA CYS A 11 1.11 12.39 0.76
C CYS A 11 0.05 13.23 1.46
N LYS A 12 -0.67 12.59 2.39
CA LYS A 12 -1.72 13.27 3.14
C LYS A 12 -2.46 14.27 2.27
N LYS A 13 -2.85 13.83 1.08
CA LYS A 13 -3.58 14.68 0.14
C LYS A 13 -5.02 14.21 -0.01
N THR A 14 -5.87 15.09 -0.55
CA THR A 14 -7.27 14.77 -0.74
C THR A 14 -7.47 13.86 -1.96
N ILE A 15 -7.82 12.60 -1.69
CA ILE A 15 -8.03 11.63 -2.75
C ILE A 15 -9.38 11.83 -3.43
N MET A 16 -9.35 12.34 -4.65
CA MET A 16 -10.57 12.59 -5.41
C MET A 16 -11.37 11.30 -5.58
N PRO A 17 -12.70 11.44 -5.68
CA PRO A 17 -13.60 10.29 -5.84
C PRO A 17 -13.47 9.65 -7.22
N GLY A 18 -12.74 10.31 -8.12
CA GLY A 18 -12.54 9.77 -9.45
C GLY A 18 -11.43 8.74 -9.51
N THR A 19 -10.30 9.07 -8.89
CA THR A 19 -9.15 8.16 -8.88
C THR A 19 -9.38 7.00 -7.92
N ARG A 20 -8.62 5.92 -8.11
CA ARG A 20 -8.74 4.75 -7.25
C ARG A 20 -7.89 4.90 -6.00
N LYS A 21 -8.39 4.40 -4.88
CA LYS A 21 -7.69 4.46 -3.61
C LYS A 21 -7.74 3.13 -2.88
N MET A 22 -6.80 2.92 -1.96
CA MET A 22 -6.74 1.69 -1.18
C MET A 22 -7.14 1.94 0.27
N GLU A 23 -8.35 1.53 0.63
CA GLU A 23 -8.84 1.71 1.98
C GLU A 23 -8.38 0.58 2.90
N TYR A 24 -7.56 0.93 3.89
CA TYR A 24 -7.03 -0.06 4.83
C TYR A 24 -7.11 0.46 6.26
N LYS A 25 -8.00 -0.13 7.05
CA LYS A 25 -8.17 0.26 8.44
C LYS A 25 -8.67 1.70 8.55
N GLY A 26 -9.65 2.04 7.71
CA GLY A 26 -10.20 3.38 7.73
C GLY A 26 -9.39 4.35 6.88
N SER A 27 -8.07 4.15 6.87
CA SER A 27 -7.18 5.02 6.10
C SER A 27 -7.24 4.68 4.63
N SER A 28 -6.76 5.60 3.79
CA SER A 28 -6.76 5.40 2.35
C SER A 28 -5.40 5.74 1.75
N TRP A 29 -5.06 5.10 0.64
CA TRP A 29 -3.79 5.34 -0.03
C TRP A 29 -3.96 5.41 -1.54
N HIS A 30 -3.47 6.48 -2.15
CA HIS A 30 -3.57 6.67 -3.59
C HIS A 30 -3.15 5.40 -4.33
N GLU A 31 -3.89 5.05 -5.37
CA GLU A 31 -3.60 3.85 -6.16
C GLU A 31 -2.09 3.68 -6.33
N THR A 32 -1.36 4.79 -6.27
CA THR A 32 0.10 4.76 -6.42
C THR A 32 0.78 4.77 -5.05
N CYS A 33 0.47 5.79 -4.26
CA CYS A 33 1.06 5.92 -2.93
C CYS A 33 1.09 4.58 -2.21
N PHE A 34 0.22 3.67 -2.64
CA PHE A 34 0.14 2.34 -2.03
C PHE A 34 1.21 1.42 -2.60
N ILE A 35 2.26 2.01 -3.16
CA ILE A 35 3.35 1.24 -3.75
C ILE A 35 3.89 0.22 -2.75
N CYS A 36 4.85 -0.59 -3.20
CA CYS A 36 5.46 -1.60 -2.35
C CYS A 36 6.51 -0.99 -1.43
N HIS A 37 6.91 -1.75 -0.41
CA HIS A 37 7.91 -1.28 0.54
C HIS A 37 9.28 -1.88 0.23
N ARG A 38 9.30 -2.82 -0.72
CA ARG A 38 10.55 -3.47 -1.11
C ARG A 38 10.96 -3.05 -2.51
N CYS A 39 10.05 -3.23 -3.47
CA CYS A 39 10.32 -2.88 -4.86
C CYS A 39 9.84 -1.45 -5.16
N GLN A 40 9.10 -0.88 -4.23
CA GLN A 40 8.57 0.48 -4.39
C GLN A 40 7.76 0.59 -5.68
N GLN A 41 6.92 -0.41 -5.94
CA GLN A 41 6.09 -0.41 -7.14
C GLN A 41 4.61 -0.38 -6.77
N PRO A 42 3.81 0.29 -7.62
CA PRO A 42 2.36 0.41 -7.40
C PRO A 42 1.63 -0.91 -7.60
N ILE A 43 1.56 -1.70 -6.53
CA ILE A 43 0.89 -3.00 -6.59
C ILE A 43 -0.51 -2.86 -7.17
N GLY A 44 -1.32 -2.00 -6.56
CA GLY A 44 -2.68 -1.79 -7.04
C GLY A 44 -3.62 -2.90 -6.61
N THR A 45 -4.16 -3.63 -7.58
CA THR A 45 -5.08 -4.71 -7.29
C THR A 45 -4.55 -6.04 -7.81
N LYS A 46 -3.73 -6.70 -6.99
CA LYS A 46 -3.15 -7.99 -7.36
C LYS A 46 -2.68 -8.75 -6.13
N SER A 47 -2.25 -9.99 -6.34
CA SER A 47 -1.77 -10.83 -5.25
C SER A 47 -0.67 -10.12 -4.47
N PHE A 48 -1.04 -9.56 -3.32
CA PHE A 48 -0.09 -8.85 -2.47
C PHE A 48 -0.41 -9.07 -0.99
N ILE A 49 0.64 -9.14 -0.17
CA ILE A 49 0.47 -9.36 1.26
C ILE A 49 0.59 -8.04 2.02
N PRO A 50 -0.55 -7.51 2.47
CA PRO A 50 -0.60 -6.25 3.23
C PRO A 50 0.00 -6.39 4.62
N LYS A 51 1.06 -5.64 4.87
CA LYS A 51 1.74 -5.67 6.17
C LYS A 51 1.04 -4.74 7.16
N ASP A 52 1.17 -5.06 8.45
CA ASP A 52 0.56 -4.25 9.50
C ASP A 52 0.53 -2.77 9.10
N ASN A 53 1.71 -2.16 9.01
CA ASN A 53 1.82 -0.76 8.65
C ASN A 53 2.63 -0.59 7.37
N GLN A 54 2.60 -1.61 6.52
CA GLN A 54 3.33 -1.58 5.26
C GLN A 54 2.67 -2.48 4.22
N ASN A 55 3.28 -2.56 3.04
CA ASN A 55 2.75 -3.39 1.96
C ASN A 55 3.87 -4.08 1.20
N PHE A 56 3.74 -5.38 1.01
CA PHE A 56 4.74 -6.17 0.30
C PHE A 56 4.08 -7.18 -0.63
N CYS A 57 4.59 -7.26 -1.86
CA CYS A 57 4.05 -8.19 -2.85
C CYS A 57 4.27 -9.63 -2.41
N VAL A 58 3.86 -10.57 -3.27
CA VAL A 58 4.02 -11.99 -2.96
C VAL A 58 5.49 -12.39 -2.91
N PRO A 59 6.24 -12.03 -3.97
CA PRO A 59 7.67 -12.34 -4.06
C PRO A 59 8.50 -11.53 -3.08
N CYS A 60 8.01 -10.35 -2.71
CA CYS A 60 8.70 -9.47 -1.78
C CYS A 60 8.46 -9.92 -0.34
N TYR A 61 7.19 -10.05 0.03
CA TYR A 61 6.83 -10.47 1.38
C TYR A 61 7.52 -11.77 1.74
N GLU A 62 7.41 -12.77 0.87
CA GLU A 62 8.02 -14.06 1.11
C GLU A 62 9.46 -13.91 1.59
N LYS A 63 10.21 -13.02 0.93
CA LYS A 63 11.60 -12.77 1.28
C LYS A 63 11.72 -12.32 2.74
N GLN A 64 10.77 -11.51 3.18
CA GLN A 64 10.78 -11.00 4.55
C GLN A 64 10.57 -12.15 5.55
N HIS A 65 9.66 -13.06 5.21
CA HIS A 65 9.37 -14.19 6.07
C HIS A 65 9.85 -15.50 5.44
N ALA A 66 11.05 -15.46 4.86
CA ALA A 66 11.63 -16.63 4.22
C ALA A 66 13.02 -16.93 4.77
N SER A 67 13.45 -18.18 4.66
CA SER A 67 14.75 -18.60 5.16
C SER A 67 15.77 -17.48 4.99
N GLY A 68 16.03 -16.75 6.07
CA GLY A 68 16.99 -15.66 6.02
C GLY A 68 17.14 -14.96 7.35
N PRO A 69 17.95 -15.55 8.25
CA PRO A 69 18.19 -14.99 9.58
C PRO A 69 19.01 -13.70 9.52
N SER A 70 19.53 -13.38 8.35
CA SER A 70 20.33 -12.17 8.17
C SER A 70 19.45 -10.98 7.82
N SER A 71 19.47 -9.96 8.67
CA SER A 71 18.67 -8.76 8.46
C SER A 71 19.21 -7.59 9.26
N GLY A 72 19.56 -6.51 8.57
CA GLY A 72 20.10 -5.34 9.24
C GLY A 72 21.10 -4.59 8.38
N GLY A 1 -25.98 18.13 4.34
CA GLY A 1 -25.25 17.97 5.59
C GLY A 1 -23.77 17.74 5.36
N SER A 2 -23.10 17.18 6.36
CA SER A 2 -21.67 16.91 6.27
C SER A 2 -21.40 15.73 5.33
N SER A 3 -20.70 16.00 4.23
CA SER A 3 -20.38 14.98 3.25
C SER A 3 -19.10 14.24 3.65
N GLY A 4 -19.12 12.92 3.52
CA GLY A 4 -17.96 12.12 3.86
C GLY A 4 -16.69 12.66 3.25
N SER A 5 -15.55 12.29 3.83
CA SER A 5 -14.25 12.74 3.33
C SER A 5 -13.23 11.61 3.36
N SER A 6 -12.45 11.50 2.29
CA SER A 6 -11.43 10.45 2.20
C SER A 6 -10.07 11.06 1.90
N GLY A 7 -9.15 10.97 2.86
CA GLY A 7 -7.83 11.51 2.68
C GLY A 7 -6.75 10.44 2.69
N CYS A 8 -5.62 10.73 2.07
CA CYS A 8 -4.51 9.78 2.01
C CYS A 8 -3.75 9.75 3.33
N GLN A 9 -2.96 8.69 3.53
CA GLN A 9 -2.18 8.53 4.75
C GLN A 9 -0.69 8.71 4.47
N GLU A 10 -0.25 8.25 3.29
CA GLU A 10 1.15 8.37 2.90
C GLU A 10 1.58 9.82 2.86
N CYS A 11 1.01 10.59 1.94
CA CYS A 11 1.34 12.00 1.79
C CYS A 11 0.32 12.87 2.53
N LYS A 12 -0.59 12.23 3.25
CA LYS A 12 -1.61 12.95 4.00
C LYS A 12 -2.26 14.03 3.13
N LYS A 13 -2.64 13.66 1.91
CA LYS A 13 -3.28 14.59 1.00
C LYS A 13 -4.69 14.13 0.64
N THR A 14 -5.58 15.09 0.42
CA THR A 14 -6.96 14.78 0.07
C THR A 14 -7.04 13.99 -1.22
N ILE A 15 -7.49 12.74 -1.13
CA ILE A 15 -7.62 11.89 -2.30
C ILE A 15 -8.81 12.29 -3.16
N MET A 16 -8.55 13.10 -4.18
CA MET A 16 -9.60 13.56 -5.08
C MET A 16 -10.50 12.40 -5.50
N PRO A 17 -11.76 12.71 -5.84
CA PRO A 17 -12.74 11.71 -6.26
C PRO A 17 -12.41 11.14 -7.64
N GLY A 18 -13.09 10.05 -8.00
CA GLY A 18 -12.86 9.42 -9.29
C GLY A 18 -11.65 8.51 -9.27
N THR A 19 -10.51 9.03 -8.84
CA THR A 19 -9.28 8.25 -8.79
C THR A 19 -9.47 7.01 -7.92
N ARG A 20 -8.67 5.98 -8.20
CA ARG A 20 -8.74 4.73 -7.45
C ARG A 20 -7.81 4.78 -6.23
N LYS A 21 -8.39 4.54 -5.05
CA LYS A 21 -7.61 4.55 -3.82
C LYS A 21 -7.67 3.19 -3.13
N MET A 22 -6.83 3.01 -2.11
CA MET A 22 -6.78 1.76 -1.37
C MET A 22 -7.25 1.95 0.06
N GLU A 23 -8.44 1.43 0.37
CA GLU A 23 -9.00 1.55 1.71
C GLU A 23 -8.57 0.39 2.60
N TYR A 24 -7.78 0.69 3.62
CA TYR A 24 -7.29 -0.33 4.53
C TYR A 24 -7.39 0.14 5.99
N LYS A 25 -8.13 -0.61 6.80
CA LYS A 25 -8.31 -0.27 8.21
C LYS A 25 -8.95 1.10 8.36
N GLY A 26 -9.78 1.48 7.39
CA GLY A 26 -10.45 2.76 7.43
C GLY A 26 -9.69 3.84 6.68
N SER A 27 -8.37 3.79 6.77
CA SER A 27 -7.52 4.77 6.09
C SER A 27 -7.43 4.47 4.60
N SER A 28 -7.02 5.47 3.82
CA SER A 28 -6.90 5.32 2.38
C SER A 28 -5.48 5.65 1.92
N TRP A 29 -5.11 5.16 0.74
CA TRP A 29 -3.78 5.39 0.19
C TRP A 29 -3.85 5.57 -1.32
N HIS A 30 -3.26 6.66 -1.81
CA HIS A 30 -3.25 6.95 -3.24
C HIS A 30 -2.78 5.74 -4.04
N GLU A 31 -3.28 5.60 -5.26
CA GLU A 31 -2.91 4.48 -6.12
C GLU A 31 -1.40 4.44 -6.32
N THR A 32 -0.74 5.57 -6.07
CA THR A 32 0.71 5.66 -6.22
C THR A 32 1.41 5.64 -4.87
N CYS A 33 0.64 5.85 -3.81
CA CYS A 33 1.19 5.85 -2.45
C CYS A 33 1.14 4.46 -1.85
N PHE A 34 0.23 3.63 -2.34
CA PHE A 34 0.09 2.26 -1.85
C PHE A 34 1.14 1.34 -2.48
N ILE A 35 2.18 1.94 -3.03
CA ILE A 35 3.25 1.17 -3.67
C ILE A 35 3.89 0.20 -2.68
N CYS A 36 4.73 -0.69 -3.20
CA CYS A 36 5.39 -1.69 -2.37
C CYS A 36 6.50 -1.04 -1.55
N HIS A 37 7.01 -1.78 -0.57
CA HIS A 37 8.08 -1.27 0.30
C HIS A 37 9.44 -1.84 -0.12
N ARG A 38 9.40 -2.92 -0.89
CA ARG A 38 10.63 -3.56 -1.37
C ARG A 38 10.94 -3.15 -2.80
N CYS A 39 10.00 -3.40 -3.70
CA CYS A 39 10.17 -3.05 -5.10
C CYS A 39 9.70 -1.62 -5.37
N GLN A 40 8.99 -1.05 -4.42
CA GLN A 40 8.47 0.31 -4.56
C GLN A 40 7.62 0.45 -5.81
N GLN A 41 6.75 -0.52 -6.03
CA GLN A 41 5.87 -0.51 -7.19
C GLN A 41 4.40 -0.50 -6.77
N PRO A 42 3.57 0.21 -7.55
CA PRO A 42 2.13 0.32 -7.27
C PRO A 42 1.40 -1.00 -7.51
N ILE A 43 1.44 -1.88 -6.51
CA ILE A 43 0.79 -3.17 -6.60
C ILE A 43 -0.56 -3.05 -7.31
N GLY A 44 -1.51 -2.38 -6.68
CA GLY A 44 -2.82 -2.20 -7.27
C GLY A 44 -3.82 -3.21 -6.76
N THR A 45 -3.87 -4.37 -7.42
CA THR A 45 -4.80 -5.43 -7.03
C THR A 45 -4.08 -6.77 -6.93
N LYS A 46 -3.18 -7.03 -7.87
CA LYS A 46 -2.43 -8.27 -7.89
C LYS A 46 -2.17 -8.78 -6.48
N SER A 47 -2.15 -10.10 -6.32
CA SER A 47 -1.91 -10.70 -5.01
C SER A 47 -0.78 -9.99 -4.28
N PHE A 48 -1.10 -9.46 -3.10
CA PHE A 48 -0.11 -8.75 -2.30
C PHE A 48 -0.38 -8.93 -0.81
N ILE A 49 0.68 -9.09 -0.03
CA ILE A 49 0.55 -9.27 1.41
C ILE A 49 0.74 -7.96 2.15
N PRO A 50 -0.37 -7.37 2.62
CA PRO A 50 -0.35 -6.09 3.35
C PRO A 50 0.27 -6.23 4.73
N LYS A 51 1.36 -5.51 4.96
CA LYS A 51 2.06 -5.55 6.25
C LYS A 51 1.42 -4.58 7.24
N ASP A 52 1.58 -4.88 8.53
CA ASP A 52 1.02 -4.03 9.58
C ASP A 52 1.02 -2.57 9.15
N ASN A 53 2.21 -1.99 9.01
CA ASN A 53 2.34 -0.60 8.60
C ASN A 53 3.12 -0.48 7.29
N GLN A 54 3.04 -1.53 6.47
CA GLN A 54 3.73 -1.54 5.18
C GLN A 54 3.03 -2.46 4.19
N ASN A 55 3.55 -2.53 2.98
CA ASN A 55 2.97 -3.37 1.94
C ASN A 55 4.05 -4.12 1.17
N PHE A 56 3.88 -5.43 1.06
CA PHE A 56 4.85 -6.27 0.35
C PHE A 56 4.14 -7.30 -0.52
N CYS A 57 4.53 -7.36 -1.79
CA CYS A 57 3.93 -8.30 -2.73
C CYS A 57 4.19 -9.74 -2.31
N VAL A 58 3.75 -10.69 -3.12
CA VAL A 58 3.93 -12.10 -2.83
C VAL A 58 5.41 -12.48 -2.85
N PRO A 59 6.10 -12.12 -3.93
CA PRO A 59 7.53 -12.40 -4.11
C PRO A 59 8.40 -11.58 -3.16
N CYS A 60 7.87 -10.45 -2.71
CA CYS A 60 8.59 -9.58 -1.80
C CYS A 60 8.38 -9.98 -0.35
N TYR A 61 7.12 -9.97 0.08
CA TYR A 61 6.77 -10.33 1.44
C TYR A 61 7.41 -11.67 1.82
N GLU A 62 7.13 -12.70 1.03
CA GLU A 62 7.67 -14.03 1.28
C GLU A 62 9.15 -13.96 1.64
N LYS A 63 9.90 -13.15 0.88
CA LYS A 63 11.32 -12.98 1.12
C LYS A 63 11.60 -12.42 2.51
N GLN A 64 10.89 -11.36 2.85
CA GLN A 64 11.05 -10.73 4.17
C GLN A 64 10.89 -11.76 5.28
N HIS A 65 9.76 -12.46 5.27
CA HIS A 65 9.49 -13.47 6.29
C HIS A 65 10.56 -14.56 6.27
N ALA A 66 10.91 -15.03 5.08
CA ALA A 66 11.91 -16.07 4.93
C ALA A 66 13.14 -15.54 4.19
N SER A 67 14.04 -14.89 4.93
CA SER A 67 15.25 -14.33 4.34
C SER A 67 15.82 -15.26 3.27
N GLY A 68 15.96 -14.74 2.06
CA GLY A 68 16.49 -15.53 0.96
C GLY A 68 17.72 -16.32 1.37
N PRO A 69 18.81 -15.61 1.67
CA PRO A 69 20.08 -16.23 2.07
C PRO A 69 19.99 -16.87 3.46
N SER A 70 20.56 -18.07 3.59
CA SER A 70 20.55 -18.79 4.85
C SER A 70 21.75 -18.40 5.71
N SER A 71 22.92 -18.37 5.10
CA SER A 71 24.15 -18.01 5.82
C SER A 71 24.27 -16.49 5.95
N GLY A 72 25.32 -16.06 6.64
CA GLY A 72 25.53 -14.64 6.85
C GLY A 72 24.78 -14.10 8.04
N GLY A 1 -14.89 27.25 1.89
CA GLY A 1 -14.03 26.29 2.55
C GLY A 1 -13.65 25.14 1.65
N SER A 2 -13.69 23.92 2.19
CA SER A 2 -13.34 22.73 1.43
C SER A 2 -13.64 21.47 2.23
N SER A 3 -14.24 20.49 1.57
CA SER A 3 -14.58 19.23 2.22
C SER A 3 -13.66 18.10 1.74
N GLY A 4 -13.43 17.14 2.63
CA GLY A 4 -12.56 16.02 2.29
C GLY A 4 -12.75 14.84 3.21
N SER A 5 -13.54 13.86 2.77
CA SER A 5 -13.80 12.67 3.57
C SER A 5 -12.78 11.58 3.29
N SER A 6 -12.57 11.29 2.02
CA SER A 6 -11.61 10.26 1.61
C SER A 6 -10.25 10.88 1.33
N GLY A 7 -9.47 11.13 2.37
CA GLY A 7 -8.16 11.72 2.21
C GLY A 7 -7.06 10.68 2.27
N CYS A 8 -5.93 10.99 1.63
CA CYS A 8 -4.79 10.07 1.61
C CYS A 8 -4.01 10.15 2.92
N GLN A 9 -3.19 9.13 3.17
CA GLN A 9 -2.39 9.07 4.39
C GLN A 9 -0.91 9.28 4.08
N GLU A 10 -0.48 8.78 2.93
CA GLU A 10 0.91 8.90 2.52
C GLU A 10 1.30 10.37 2.38
N CYS A 11 0.70 11.06 1.41
CA CYS A 11 0.98 12.46 1.17
C CYS A 11 -0.01 13.35 1.91
N LYS A 12 -1.00 12.73 2.53
CA LYS A 12 -2.03 13.47 3.27
C LYS A 12 -2.80 14.40 2.35
N LYS A 13 -2.96 13.98 1.09
CA LYS A 13 -3.69 14.78 0.11
C LYS A 13 -5.08 14.20 -0.14
N THR A 14 -6.05 15.08 -0.37
CA THR A 14 -7.41 14.67 -0.62
C THR A 14 -7.51 13.83 -1.88
N ILE A 15 -7.96 12.59 -1.73
CA ILE A 15 -8.11 11.68 -2.86
C ILE A 15 -9.43 11.90 -3.58
N MET A 16 -9.36 12.15 -4.89
CA MET A 16 -10.56 12.37 -5.68
C MET A 16 -11.31 11.06 -5.93
N PRO A 17 -12.62 11.17 -6.13
CA PRO A 17 -13.48 10.00 -6.37
C PRO A 17 -13.22 9.36 -7.74
N GLY A 18 -12.67 10.16 -8.66
CA GLY A 18 -12.38 9.66 -9.99
C GLY A 18 -11.31 8.58 -9.99
N THR A 19 -10.22 8.85 -9.26
CA THR A 19 -9.12 7.89 -9.19
C THR A 19 -9.43 6.77 -8.20
N ARG A 20 -8.77 5.64 -8.38
CA ARG A 20 -8.98 4.48 -7.51
C ARG A 20 -8.04 4.54 -6.30
N LYS A 21 -8.62 4.50 -5.10
CA LYS A 21 -7.84 4.55 -3.87
C LYS A 21 -7.88 3.21 -3.15
N MET A 22 -7.02 3.05 -2.15
CA MET A 22 -6.96 1.82 -1.37
C MET A 22 -7.40 2.06 0.06
N GLU A 23 -8.57 1.55 0.41
CA GLU A 23 -9.10 1.70 1.77
C GLU A 23 -8.57 0.62 2.70
N TYR A 24 -7.77 1.02 3.68
CA TYR A 24 -7.20 0.07 4.63
C TYR A 24 -7.25 0.64 6.06
N LYS A 25 -8.01 -0.05 6.92
CA LYS A 25 -8.14 0.38 8.31
C LYS A 25 -8.79 1.75 8.40
N GLY A 26 -9.75 2.01 7.52
CA GLY A 26 -10.44 3.29 7.51
C GLY A 26 -9.73 4.32 6.67
N SER A 27 -8.41 4.34 6.75
CA SER A 27 -7.61 5.30 5.99
C SER A 27 -7.50 4.88 4.52
N SER A 28 -7.13 5.82 3.66
CA SER A 28 -7.00 5.55 2.24
C SER A 28 -5.61 5.91 1.75
N TRP A 29 -5.22 5.32 0.62
CA TRP A 29 -3.90 5.57 0.03
C TRP A 29 -3.98 5.64 -1.49
N HIS A 30 -3.46 6.70 -2.06
CA HIS A 30 -3.46 6.89 -3.50
C HIS A 30 -2.94 5.63 -4.21
N GLU A 31 -3.46 5.38 -5.41
CA GLU A 31 -3.05 4.21 -6.18
C GLU A 31 -1.54 4.22 -6.41
N THR A 32 -0.92 5.37 -6.21
CA THR A 32 0.52 5.52 -6.40
C THR A 32 1.24 5.64 -5.06
N CYS A 33 0.46 5.85 -4.00
CA CYS A 33 1.02 5.99 -2.65
C CYS A 33 1.05 4.64 -1.93
N PHE A 34 0.18 3.73 -2.36
CA PHE A 34 0.10 2.41 -1.75
C PHE A 34 1.18 1.49 -2.33
N ILE A 35 2.18 2.08 -2.97
CA ILE A 35 3.26 1.32 -3.58
C ILE A 35 3.87 0.35 -2.57
N CYS A 36 4.75 -0.52 -3.04
CA CYS A 36 5.41 -1.50 -2.19
C CYS A 36 6.48 -0.84 -1.32
N HIS A 37 6.96 -1.57 -0.33
CA HIS A 37 7.98 -1.05 0.58
C HIS A 37 9.35 -1.62 0.23
N ARG A 38 9.36 -2.66 -0.61
CA ARG A 38 10.60 -3.31 -1.03
C ARG A 38 10.96 -2.92 -2.45
N CYS A 39 10.03 -3.14 -3.38
CA CYS A 39 10.24 -2.83 -4.79
C CYS A 39 9.72 -1.43 -5.11
N GLN A 40 9.06 -0.81 -4.13
CA GLN A 40 8.51 0.53 -4.32
C GLN A 40 7.67 0.60 -5.59
N GLN A 41 6.85 -0.42 -5.81
CA GLN A 41 6.00 -0.47 -6.99
C GLN A 41 4.52 -0.40 -6.60
N PRO A 42 3.71 0.25 -7.45
CA PRO A 42 2.27 0.39 -7.21
C PRO A 42 1.53 -0.92 -7.35
N ILE A 43 1.57 -1.74 -6.31
CA ILE A 43 0.89 -3.03 -6.32
C ILE A 43 -0.49 -2.92 -6.97
N GLY A 44 -1.32 -2.04 -6.42
CA GLY A 44 -2.65 -1.85 -6.95
C GLY A 44 -3.58 -3.00 -6.61
N THR A 45 -4.00 -3.75 -7.62
CA THR A 45 -4.89 -4.89 -7.43
C THR A 45 -4.24 -6.18 -7.89
N LYS A 46 -3.48 -6.81 -7.01
CA LYS A 46 -2.80 -8.06 -7.34
C LYS A 46 -2.33 -8.77 -6.07
N SER A 47 -2.15 -10.08 -6.16
CA SER A 47 -1.70 -10.88 -5.02
C SER A 47 -0.61 -10.15 -4.24
N PHE A 48 -0.97 -9.61 -3.09
CA PHE A 48 -0.02 -8.88 -2.25
C PHE A 48 -0.31 -9.12 -0.77
N ILE A 49 0.76 -9.24 0.02
CA ILE A 49 0.62 -9.47 1.45
C ILE A 49 0.75 -8.17 2.23
N PRO A 50 -0.39 -7.67 2.74
CA PRO A 50 -0.43 -6.42 3.51
C PRO A 50 0.23 -6.57 4.88
N LYS A 51 1.26 -5.78 5.13
CA LYS A 51 1.97 -5.82 6.40
C LYS A 51 1.31 -4.91 7.42
N ASP A 52 1.48 -5.23 8.69
CA ASP A 52 0.90 -4.45 9.77
C ASP A 52 0.83 -2.97 9.39
N ASN A 53 1.99 -2.34 9.26
CA ASN A 53 2.06 -0.93 8.89
C ASN A 53 2.84 -0.74 7.60
N GLN A 54 2.81 -1.75 6.74
CA GLN A 54 3.52 -1.69 5.47
C GLN A 54 2.85 -2.59 4.44
N ASN A 55 3.37 -2.56 3.21
CA ASN A 55 2.82 -3.37 2.13
C ASN A 55 3.93 -4.05 1.35
N PHE A 56 3.82 -5.37 1.17
CA PHE A 56 4.81 -6.14 0.43
C PHE A 56 4.15 -7.15 -0.49
N CYS A 57 4.62 -7.22 -1.73
CA CYS A 57 4.08 -8.14 -2.71
C CYS A 57 4.34 -9.59 -2.30
N VAL A 58 3.92 -10.53 -3.14
CA VAL A 58 4.11 -11.95 -2.87
C VAL A 58 5.60 -12.31 -2.89
N PRO A 59 6.30 -11.90 -3.96
CA PRO A 59 7.73 -12.17 -4.12
C PRO A 59 8.58 -11.37 -3.13
N CYS A 60 7.99 -10.35 -2.53
CA CYS A 60 8.69 -9.51 -1.57
C CYS A 60 8.47 -10.01 -0.14
N TYR A 61 7.21 -10.17 0.23
CA TYR A 61 6.87 -10.65 1.57
C TYR A 61 7.47 -12.03 1.83
N GLU A 62 7.24 -12.95 0.90
CA GLU A 62 7.76 -14.30 1.02
C GLU A 62 9.26 -14.29 1.30
N LYS A 63 9.97 -13.35 0.66
CA LYS A 63 11.41 -13.23 0.84
C LYS A 63 11.75 -12.78 2.25
N GLN A 64 11.30 -11.58 2.62
CA GLN A 64 11.56 -11.03 3.94
C GLN A 64 11.04 -11.98 5.02
N HIS A 65 10.05 -12.79 4.67
CA HIS A 65 9.47 -13.74 5.62
C HIS A 65 10.40 -14.93 5.84
N ALA A 66 10.88 -15.51 4.74
CA ALA A 66 11.78 -16.64 4.81
C ALA A 66 13.06 -16.29 5.54
N SER A 67 13.62 -15.12 5.21
CA SER A 67 14.86 -14.67 5.83
C SER A 67 14.69 -13.27 6.42
N GLY A 68 14.80 -13.17 7.74
CA GLY A 68 14.66 -11.89 8.40
C GLY A 68 15.80 -10.94 8.08
N PRO A 69 16.97 -11.19 8.70
CA PRO A 69 18.15 -10.35 8.49
C PRO A 69 18.74 -10.52 7.08
N SER A 70 19.75 -9.72 6.78
CA SER A 70 20.40 -9.77 5.47
C SER A 70 21.85 -10.21 5.60
N SER A 71 22.06 -11.51 5.70
CA SER A 71 23.41 -12.06 5.84
C SER A 71 24.16 -11.98 4.51
N GLY A 72 25.30 -11.29 4.54
CA GLY A 72 26.11 -11.14 3.35
C GLY A 72 27.52 -11.66 3.52
N GLY A 1 -23.93 15.71 0.06
CA GLY A 1 -23.05 15.59 1.21
C GLY A 1 -23.30 14.33 2.00
N SER A 2 -23.50 13.22 1.29
CA SER A 2 -23.75 11.94 1.93
C SER A 2 -22.49 11.09 1.97
N SER A 3 -21.37 11.72 2.28
CA SER A 3 -20.09 11.02 2.35
C SER A 3 -19.11 11.76 3.25
N GLY A 4 -18.31 11.00 3.99
CA GLY A 4 -17.33 11.60 4.89
C GLY A 4 -15.98 11.79 4.23
N SER A 5 -15.14 12.62 4.84
CA SER A 5 -13.81 12.90 4.31
C SER A 5 -12.85 11.77 4.65
N SER A 6 -12.23 11.19 3.62
CA SER A 6 -11.28 10.10 3.82
C SER A 6 -9.86 10.64 3.98
N GLY A 7 -9.27 11.10 2.88
CA GLY A 7 -7.93 11.63 2.93
C GLY A 7 -6.87 10.54 2.86
N CYS A 8 -5.76 10.84 2.19
CA CYS A 8 -4.67 9.88 2.05
C CYS A 8 -3.82 9.83 3.31
N GLN A 9 -3.04 8.76 3.45
CA GLN A 9 -2.17 8.59 4.62
C GLN A 9 -0.71 8.81 4.25
N GLU A 10 -0.36 8.45 3.02
CA GLU A 10 1.01 8.60 2.55
C GLU A 10 1.40 10.08 2.48
N CYS A 11 0.83 10.79 1.53
CA CYS A 11 1.12 12.21 1.36
C CYS A 11 0.15 13.07 2.17
N LYS A 12 -0.73 12.40 2.91
CA LYS A 12 -1.71 13.10 3.74
C LYS A 12 -2.51 14.10 2.90
N LYS A 13 -2.78 13.75 1.65
CA LYS A 13 -3.53 14.62 0.75
C LYS A 13 -4.94 14.08 0.53
N THR A 14 -5.90 14.99 0.38
CA THR A 14 -7.29 14.60 0.16
C THR A 14 -7.45 13.82 -1.15
N ILE A 15 -7.75 12.53 -1.03
CA ILE A 15 -7.93 11.68 -2.20
C ILE A 15 -9.22 12.01 -2.93
N MET A 16 -9.11 12.74 -4.03
CA MET A 16 -10.28 13.13 -4.82
C MET A 16 -11.07 11.89 -5.25
N PRO A 17 -12.38 12.08 -5.49
CA PRO A 17 -13.27 11.00 -5.90
C PRO A 17 -12.98 10.52 -7.32
N GLY A 18 -13.60 9.40 -7.71
CA GLY A 18 -13.39 8.86 -9.04
C GLY A 18 -12.15 7.98 -9.11
N THR A 19 -11.00 8.55 -8.74
CA THR A 19 -9.75 7.81 -8.78
C THR A 19 -9.82 6.56 -7.92
N ARG A 20 -9.04 5.55 -8.29
CA ARG A 20 -9.02 4.28 -7.55
C ARG A 20 -8.04 4.36 -6.39
N LYS A 21 -8.57 4.36 -5.16
CA LYS A 21 -7.75 4.43 -3.97
C LYS A 21 -7.70 3.08 -3.26
N MET A 22 -6.79 2.94 -2.30
CA MET A 22 -6.65 1.71 -1.55
C MET A 22 -7.11 1.89 -0.11
N GLU A 23 -8.19 1.19 0.26
CA GLU A 23 -8.72 1.27 1.61
C GLU A 23 -8.15 0.18 2.50
N TYR A 24 -7.43 0.58 3.54
CA TYR A 24 -6.82 -0.36 4.46
C TYR A 24 -6.98 0.11 5.91
N LYS A 25 -7.69 -0.69 6.71
CA LYS A 25 -7.92 -0.36 8.11
C LYS A 25 -8.57 1.01 8.24
N GLY A 26 -9.59 1.26 7.43
CA GLY A 26 -10.28 2.53 7.48
C GLY A 26 -9.54 3.62 6.73
N SER A 27 -8.22 3.57 6.77
CA SER A 27 -7.40 4.57 6.09
C SER A 27 -7.36 4.31 4.59
N SER A 28 -6.95 5.33 3.83
CA SER A 28 -6.88 5.21 2.38
C SER A 28 -5.49 5.56 1.88
N TRP A 29 -5.16 5.09 0.68
CA TRP A 29 -3.86 5.36 0.09
C TRP A 29 -3.98 5.52 -1.43
N HIS A 30 -3.51 6.67 -1.93
CA HIS A 30 -3.57 6.95 -3.36
C HIS A 30 -3.09 5.75 -4.17
N GLU A 31 -3.48 5.70 -5.44
CA GLU A 31 -3.09 4.61 -6.32
C GLU A 31 -1.58 4.59 -6.54
N THR A 32 -0.94 5.73 -6.27
CA THR A 32 0.50 5.85 -6.43
C THR A 32 1.21 5.93 -5.08
N CYS A 33 0.43 5.95 -4.01
CA CYS A 33 0.97 6.01 -2.66
C CYS A 33 0.99 4.63 -2.00
N PHE A 34 0.13 3.74 -2.50
CA PHE A 34 0.05 2.39 -1.97
C PHE A 34 1.11 1.49 -2.59
N ILE A 35 2.21 2.10 -3.05
CA ILE A 35 3.29 1.36 -3.66
C ILE A 35 3.92 0.38 -2.68
N CYS A 36 4.74 -0.53 -3.18
CA CYS A 36 5.40 -1.53 -2.35
C CYS A 36 6.48 -0.87 -1.50
N HIS A 37 6.98 -1.63 -0.51
CA HIS A 37 8.01 -1.12 0.38
C HIS A 37 9.38 -1.69 0.00
N ARG A 38 9.37 -2.72 -0.85
CA ARG A 38 10.60 -3.35 -1.29
C ARG A 38 10.95 -2.92 -2.72
N CYS A 39 10.01 -3.15 -3.64
CA CYS A 39 10.22 -2.79 -5.03
C CYS A 39 9.71 -1.37 -5.31
N GLN A 40 8.99 -0.81 -4.35
CA GLN A 40 8.44 0.53 -4.49
C GLN A 40 7.59 0.64 -5.75
N GLN A 41 6.74 -0.36 -5.98
CA GLN A 41 5.87 -0.38 -7.14
C GLN A 41 4.40 -0.28 -6.72
N PRO A 42 3.61 0.42 -7.54
CA PRO A 42 2.17 0.60 -7.28
C PRO A 42 1.38 -0.69 -7.46
N ILE A 43 1.42 -1.53 -6.44
CA ILE A 43 0.70 -2.81 -6.48
C ILE A 43 -0.71 -2.62 -7.03
N GLY A 44 -1.52 -1.83 -6.32
CA GLY A 44 -2.87 -1.59 -6.76
C GLY A 44 -3.84 -2.67 -6.30
N THR A 45 -4.33 -3.46 -7.25
CA THR A 45 -5.26 -4.54 -6.94
C THR A 45 -4.75 -5.87 -7.46
N LYS A 46 -3.89 -6.53 -6.68
CA LYS A 46 -3.34 -7.82 -7.06
C LYS A 46 -2.76 -8.55 -5.85
N SER A 47 -2.51 -9.84 -6.00
CA SER A 47 -1.98 -10.65 -4.92
C SER A 47 -0.86 -9.90 -4.18
N PHE A 48 -1.18 -9.41 -2.99
CA PHE A 48 -0.21 -8.67 -2.19
C PHE A 48 -0.46 -8.88 -0.70
N ILE A 49 0.62 -8.95 0.07
CA ILE A 49 0.52 -9.16 1.51
C ILE A 49 0.73 -7.86 2.28
N PRO A 50 -0.37 -7.28 2.77
CA PRO A 50 -0.34 -6.02 3.53
C PRO A 50 0.32 -6.19 4.89
N LYS A 51 1.42 -5.48 5.11
CA LYS A 51 2.14 -5.55 6.37
C LYS A 51 1.54 -4.58 7.39
N ASP A 52 1.68 -4.92 8.67
CA ASP A 52 1.15 -4.07 9.74
C ASP A 52 1.18 -2.60 9.33
N ASN A 53 2.39 -2.04 9.21
CA ASN A 53 2.54 -0.65 8.84
C ASN A 53 3.33 -0.52 7.53
N GLN A 54 3.21 -1.54 6.68
CA GLN A 54 3.90 -1.54 5.40
C GLN A 54 3.15 -2.39 4.37
N ASN A 55 3.70 -2.46 3.17
CA ASN A 55 3.09 -3.24 2.09
C ASN A 55 4.13 -3.98 1.28
N PHE A 56 3.94 -5.29 1.12
CA PHE A 56 4.87 -6.11 0.36
C PHE A 56 4.13 -7.09 -0.54
N CYS A 57 4.53 -7.14 -1.80
CA CYS A 57 3.90 -8.03 -2.77
C CYS A 57 4.09 -9.49 -2.37
N VAL A 58 3.64 -10.39 -3.23
CA VAL A 58 3.76 -11.83 -2.97
C VAL A 58 5.22 -12.26 -2.96
N PRO A 59 5.95 -11.90 -4.03
CA PRO A 59 7.37 -12.25 -4.16
C PRO A 59 8.25 -11.49 -3.19
N CYS A 60 7.79 -10.30 -2.79
CA CYS A 60 8.53 -9.47 -1.85
C CYS A 60 8.30 -9.92 -0.41
N TYR A 61 7.04 -10.06 -0.04
CA TYR A 61 6.68 -10.48 1.31
C TYR A 61 7.36 -11.79 1.67
N GLU A 62 7.20 -12.79 0.80
CA GLU A 62 7.80 -14.10 1.03
C GLU A 62 9.24 -13.95 1.53
N LYS A 63 10.00 -13.09 0.87
CA LYS A 63 11.39 -12.87 1.25
C LYS A 63 11.50 -12.52 2.74
N GLN A 64 10.71 -11.55 3.17
CA GLN A 64 10.72 -11.11 4.56
C GLN A 64 10.20 -12.21 5.48
N HIS A 65 8.96 -12.65 5.22
CA HIS A 65 8.35 -13.69 6.03
C HIS A 65 9.33 -14.85 6.26
N ALA A 66 9.93 -15.33 5.19
CA ALA A 66 10.88 -16.42 5.26
C ALA A 66 12.22 -16.05 4.64
N SER A 67 13.25 -15.94 5.46
CA SER A 67 14.58 -15.58 4.98
C SER A 67 15.33 -16.80 4.50
N GLY A 68 15.42 -17.82 5.35
CA GLY A 68 16.12 -19.03 4.98
C GLY A 68 17.11 -19.48 6.04
N PRO A 69 18.02 -20.39 5.67
CA PRO A 69 19.04 -20.92 6.57
C PRO A 69 20.09 -19.87 6.92
N SER A 70 19.93 -18.66 6.39
CA SER A 70 20.87 -17.58 6.64
C SER A 70 21.20 -17.48 8.13
N SER A 71 22.23 -16.71 8.44
CA SER A 71 22.66 -16.53 9.84
C SER A 71 22.48 -15.09 10.28
N GLY A 72 21.33 -14.51 9.94
CA GLY A 72 21.06 -13.13 10.31
C GLY A 72 20.24 -12.40 9.27
N GLY A 1 -12.76 18.39 8.78
CA GLY A 1 -12.62 17.14 8.05
C GLY A 1 -13.59 16.08 8.55
N SER A 2 -14.35 15.50 7.63
CA SER A 2 -15.33 14.48 7.98
C SER A 2 -15.10 13.21 7.16
N SER A 3 -15.29 12.06 7.79
CA SER A 3 -15.10 10.78 7.12
C SER A 3 -15.54 10.86 5.66
N GLY A 4 -16.67 11.50 5.42
CA GLY A 4 -17.19 11.63 4.07
C GLY A 4 -16.08 11.86 3.06
N SER A 5 -15.22 12.84 3.35
CA SER A 5 -14.11 13.17 2.45
C SER A 5 -12.94 12.21 2.66
N SER A 6 -12.77 11.29 1.71
CA SER A 6 -11.69 10.31 1.78
C SER A 6 -10.34 10.97 1.51
N GLY A 7 -9.48 10.97 2.52
CA GLY A 7 -8.16 11.57 2.38
C GLY A 7 -7.05 10.55 2.45
N CYS A 8 -6.01 10.74 1.64
CA CYS A 8 -4.87 9.83 1.62
C CYS A 8 -4.09 9.91 2.91
N GLN A 9 -3.25 8.90 3.16
CA GLN A 9 -2.44 8.86 4.37
C GLN A 9 -0.96 9.09 4.04
N GLU A 10 -0.57 8.69 2.84
CA GLU A 10 0.82 8.85 2.39
C GLU A 10 1.18 10.32 2.24
N CYS A 11 0.49 11.00 1.31
CA CYS A 11 0.74 12.41 1.06
C CYS A 11 -0.35 13.27 1.71
N LYS A 12 -1.15 12.66 2.55
CA LYS A 12 -2.23 13.37 3.24
C LYS A 12 -2.92 14.34 2.30
N LYS A 13 -3.24 13.87 1.10
CA LYS A 13 -3.92 14.70 0.10
C LYS A 13 -5.35 14.20 -0.14
N THR A 14 -6.19 15.08 -0.69
CA THR A 14 -7.57 14.74 -0.96
C THR A 14 -7.68 13.84 -2.19
N ILE A 15 -7.99 12.57 -1.96
CA ILE A 15 -8.13 11.60 -3.04
C ILE A 15 -9.43 11.82 -3.80
N MET A 16 -9.33 12.39 -4.99
CA MET A 16 -10.50 12.65 -5.83
C MET A 16 -11.30 11.38 -6.04
N PRO A 17 -12.63 11.52 -6.16
CA PRO A 17 -13.54 10.39 -6.37
C PRO A 17 -13.38 9.78 -7.76
N GLY A 18 -12.54 10.40 -8.59
CA GLY A 18 -12.32 9.89 -9.93
C GLY A 18 -11.28 8.78 -9.96
N THR A 19 -10.22 8.94 -9.18
CA THR A 19 -9.15 7.95 -9.13
C THR A 19 -9.48 6.84 -8.14
N ARG A 20 -8.87 5.68 -8.35
CA ARG A 20 -9.10 4.53 -7.47
C ARG A 20 -8.11 4.53 -6.31
N LYS A 21 -8.64 4.59 -5.09
CA LYS A 21 -7.82 4.59 -3.90
C LYS A 21 -7.87 3.25 -3.19
N MET A 22 -6.98 3.04 -2.22
CA MET A 22 -6.94 1.80 -1.47
C MET A 22 -7.34 2.03 -0.02
N GLU A 23 -8.56 1.61 0.33
CA GLU A 23 -9.07 1.76 1.68
C GLU A 23 -8.68 0.57 2.55
N TYR A 24 -7.85 0.82 3.55
CA TYR A 24 -7.41 -0.24 4.46
C TYR A 24 -7.39 0.25 5.89
N LYS A 25 -8.09 -0.45 6.77
CA LYS A 25 -8.16 -0.10 8.18
C LYS A 25 -8.72 1.31 8.36
N GLY A 26 -9.64 1.69 7.47
CA GLY A 26 -10.24 3.00 7.55
C GLY A 26 -9.48 4.05 6.74
N SER A 27 -8.15 3.95 6.77
CA SER A 27 -7.31 4.89 6.04
C SER A 27 -7.29 4.57 4.55
N SER A 28 -6.87 5.55 3.75
CA SER A 28 -6.82 5.37 2.30
C SER A 28 -5.43 5.70 1.77
N TRP A 29 -5.09 5.13 0.62
CA TRP A 29 -3.79 5.36 0.00
C TRP A 29 -3.92 5.45 -1.51
N HIS A 30 -3.47 6.57 -2.08
CA HIS A 30 -3.54 6.79 -3.51
C HIS A 30 -3.05 5.56 -4.26
N GLU A 31 -3.51 5.40 -5.51
CA GLU A 31 -3.11 4.26 -6.33
C GLU A 31 -1.60 4.27 -6.58
N THR A 32 -0.97 5.40 -6.31
CA THR A 32 0.47 5.53 -6.50
C THR A 32 1.20 5.66 -5.16
N CYS A 33 0.43 5.79 -4.09
CA CYS A 33 1.00 5.93 -2.75
C CYS A 33 1.07 4.58 -2.05
N PHE A 34 0.20 3.66 -2.48
CA PHE A 34 0.16 2.32 -1.89
C PHE A 34 1.24 1.43 -2.47
N ILE A 35 2.23 2.05 -3.11
CA ILE A 35 3.33 1.31 -3.72
C ILE A 35 3.92 0.30 -2.74
N CYS A 36 4.79 -0.57 -3.25
CA CYS A 36 5.43 -1.59 -2.43
C CYS A 36 6.50 -0.97 -1.54
N HIS A 37 6.99 -1.76 -0.58
CA HIS A 37 8.04 -1.29 0.33
C HIS A 37 9.40 -1.86 -0.07
N ARG A 38 9.37 -2.89 -0.91
CA ARG A 38 10.61 -3.53 -1.37
C ARG A 38 10.96 -3.10 -2.79
N CYS A 39 10.01 -3.28 -3.70
CA CYS A 39 10.22 -2.91 -5.10
C CYS A 39 9.71 -1.50 -5.37
N GLN A 40 9.03 -0.93 -4.37
CA GLN A 40 8.49 0.42 -4.51
C GLN A 40 7.62 0.54 -5.76
N GLN A 41 6.79 -0.46 -6.00
CA GLN A 41 5.91 -0.48 -7.16
C GLN A 41 4.45 -0.36 -6.75
N PRO A 42 3.65 0.31 -7.59
CA PRO A 42 2.22 0.50 -7.33
C PRO A 42 1.43 -0.79 -7.45
N ILE A 43 1.47 -1.61 -6.40
CA ILE A 43 0.76 -2.88 -6.38
C ILE A 43 -0.66 -2.71 -6.91
N GLY A 44 -1.42 -1.81 -6.29
CA GLY A 44 -2.79 -1.57 -6.71
C GLY A 44 -3.74 -2.64 -6.22
N THR A 45 -4.34 -3.38 -7.14
CA THR A 45 -5.28 -4.44 -6.80
C THR A 45 -4.81 -5.78 -7.33
N LYS A 46 -3.97 -6.46 -6.55
CA LYS A 46 -3.46 -7.77 -6.95
C LYS A 46 -2.95 -8.54 -5.74
N SER A 47 -2.52 -9.77 -5.96
CA SER A 47 -2.00 -10.62 -4.89
C SER A 47 -0.86 -9.92 -4.15
N PHE A 48 -1.14 -9.44 -2.95
CA PHE A 48 -0.13 -8.76 -2.15
C PHE A 48 -0.37 -9.01 -0.66
N ILE A 49 0.72 -9.06 0.11
CA ILE A 49 0.63 -9.29 1.54
C ILE A 49 0.81 -7.99 2.33
N PRO A 50 -0.31 -7.46 2.84
CA PRO A 50 -0.32 -6.21 3.61
C PRO A 50 0.35 -6.38 4.98
N LYS A 51 1.44 -5.66 5.19
CA LYS A 51 2.17 -5.72 6.46
C LYS A 51 1.55 -4.78 7.49
N ASP A 52 1.74 -5.10 8.76
CA ASP A 52 1.21 -4.28 9.85
C ASP A 52 1.20 -2.80 9.46
N ASN A 53 2.39 -2.23 9.31
CA ASN A 53 2.51 -0.82 8.94
C ASN A 53 3.25 -0.67 7.62
N GLN A 54 3.16 -1.70 6.77
CA GLN A 54 3.82 -1.67 5.47
C GLN A 54 3.09 -2.55 4.47
N ASN A 55 3.60 -2.60 3.24
CA ASN A 55 2.99 -3.40 2.19
C ASN A 55 4.05 -4.09 1.35
N PHE A 56 3.89 -5.40 1.15
CA PHE A 56 4.84 -6.17 0.36
C PHE A 56 4.11 -7.15 -0.56
N CYS A 57 4.53 -7.20 -1.81
CA CYS A 57 3.92 -8.10 -2.79
C CYS A 57 4.13 -9.56 -2.40
N VAL A 58 3.67 -10.47 -3.25
CA VAL A 58 3.81 -11.89 -3.01
C VAL A 58 5.27 -12.32 -3.05
N PRO A 59 5.95 -11.95 -4.13
CA PRO A 59 7.37 -12.29 -4.33
C PRO A 59 8.28 -11.51 -3.37
N CYS A 60 7.78 -10.40 -2.86
CA CYS A 60 8.55 -9.57 -1.94
C CYS A 60 8.34 -10.04 -0.50
N TYR A 61 7.09 -10.06 -0.07
CA TYR A 61 6.76 -10.48 1.29
C TYR A 61 7.44 -11.80 1.64
N GLU A 62 7.57 -12.66 0.63
CA GLU A 62 8.20 -13.96 0.84
C GLU A 62 9.60 -13.80 1.40
N LYS A 63 10.37 -12.87 0.84
CA LYS A 63 11.73 -12.61 1.29
C LYS A 63 11.79 -12.48 2.81
N GLN A 64 10.89 -11.68 3.37
CA GLN A 64 10.84 -11.48 4.81
C GLN A 64 10.20 -12.66 5.50
N HIS A 65 9.00 -13.02 5.07
CA HIS A 65 8.28 -14.15 5.66
C HIS A 65 9.16 -15.39 5.70
N ALA A 66 9.52 -15.89 4.52
CA ALA A 66 10.36 -17.09 4.43
C ALA A 66 11.81 -16.75 4.72
N SER A 67 12.35 -17.31 5.80
CA SER A 67 13.73 -17.06 6.19
C SER A 67 14.50 -18.37 6.34
N GLY A 68 15.78 -18.27 6.64
CA GLY A 68 16.61 -19.46 6.81
C GLY A 68 18.05 -19.21 6.44
N PRO A 69 18.90 -20.24 6.61
CA PRO A 69 20.32 -20.15 6.30
C PRO A 69 20.59 -20.08 4.80
N SER A 70 19.51 -19.96 4.03
CA SER A 70 19.63 -19.89 2.57
C SER A 70 20.18 -18.53 2.14
N SER A 71 21.42 -18.26 2.52
CA SER A 71 22.07 -16.99 2.18
C SER A 71 23.25 -17.22 1.24
N GLY A 72 24.15 -18.12 1.65
CA GLY A 72 25.32 -18.41 0.84
C GLY A 72 26.06 -19.65 1.31
N GLY A 1 -26.94 15.42 4.20
CA GLY A 1 -26.04 16.43 3.65
C GLY A 1 -24.84 15.82 2.96
N SER A 2 -23.97 16.69 2.43
CA SER A 2 -22.77 16.23 1.73
C SER A 2 -21.59 16.17 2.69
N SER A 3 -21.16 14.95 3.01
CA SER A 3 -20.04 14.74 3.92
C SER A 3 -19.20 13.54 3.48
N GLY A 4 -18.08 13.34 4.17
CA GLY A 4 -17.20 12.23 3.84
C GLY A 4 -15.82 12.69 3.41
N SER A 5 -14.86 12.58 4.33
CA SER A 5 -13.49 12.99 4.04
C SER A 5 -12.52 11.84 4.29
N SER A 6 -12.05 11.22 3.20
CA SER A 6 -11.11 10.11 3.31
C SER A 6 -9.69 10.61 3.50
N GLY A 7 -9.20 11.40 2.55
CA GLY A 7 -7.86 11.94 2.64
C GLY A 7 -6.80 10.84 2.65
N CYS A 8 -5.71 11.08 1.93
CA CYS A 8 -4.62 10.11 1.86
C CYS A 8 -3.81 10.11 3.15
N GLN A 9 -3.03 9.06 3.35
CA GLN A 9 -2.20 8.94 4.55
C GLN A 9 -0.72 9.14 4.22
N GLU A 10 -0.33 8.69 3.03
CA GLU A 10 1.06 8.83 2.58
C GLU A 10 1.45 10.30 2.46
N CYS A 11 0.84 10.99 1.50
CA CYS A 11 1.12 12.39 1.28
C CYS A 11 0.10 13.28 1.99
N LYS A 12 -0.70 12.67 2.85
CA LYS A 12 -1.72 13.39 3.60
C LYS A 12 -2.44 14.40 2.71
N LYS A 13 -2.77 13.98 1.49
CA LYS A 13 -3.46 14.84 0.54
C LYS A 13 -4.86 14.29 0.23
N THR A 14 -5.80 15.20 0.00
CA THR A 14 -7.17 14.81 -0.31
C THR A 14 -7.22 14.00 -1.60
N ILE A 15 -7.71 12.77 -1.49
CA ILE A 15 -7.81 11.88 -2.64
C ILE A 15 -9.08 12.18 -3.45
N MET A 16 -8.92 12.98 -4.50
CA MET A 16 -10.04 13.35 -5.36
C MET A 16 -10.86 12.12 -5.74
N PRO A 17 -12.17 12.33 -5.97
CA PRO A 17 -13.09 11.24 -6.34
C PRO A 17 -12.81 10.72 -7.75
N GLY A 18 -12.10 11.50 -8.54
CA GLY A 18 -11.79 11.11 -9.90
C GLY A 18 -10.57 10.20 -9.98
N THR A 19 -10.47 9.27 -9.03
CA THR A 19 -9.35 8.34 -8.99
C THR A 19 -9.63 7.17 -8.06
N ARG A 20 -8.94 6.06 -8.27
CA ARG A 20 -9.12 4.87 -7.46
C ARG A 20 -8.10 4.83 -6.32
N LYS A 21 -8.60 4.82 -5.09
CA LYS A 21 -7.73 4.79 -3.91
C LYS A 21 -7.82 3.43 -3.22
N MET A 22 -6.93 3.21 -2.25
CA MET A 22 -6.91 1.96 -1.51
C MET A 22 -7.30 2.19 -0.04
N GLU A 23 -8.48 1.70 0.33
CA GLU A 23 -8.97 1.86 1.70
C GLU A 23 -8.49 0.71 2.58
N TYR A 24 -7.70 1.03 3.59
CA TYR A 24 -7.18 0.03 4.50
C TYR A 24 -7.25 0.51 5.95
N LYS A 25 -8.10 -0.13 6.73
CA LYS A 25 -8.26 0.23 8.14
C LYS A 25 -8.81 1.65 8.27
N GLY A 26 -9.81 1.98 7.46
CA GLY A 26 -10.39 3.31 7.50
C GLY A 26 -9.58 4.32 6.71
N SER A 27 -8.27 4.22 6.80
CA SER A 27 -7.38 5.15 6.09
C SER A 27 -7.34 4.81 4.59
N SER A 28 -6.96 5.80 3.79
CA SER A 28 -6.87 5.62 2.35
C SER A 28 -5.46 5.93 1.85
N TRP A 29 -5.10 5.34 0.71
CA TRP A 29 -3.79 5.54 0.12
C TRP A 29 -3.87 5.64 -1.40
N HIS A 30 -3.40 6.75 -1.94
CA HIS A 30 -3.42 6.97 -3.39
C HIS A 30 -2.94 5.73 -4.13
N GLU A 31 -3.32 5.62 -5.41
CA GLU A 31 -2.92 4.48 -6.22
C GLU A 31 -1.41 4.43 -6.39
N THR A 32 -0.76 5.58 -6.23
CA THR A 32 0.69 5.67 -6.36
C THR A 32 1.37 5.78 -5.00
N CYS A 33 0.55 5.82 -3.95
CA CYS A 33 1.08 5.93 -2.59
C CYS A 33 1.08 4.57 -1.89
N PHE A 34 0.18 3.69 -2.34
CA PHE A 34 0.08 2.36 -1.76
C PHE A 34 1.11 1.41 -2.37
N ILE A 35 2.14 2.00 -2.98
CA ILE A 35 3.20 1.22 -3.60
C ILE A 35 3.84 0.27 -2.60
N CYS A 36 4.56 -0.73 -3.11
CA CYS A 36 5.21 -1.71 -2.25
C CYS A 36 6.27 -1.05 -1.38
N HIS A 37 6.68 -1.76 -0.32
CA HIS A 37 7.69 -1.23 0.60
C HIS A 37 9.07 -1.73 0.23
N ARG A 38 9.13 -2.71 -0.68
CA ARG A 38 10.40 -3.28 -1.11
C ARG A 38 10.73 -2.84 -2.53
N CYS A 39 9.90 -3.23 -3.48
CA CYS A 39 10.11 -2.88 -4.88
C CYS A 39 9.59 -1.47 -5.16
N GLN A 40 8.74 -0.96 -4.28
CA GLN A 40 8.18 0.37 -4.44
C GLN A 40 7.32 0.46 -5.70
N GLN A 41 6.52 -0.58 -5.92
CA GLN A 41 5.64 -0.62 -7.10
C GLN A 41 4.17 -0.60 -6.67
N PRO A 42 3.33 0.05 -7.48
CA PRO A 42 1.89 0.16 -7.22
C PRO A 42 1.17 -1.17 -7.38
N ILE A 43 1.27 -2.03 -6.37
CA ILE A 43 0.62 -3.33 -6.40
C ILE A 43 -0.74 -3.25 -7.08
N GLY A 44 -1.68 -2.57 -6.44
CA GLY A 44 -3.01 -2.42 -6.99
C GLY A 44 -3.99 -3.41 -6.40
N THR A 45 -4.62 -4.20 -7.26
CA THR A 45 -5.60 -5.19 -6.82
C THR A 45 -5.15 -6.61 -7.19
N LYS A 46 -3.85 -6.88 -7.01
CA LYS A 46 -3.30 -8.18 -7.32
C LYS A 46 -2.86 -8.90 -6.06
N SER A 47 -2.47 -10.17 -6.19
CA SER A 47 -2.03 -10.96 -5.06
C SER A 47 -0.90 -10.26 -4.30
N PHE A 48 -1.20 -9.81 -3.09
CA PHE A 48 -0.22 -9.12 -2.27
C PHE A 48 -0.46 -9.39 -0.79
N ILE A 49 0.62 -9.39 -0.01
CA ILE A 49 0.53 -9.64 1.43
C ILE A 49 0.68 -8.34 2.22
N PRO A 50 -0.44 -7.83 2.74
CA PRO A 50 -0.45 -6.60 3.53
C PRO A 50 0.21 -6.77 4.89
N LYS A 51 1.26 -6.01 5.13
CA LYS A 51 1.98 -6.08 6.40
C LYS A 51 1.33 -5.19 7.45
N ASP A 52 1.52 -5.53 8.72
CA ASP A 52 0.95 -4.76 9.81
C ASP A 52 0.88 -3.28 9.46
N ASN A 53 2.05 -2.66 9.33
CA ASN A 53 2.12 -1.24 9.00
C ASN A 53 2.87 -1.03 7.69
N GLN A 54 2.83 -2.03 6.82
CA GLN A 54 3.50 -1.95 5.53
C GLN A 54 2.80 -2.83 4.50
N ASN A 55 3.36 -2.86 3.29
CA ASN A 55 2.79 -3.67 2.21
C ASN A 55 3.90 -4.32 1.38
N PHE A 56 3.78 -5.63 1.17
CA PHE A 56 4.77 -6.36 0.39
C PHE A 56 4.09 -7.37 -0.52
N CYS A 57 4.53 -7.41 -1.78
CA CYS A 57 3.96 -8.33 -2.76
C CYS A 57 4.23 -9.78 -2.37
N VAL A 58 3.85 -10.70 -3.24
CA VAL A 58 4.05 -12.13 -2.98
C VAL A 58 5.53 -12.48 -2.95
N PRO A 59 6.25 -12.07 -4.01
CA PRO A 59 7.69 -12.33 -4.14
C PRO A 59 8.52 -11.53 -3.13
N CYS A 60 7.94 -10.43 -2.66
CA CYS A 60 8.62 -9.58 -1.69
C CYS A 60 8.38 -10.05 -0.26
N TYR A 61 7.10 -10.22 0.09
CA TYR A 61 6.73 -10.68 1.42
C TYR A 61 7.46 -11.96 1.78
N GLU A 62 7.40 -12.94 0.89
CA GLU A 62 8.06 -14.22 1.11
C GLU A 62 9.51 -14.02 1.56
N LYS A 63 10.18 -13.07 0.92
CA LYS A 63 11.57 -12.77 1.25
C LYS A 63 11.67 -11.96 2.54
N GLN A 64 11.10 -10.76 2.52
CA GLN A 64 11.12 -9.89 3.68
C GLN A 64 10.71 -10.65 4.93
N HIS A 65 9.52 -11.22 4.92
CA HIS A 65 9.01 -11.97 6.06
C HIS A 65 9.94 -13.13 6.40
N ALA A 66 10.19 -13.98 5.42
CA ALA A 66 11.07 -15.13 5.62
C ALA A 66 12.50 -14.80 5.23
N SER A 67 13.33 -14.54 6.24
CA SER A 67 14.74 -14.20 6.01
C SER A 67 15.46 -15.36 5.35
N GLY A 68 15.98 -15.12 4.14
CA GLY A 68 16.71 -16.16 3.42
C GLY A 68 18.18 -16.18 3.77
N PRO A 69 18.64 -17.32 4.29
CA PRO A 69 20.05 -17.50 4.67
C PRO A 69 20.98 -17.55 3.47
N SER A 70 21.67 -16.44 3.21
CA SER A 70 22.58 -16.36 2.08
C SER A 70 23.72 -17.36 2.23
N SER A 71 24.16 -17.93 1.12
CA SER A 71 25.24 -18.91 1.11
C SER A 71 26.53 -18.30 0.58
N GLY A 72 27.38 -17.83 1.50
CA GLY A 72 28.65 -17.24 1.10
C GLY A 72 28.57 -15.72 1.05
N GLY A 1 -25.00 16.94 3.92
CA GLY A 1 -25.04 17.15 2.49
C GLY A 1 -23.92 16.42 1.77
N SER A 2 -22.69 16.68 2.17
CA SER A 2 -21.53 16.05 1.54
C SER A 2 -20.85 15.08 2.52
N SER A 3 -21.66 14.33 3.25
CA SER A 3 -21.14 13.36 4.21
C SER A 3 -20.36 12.25 3.51
N GLY A 4 -19.07 12.47 3.30
CA GLY A 4 -18.24 11.49 2.65
C GLY A 4 -16.98 12.09 2.04
N SER A 5 -15.96 12.29 2.87
CA SER A 5 -14.71 12.87 2.40
C SER A 5 -13.54 11.91 2.66
N SER A 6 -12.81 11.59 1.60
CA SER A 6 -11.67 10.69 1.71
C SER A 6 -10.37 11.47 1.89
N GLY A 7 -9.30 10.75 2.23
CA GLY A 7 -8.02 11.40 2.44
C GLY A 7 -6.88 10.40 2.48
N CYS A 8 -5.81 10.69 1.73
CA CYS A 8 -4.65 9.82 1.67
C CYS A 8 -3.86 9.88 2.99
N GLN A 9 -3.02 8.88 3.20
CA GLN A 9 -2.20 8.83 4.41
C GLN A 9 -0.73 9.07 4.10
N GLU A 10 -0.28 8.57 2.95
CA GLU A 10 1.10 8.74 2.53
C GLU A 10 1.45 10.21 2.39
N CYS A 11 0.84 10.87 1.42
CA CYS A 11 1.09 12.29 1.18
C CYS A 11 0.12 13.16 1.97
N LYS A 12 -0.91 12.53 2.53
CA LYS A 12 -1.91 13.24 3.33
C LYS A 12 -2.66 14.26 2.48
N LYS A 13 -3.02 13.85 1.26
CA LYS A 13 -3.74 14.73 0.34
C LYS A 13 -5.13 14.17 0.04
N THR A 14 -6.12 15.05 0.00
CA THR A 14 -7.50 14.65 -0.29
C THR A 14 -7.56 13.78 -1.53
N ILE A 15 -8.01 12.53 -1.36
CA ILE A 15 -8.12 11.60 -2.47
C ILE A 15 -9.44 11.81 -3.23
N MET A 16 -9.32 12.23 -4.49
CA MET A 16 -10.50 12.46 -5.32
C MET A 16 -11.22 11.15 -5.61
N PRO A 17 -12.54 11.23 -5.84
CA PRO A 17 -13.37 10.07 -6.14
C PRO A 17 -13.08 9.48 -7.51
N GLY A 18 -12.34 10.23 -8.33
CA GLY A 18 -12.01 9.77 -9.66
C GLY A 18 -10.82 8.82 -9.66
N THR A 19 -9.72 9.25 -9.06
CA THR A 19 -8.52 8.43 -8.99
C THR A 19 -8.73 7.20 -8.12
N ARG A 20 -8.02 6.13 -8.42
CA ARG A 20 -8.12 4.88 -7.66
C ARG A 20 -7.35 4.98 -6.35
N LYS A 21 -7.96 4.48 -5.28
CA LYS A 21 -7.33 4.50 -3.96
C LYS A 21 -7.43 3.14 -3.29
N MET A 22 -6.65 2.95 -2.24
CA MET A 22 -6.64 1.68 -1.50
C MET A 22 -7.10 1.89 -0.06
N GLU A 23 -8.28 1.36 0.25
CA GLU A 23 -8.83 1.49 1.60
C GLU A 23 -8.39 0.33 2.48
N TYR A 24 -7.61 0.63 3.51
CA TYR A 24 -7.12 -0.40 4.42
C TYR A 24 -7.12 0.12 5.86
N LYS A 25 -7.81 -0.60 6.74
CA LYS A 25 -7.89 -0.22 8.15
C LYS A 25 -8.53 1.15 8.30
N GLY A 26 -9.58 1.41 7.51
CA GLY A 26 -10.26 2.68 7.59
C GLY A 26 -9.58 3.75 6.76
N SER A 27 -8.25 3.81 6.85
CA SER A 27 -7.48 4.80 6.11
C SER A 27 -7.37 4.42 4.64
N SER A 28 -7.04 5.40 3.80
CA SER A 28 -6.91 5.17 2.37
C SER A 28 -5.52 5.55 1.88
N TRP A 29 -5.15 5.03 0.72
CA TRP A 29 -3.83 5.32 0.13
C TRP A 29 -3.92 5.42 -1.38
N HIS A 30 -3.43 6.52 -1.93
CA HIS A 30 -3.45 6.73 -3.37
C HIS A 30 -2.88 5.53 -4.11
N GLU A 31 -3.21 5.42 -5.40
CA GLU A 31 -2.73 4.30 -6.21
C GLU A 31 -1.20 4.30 -6.29
N THR A 32 -0.62 5.49 -6.28
CA THR A 32 0.83 5.63 -6.36
C THR A 32 1.46 5.65 -4.96
N CYS A 33 0.65 6.00 -3.97
CA CYS A 33 1.13 6.07 -2.60
C CYS A 33 1.12 4.68 -1.95
N PHE A 34 0.24 3.81 -2.44
CA PHE A 34 0.12 2.45 -1.92
C PHE A 34 1.17 1.54 -2.55
N ILE A 35 2.28 2.13 -2.98
CA ILE A 35 3.35 1.37 -3.61
C ILE A 35 3.99 0.40 -2.61
N CYS A 36 4.76 -0.55 -3.14
CA CYS A 36 5.42 -1.53 -2.29
C CYS A 36 6.51 -0.88 -1.44
N HIS A 37 6.96 -1.60 -0.42
CA HIS A 37 8.00 -1.09 0.47
C HIS A 37 9.36 -1.67 0.10
N ARG A 38 9.35 -2.71 -0.73
CA ARG A 38 10.58 -3.37 -1.14
C ARG A 38 10.95 -2.97 -2.56
N CYS A 39 10.06 -3.25 -3.51
CA CYS A 39 10.29 -2.91 -4.91
C CYS A 39 9.85 -1.48 -5.20
N GLN A 40 9.06 -0.91 -4.29
CA GLN A 40 8.57 0.46 -4.47
C GLN A 40 7.73 0.58 -5.73
N GLN A 41 6.86 -0.38 -5.96
CA GLN A 41 6.00 -0.38 -7.13
C GLN A 41 4.53 -0.30 -6.74
N PRO A 42 3.73 0.38 -7.58
CA PRO A 42 2.29 0.54 -7.33
C PRO A 42 1.52 -0.76 -7.49
N ILE A 43 1.55 -1.60 -6.45
CA ILE A 43 0.85 -2.88 -6.48
C ILE A 43 -0.50 -2.75 -7.19
N GLY A 44 -1.39 -1.96 -6.61
CA GLY A 44 -2.70 -1.77 -7.18
C GLY A 44 -3.75 -2.67 -6.56
N THR A 45 -4.26 -3.61 -7.33
CA THR A 45 -5.29 -4.54 -6.84
C THR A 45 -4.91 -5.98 -7.15
N LYS A 46 -3.63 -6.30 -7.00
CA LYS A 46 -3.15 -7.65 -7.26
C LYS A 46 -2.79 -8.37 -5.96
N SER A 47 -2.48 -9.65 -6.05
CA SER A 47 -2.12 -10.45 -4.89
C SER A 47 -0.94 -9.82 -4.15
N PHE A 48 -1.19 -9.33 -2.94
CA PHE A 48 -0.15 -8.70 -2.13
C PHE A 48 -0.40 -8.94 -0.65
N ILE A 49 0.68 -9.07 0.12
CA ILE A 49 0.58 -9.29 1.55
C ILE A 49 0.74 -7.99 2.32
N PRO A 50 -0.38 -7.48 2.86
CA PRO A 50 -0.38 -6.23 3.63
C PRO A 50 0.31 -6.38 4.99
N LYS A 51 1.39 -5.64 5.18
CA LYS A 51 2.13 -5.69 6.44
C LYS A 51 1.53 -4.75 7.47
N ASP A 52 1.69 -5.09 8.74
CA ASP A 52 1.17 -4.27 9.83
C ASP A 52 1.14 -2.79 9.42
N ASN A 53 2.31 -2.21 9.24
CA ASN A 53 2.42 -0.80 8.87
C ASN A 53 3.19 -0.65 7.55
N GLN A 54 3.11 -1.68 6.71
CA GLN A 54 3.80 -1.66 5.42
C GLN A 54 3.07 -2.53 4.41
N ASN A 55 3.56 -2.52 3.17
CA ASN A 55 2.95 -3.31 2.09
C ASN A 55 4.01 -4.02 1.28
N PHE A 56 3.87 -5.34 1.16
CA PHE A 56 4.83 -6.14 0.40
C PHE A 56 4.10 -7.13 -0.51
N CYS A 57 4.51 -7.18 -1.78
CA CYS A 57 3.90 -8.07 -2.76
C CYS A 57 4.12 -9.52 -2.36
N VAL A 58 3.64 -10.43 -3.20
CA VAL A 58 3.79 -11.87 -2.94
C VAL A 58 5.25 -12.29 -2.99
N PRO A 59 5.95 -11.89 -4.06
CA PRO A 59 7.37 -12.23 -4.25
C PRO A 59 8.27 -11.47 -3.26
N CYS A 60 7.76 -10.36 -2.74
CA CYS A 60 8.51 -9.55 -1.79
C CYS A 60 8.29 -10.03 -0.36
N TYR A 61 7.03 -10.03 0.07
CA TYR A 61 6.67 -10.46 1.41
C TYR A 61 7.31 -11.80 1.74
N GLU A 62 7.11 -12.78 0.85
CA GLU A 62 7.67 -14.11 1.06
C GLU A 62 9.13 -14.02 1.51
N LYS A 63 9.88 -13.14 0.88
CA LYS A 63 11.30 -12.96 1.20
C LYS A 63 11.45 -12.32 2.58
N GLN A 64 10.84 -11.14 2.75
CA GLN A 64 10.92 -10.42 4.01
C GLN A 64 10.57 -11.34 5.18
N HIS A 65 9.39 -11.94 5.12
CA HIS A 65 8.94 -12.85 6.17
C HIS A 65 9.57 -14.23 6.01
N ALA A 66 10.86 -14.25 5.70
CA ALA A 66 11.58 -15.51 5.52
C ALA A 66 13.01 -15.41 6.06
N SER A 67 13.54 -16.52 6.53
CA SER A 67 14.90 -16.55 7.06
C SER A 67 15.89 -15.99 6.05
N GLY A 68 17.02 -15.50 6.55
CA GLY A 68 18.05 -14.95 5.68
C GLY A 68 19.32 -14.60 6.43
N PRO A 69 20.26 -13.96 5.72
CA PRO A 69 21.55 -13.57 6.30
C PRO A 69 21.41 -12.45 7.33
N SER A 70 20.17 -12.02 7.57
CA SER A 70 19.90 -10.95 8.52
C SER A 70 19.20 -11.51 9.76
N SER A 71 19.26 -10.74 10.85
CA SER A 71 18.64 -11.16 12.11
C SER A 71 17.43 -10.28 12.43
N GLY A 72 17.65 -8.97 12.48
CA GLY A 72 16.57 -8.05 12.77
C GLY A 72 16.49 -6.91 11.78
N GLY A 1 -13.27 17.22 5.19
CA GLY A 1 -12.99 18.62 4.94
C GLY A 1 -14.23 19.39 4.52
N SER A 2 -14.12 20.13 3.41
CA SER A 2 -15.25 20.90 2.90
C SER A 2 -15.51 20.57 1.44
N SER A 3 -14.45 20.53 0.64
CA SER A 3 -14.57 20.22 -0.78
C SER A 3 -14.63 18.72 -1.01
N GLY A 4 -13.67 18.00 -0.44
CA GLY A 4 -13.63 16.56 -0.60
C GLY A 4 -14.00 15.83 0.68
N SER A 5 -14.16 14.52 0.58
CA SER A 5 -14.52 13.70 1.74
C SER A 5 -13.34 12.85 2.18
N SER A 6 -12.91 11.94 1.31
CA SER A 6 -11.80 11.05 1.61
C SER A 6 -10.47 11.70 1.22
N GLY A 7 -9.41 11.33 1.95
CA GLY A 7 -8.10 11.89 1.67
C GLY A 7 -7.00 10.84 1.73
N CYS A 8 -5.81 11.21 1.27
CA CYS A 8 -4.68 10.30 1.27
C CYS A 8 -3.86 10.45 2.53
N GLN A 9 -3.03 9.44 2.83
CA GLN A 9 -2.19 9.47 4.02
C GLN A 9 -0.72 9.64 3.64
N GLU A 10 -0.34 9.09 2.50
CA GLU A 10 1.04 9.19 2.03
C GLU A 10 1.45 10.65 1.84
N CYS A 11 0.88 11.29 0.82
CA CYS A 11 1.19 12.68 0.52
C CYS A 11 0.22 13.61 1.25
N LYS A 12 -0.83 13.04 1.82
CA LYS A 12 -1.83 13.82 2.55
C LYS A 12 -2.54 14.80 1.63
N LYS A 13 -2.95 14.31 0.45
CA LYS A 13 -3.65 15.13 -0.52
C LYS A 13 -5.03 14.57 -0.82
N THR A 14 -6.03 15.46 -0.87
CA THR A 14 -7.40 15.05 -1.15
C THR A 14 -7.46 14.10 -2.34
N ILE A 15 -7.93 12.88 -2.10
CA ILE A 15 -8.04 11.88 -3.14
C ILE A 15 -9.35 12.04 -3.93
N MET A 16 -9.24 12.54 -5.14
CA MET A 16 -10.42 12.73 -5.99
C MET A 16 -11.22 11.45 -6.12
N PRO A 17 -12.51 11.59 -6.42
CA PRO A 17 -13.42 10.44 -6.58
C PRO A 17 -13.11 9.64 -7.84
N GLY A 18 -12.98 10.32 -8.96
CA GLY A 18 -12.69 9.66 -10.22
C GLY A 18 -11.51 8.70 -10.10
N THR A 19 -10.42 9.18 -9.51
CA THR A 19 -9.23 8.37 -9.34
C THR A 19 -9.47 7.23 -8.36
N ARG A 20 -8.70 6.15 -8.52
CA ARG A 20 -8.83 4.98 -7.66
C ARG A 20 -7.85 5.06 -6.49
N LYS A 21 -8.29 4.60 -5.32
CA LYS A 21 -7.44 4.61 -4.13
C LYS A 21 -7.64 3.33 -3.32
N MET A 22 -6.60 2.95 -2.58
CA MET A 22 -6.66 1.76 -1.75
C MET A 22 -7.21 2.06 -0.36
N GLU A 23 -7.74 1.05 0.30
CA GLU A 23 -8.30 1.22 1.63
C GLU A 23 -7.76 0.15 2.59
N TYR A 24 -7.00 0.59 3.59
CA TYR A 24 -6.43 -0.32 4.57
C TYR A 24 -6.45 0.29 5.97
N LYS A 25 -6.60 -0.57 6.97
CA LYS A 25 -6.63 -0.11 8.36
C LYS A 25 -7.51 1.14 8.51
N GLY A 26 -8.60 1.18 7.73
CA GLY A 26 -9.49 2.31 7.80
C GLY A 26 -9.00 3.48 6.97
N SER A 27 -7.69 3.70 6.98
CA SER A 27 -7.09 4.80 6.24
C SER A 27 -7.04 4.48 4.74
N SER A 28 -7.10 5.52 3.92
CA SER A 28 -7.06 5.35 2.47
C SER A 28 -5.72 5.82 1.90
N TRP A 29 -5.37 5.31 0.74
CA TRP A 29 -4.11 5.67 0.09
C TRP A 29 -4.31 5.82 -1.42
N HIS A 30 -3.73 6.87 -2.00
CA HIS A 30 -3.84 7.12 -3.42
C HIS A 30 -3.52 5.86 -4.21
N GLU A 31 -3.65 5.94 -5.54
CA GLU A 31 -3.38 4.81 -6.41
C GLU A 31 -1.88 4.66 -6.66
N THR A 32 -1.15 5.77 -6.56
CA THR A 32 0.29 5.76 -6.78
C THR A 32 1.04 6.02 -5.47
N CYS A 33 0.34 5.87 -4.35
CA CYS A 33 0.94 6.09 -3.04
C CYS A 33 1.01 4.78 -2.26
N PHE A 34 0.14 3.84 -2.59
CA PHE A 34 0.10 2.55 -1.93
C PHE A 34 1.15 1.60 -2.51
N ILE A 35 2.14 2.18 -3.18
CA ILE A 35 3.20 1.38 -3.79
C ILE A 35 3.81 0.42 -2.78
N CYS A 36 4.59 -0.54 -3.28
CA CYS A 36 5.23 -1.53 -2.43
C CYS A 36 6.32 -0.88 -1.57
N HIS A 37 6.79 -1.62 -0.57
CA HIS A 37 7.83 -1.11 0.32
C HIS A 37 9.20 -1.67 -0.08
N ARG A 38 9.18 -2.74 -0.87
CA ARG A 38 10.42 -3.37 -1.32
C ARG A 38 10.76 -2.94 -2.75
N CYS A 39 9.87 -3.26 -3.69
CA CYS A 39 10.09 -2.90 -5.09
C CYS A 39 9.65 -1.47 -5.36
N GLN A 40 8.85 -0.92 -4.45
CA GLN A 40 8.36 0.45 -4.59
C GLN A 40 7.52 0.60 -5.85
N GLN A 41 6.63 -0.37 -6.08
CA GLN A 41 5.77 -0.34 -7.26
C GLN A 41 4.30 -0.31 -6.85
N PRO A 42 3.46 0.34 -7.66
CA PRO A 42 2.02 0.45 -7.41
C PRO A 42 1.30 -0.88 -7.58
N ILE A 43 1.35 -1.71 -6.54
CA ILE A 43 0.70 -3.02 -6.57
C ILE A 43 -0.69 -2.92 -7.19
N GLY A 44 -1.53 -2.05 -6.61
CA GLY A 44 -2.88 -1.87 -7.12
C GLY A 44 -3.82 -2.98 -6.66
N THR A 45 -4.26 -3.82 -7.59
CA THR A 45 -5.16 -4.91 -7.28
C THR A 45 -4.59 -6.25 -7.75
N LYS A 46 -3.75 -6.85 -6.92
CA LYS A 46 -3.14 -8.13 -7.25
C LYS A 46 -2.64 -8.83 -5.99
N SER A 47 -2.30 -10.11 -6.13
CA SER A 47 -1.80 -10.90 -5.00
C SER A 47 -0.72 -10.14 -4.25
N PHE A 48 -1.08 -9.65 -3.06
CA PHE A 48 -0.13 -8.90 -2.24
C PHE A 48 -0.40 -9.13 -0.75
N ILE A 49 0.66 -9.21 0.04
CA ILE A 49 0.52 -9.43 1.48
C ILE A 49 0.66 -8.11 2.24
N PRO A 50 -0.48 -7.59 2.73
CA PRO A 50 -0.51 -6.34 3.49
C PRO A 50 0.13 -6.48 4.87
N LYS A 51 1.20 -5.72 5.09
CA LYS A 51 1.91 -5.76 6.37
C LYS A 51 1.25 -4.83 7.37
N ASP A 52 1.44 -5.14 8.66
CA ASP A 52 0.86 -4.33 9.73
C ASP A 52 0.81 -2.85 9.33
N ASN A 53 1.98 -2.24 9.19
CA ASN A 53 2.07 -0.83 8.82
C ASN A 53 2.83 -0.67 7.51
N GLN A 54 2.78 -1.69 6.67
CA GLN A 54 3.46 -1.66 5.38
C GLN A 54 2.76 -2.56 4.37
N ASN A 55 3.23 -2.53 3.12
CA ASN A 55 2.65 -3.35 2.07
C ASN A 55 3.73 -4.02 1.24
N PHE A 56 3.66 -5.34 1.14
CA PHE A 56 4.65 -6.11 0.37
C PHE A 56 3.96 -7.13 -0.53
N CYS A 57 4.39 -7.20 -1.78
CA CYS A 57 3.82 -8.13 -2.74
C CYS A 57 4.09 -9.57 -2.32
N VAL A 58 3.66 -10.52 -3.15
CA VAL A 58 3.85 -11.93 -2.87
C VAL A 58 5.33 -12.31 -2.90
N PRO A 59 6.00 -11.95 -4.00
CA PRO A 59 7.44 -12.25 -4.17
C PRO A 59 8.31 -11.41 -3.25
N CYS A 60 7.74 -10.34 -2.70
CA CYS A 60 8.48 -9.46 -1.79
C CYS A 60 8.29 -9.90 -0.34
N TYR A 61 7.03 -10.08 0.06
CA TYR A 61 6.72 -10.50 1.42
C TYR A 61 7.40 -11.81 1.76
N GLU A 62 7.38 -12.75 0.82
CA GLU A 62 7.99 -14.05 1.02
C GLU A 62 9.44 -13.90 1.49
N LYS A 63 10.16 -12.97 0.89
CA LYS A 63 11.54 -12.72 1.24
C LYS A 63 11.67 -12.32 2.70
N GLN A 64 10.85 -11.37 3.13
CA GLN A 64 10.87 -10.91 4.52
C GLN A 64 10.72 -12.07 5.48
N HIS A 65 9.80 -12.98 5.17
CA HIS A 65 9.56 -14.14 6.02
C HIS A 65 10.73 -15.13 5.94
N ALA A 66 11.10 -15.51 4.72
CA ALA A 66 12.20 -16.44 4.52
C ALA A 66 13.55 -15.73 4.68
N SER A 67 14.33 -16.18 5.66
CA SER A 67 15.64 -15.59 5.92
C SER A 67 16.74 -16.63 5.75
N GLY A 68 17.79 -16.25 5.01
CA GLY A 68 18.90 -17.15 4.78
C GLY A 68 19.97 -16.54 3.91
N PRO A 69 19.81 -16.65 2.58
CA PRO A 69 20.77 -16.10 1.62
C PRO A 69 20.76 -14.59 1.59
N SER A 70 19.94 -13.98 2.44
CA SER A 70 19.84 -12.53 2.52
C SER A 70 21.21 -11.90 2.77
N SER A 71 21.96 -11.69 1.70
CA SER A 71 23.30 -11.10 1.80
C SER A 71 23.42 -9.88 0.88
N GLY A 72 23.04 -8.72 1.40
CA GLY A 72 23.12 -7.50 0.62
C GLY A 72 21.77 -6.84 0.43
N GLY A 1 -7.03 22.64 10.38
CA GLY A 1 -6.21 21.64 9.72
C GLY A 1 -6.74 21.26 8.36
N SER A 2 -6.59 19.98 8.01
CA SER A 2 -7.05 19.49 6.72
C SER A 2 -8.12 18.42 6.90
N SER A 3 -9.38 18.79 6.67
CA SER A 3 -10.49 17.86 6.82
C SER A 3 -11.09 17.52 5.45
N GLY A 4 -11.41 16.25 5.26
CA GLY A 4 -11.99 15.81 4.00
C GLY A 4 -12.58 14.42 4.09
N SER A 5 -13.52 14.12 3.20
CA SER A 5 -14.17 12.81 3.18
C SER A 5 -13.13 11.69 3.08
N SER A 6 -12.43 11.64 1.95
CA SER A 6 -11.42 10.62 1.74
C SER A 6 -10.05 11.25 1.49
N GLY A 7 -9.15 11.07 2.46
CA GLY A 7 -7.82 11.63 2.33
C GLY A 7 -6.74 10.57 2.33
N CYS A 8 -5.64 10.85 1.65
CA CYS A 8 -4.51 9.91 1.57
C CYS A 8 -3.68 9.94 2.84
N GLN A 9 -2.88 8.90 3.04
CA GLN A 9 -2.03 8.81 4.23
C GLN A 9 -0.57 9.08 3.86
N GLU A 10 -0.16 8.58 2.71
CA GLU A 10 1.22 8.76 2.24
C GLU A 10 1.55 10.24 2.08
N CYS A 11 0.97 10.86 1.05
CA CYS A 11 1.19 12.27 0.78
C CYS A 11 0.31 13.14 1.67
N LYS A 12 -0.67 12.52 2.30
CA LYS A 12 -1.59 13.24 3.19
C LYS A 12 -2.34 14.32 2.42
N LYS A 13 -2.86 13.96 1.25
CA LYS A 13 -3.61 14.89 0.43
C LYS A 13 -5.07 14.47 0.31
N THR A 14 -5.84 15.20 -0.49
CA THR A 14 -7.25 14.91 -0.69
C THR A 14 -7.46 13.98 -1.88
N ILE A 15 -7.87 12.74 -1.59
CA ILE A 15 -8.11 11.76 -2.64
C ILE A 15 -9.47 11.97 -3.29
N MET A 16 -9.47 12.54 -4.50
CA MET A 16 -10.71 12.79 -5.22
C MET A 16 -11.52 11.52 -5.37
N PRO A 17 -12.86 11.67 -5.34
CA PRO A 17 -13.78 10.53 -5.46
C PRO A 17 -13.77 9.92 -6.87
N GLY A 18 -12.97 10.50 -7.74
CA GLY A 18 -12.87 10.00 -9.11
C GLY A 18 -11.83 8.93 -9.27
N THR A 19 -10.66 9.15 -8.68
CA THR A 19 -9.56 8.20 -8.76
C THR A 19 -9.74 7.06 -7.75
N ARG A 20 -9.14 5.91 -8.04
CA ARG A 20 -9.25 4.75 -7.16
C ARG A 20 -8.18 4.81 -6.07
N LYS A 21 -8.53 4.32 -4.88
CA LYS A 21 -7.60 4.33 -3.75
C LYS A 21 -7.65 2.98 -3.03
N MET A 22 -6.67 2.75 -2.15
CA MET A 22 -6.60 1.52 -1.39
C MET A 22 -7.03 1.74 0.06
N GLU A 23 -8.21 1.22 0.40
CA GLU A 23 -8.74 1.38 1.75
C GLU A 23 -8.20 0.28 2.66
N TYR A 24 -7.39 0.68 3.64
CA TYR A 24 -6.82 -0.28 4.58
C TYR A 24 -6.78 0.30 5.98
N LYS A 25 -7.30 -0.46 6.95
CA LYS A 25 -7.33 -0.02 8.34
C LYS A 25 -7.99 1.35 8.46
N GLY A 26 -9.09 1.55 7.74
CA GLY A 26 -9.79 2.81 7.79
C GLY A 26 -9.15 3.86 6.91
N SER A 27 -7.82 3.89 6.91
CA SER A 27 -7.08 4.86 6.11
C SER A 27 -7.07 4.47 4.64
N SER A 28 -6.75 5.43 3.78
CA SER A 28 -6.72 5.18 2.34
C SER A 28 -5.38 5.62 1.75
N TRP A 29 -5.01 4.99 0.64
CA TRP A 29 -3.75 5.32 -0.02
C TRP A 29 -3.93 5.40 -1.54
N HIS A 30 -3.49 6.50 -2.13
CA HIS A 30 -3.61 6.70 -3.57
C HIS A 30 -3.20 5.44 -4.32
N GLU A 31 -3.78 5.27 -5.51
CA GLU A 31 -3.49 4.10 -6.34
C GLU A 31 -1.98 3.89 -6.46
N THR A 32 -1.21 4.96 -6.28
CA THR A 32 0.23 4.89 -6.37
C THR A 32 0.87 4.87 -4.98
N CYS A 33 0.59 5.91 -4.19
CA CYS A 33 1.13 6.01 -2.85
C CYS A 33 1.14 4.65 -2.15
N PHE A 34 0.26 3.76 -2.60
CA PHE A 34 0.16 2.42 -2.03
C PHE A 34 1.24 1.51 -2.59
N ILE A 35 2.36 2.11 -3.01
CA ILE A 35 3.46 1.35 -3.58
C ILE A 35 3.96 0.29 -2.60
N CYS A 36 5.01 -0.43 -2.99
CA CYS A 36 5.58 -1.48 -2.15
C CYS A 36 6.65 -0.89 -1.22
N HIS A 37 7.05 -1.68 -0.22
CA HIS A 37 8.07 -1.24 0.73
C HIS A 37 9.43 -1.84 0.38
N ARG A 38 9.43 -2.81 -0.53
CA ARG A 38 10.66 -3.47 -0.94
C ARG A 38 11.07 -3.04 -2.34
N CYS A 39 10.15 -3.20 -3.30
CA CYS A 39 10.42 -2.83 -4.68
C CYS A 39 9.97 -1.39 -4.96
N GLN A 40 9.20 -0.84 -4.03
CA GLN A 40 8.70 0.53 -4.16
C GLN A 40 7.90 0.69 -5.45
N GLN A 41 7.05 -0.29 -5.73
CA GLN A 41 6.22 -0.26 -6.93
C GLN A 41 4.74 -0.17 -6.58
N PRO A 42 3.96 0.49 -7.45
CA PRO A 42 2.51 0.66 -7.24
C PRO A 42 1.75 -0.66 -7.40
N ILE A 43 1.75 -1.46 -6.34
CA ILE A 43 1.04 -2.74 -6.36
C ILE A 43 -0.35 -2.59 -6.95
N GLY A 44 -1.12 -1.65 -6.41
CA GLY A 44 -2.47 -1.42 -6.90
C GLY A 44 -3.42 -2.51 -6.48
N THR A 45 -4.05 -3.17 -7.46
CA THR A 45 -4.99 -4.24 -7.18
C THR A 45 -4.48 -5.57 -7.71
N LYS A 46 -3.70 -6.27 -6.89
CA LYS A 46 -3.15 -7.57 -7.28
C LYS A 46 -2.70 -8.35 -6.05
N SER A 47 -2.31 -9.61 -6.26
CA SER A 47 -1.86 -10.47 -5.18
C SER A 47 -0.74 -9.80 -4.38
N PHE A 48 -1.09 -9.27 -3.21
CA PHE A 48 -0.13 -8.60 -2.35
C PHE A 48 -0.45 -8.84 -0.88
N ILE A 49 0.60 -8.97 -0.06
CA ILE A 49 0.43 -9.19 1.36
C ILE A 49 0.55 -7.89 2.15
N PRO A 50 -0.60 -7.35 2.60
CA PRO A 50 -0.65 -6.11 3.37
C PRO A 50 -0.05 -6.27 4.77
N LYS A 51 1.01 -5.52 5.05
CA LYS A 51 1.67 -5.58 6.35
C LYS A 51 1.03 -4.61 7.33
N ASP A 52 1.11 -4.93 8.61
CA ASP A 52 0.53 -4.09 9.65
C ASP A 52 0.58 -2.61 9.24
N ASN A 53 1.79 -2.06 9.16
CA ASN A 53 1.96 -0.67 8.78
C ASN A 53 2.81 -0.55 7.51
N GLN A 54 2.73 -1.58 6.67
CA GLN A 54 3.49 -1.59 5.42
C GLN A 54 2.80 -2.45 4.38
N ASN A 55 3.36 -2.48 3.17
CA ASN A 55 2.80 -3.28 2.08
C ASN A 55 3.90 -3.99 1.30
N PHE A 56 3.77 -5.30 1.15
CA PHE A 56 4.76 -6.08 0.43
C PHE A 56 4.08 -7.07 -0.52
N CYS A 57 4.58 -7.14 -1.75
CA CYS A 57 4.01 -8.04 -2.75
C CYS A 57 4.23 -9.50 -2.35
N VAL A 58 3.78 -10.41 -3.22
CA VAL A 58 3.92 -11.84 -2.96
C VAL A 58 5.39 -12.25 -2.93
N PRO A 59 6.14 -11.86 -3.97
CA PRO A 59 7.56 -12.17 -4.10
C PRO A 59 8.41 -11.42 -3.09
N CYS A 60 7.91 -10.28 -2.63
CA CYS A 60 8.63 -9.46 -1.65
C CYS A 60 8.35 -9.94 -0.23
N TYR A 61 7.08 -9.98 0.14
CA TYR A 61 6.67 -10.42 1.46
C TYR A 61 7.30 -11.77 1.80
N GLU A 62 7.20 -12.71 0.87
CA GLU A 62 7.74 -14.05 1.06
C GLU A 62 9.21 -13.98 1.45
N LYS A 63 9.95 -13.09 0.80
CA LYS A 63 11.37 -12.91 1.08
C LYS A 63 11.60 -12.47 2.52
N GLN A 64 10.79 -11.52 2.98
CA GLN A 64 10.90 -11.01 4.33
C GLN A 64 10.99 -12.16 5.34
N HIS A 65 10.11 -13.14 5.20
CA HIS A 65 10.09 -14.29 6.09
C HIS A 65 11.15 -15.31 5.69
N ALA A 66 11.07 -15.77 4.44
CA ALA A 66 12.02 -16.75 3.92
C ALA A 66 13.45 -16.23 4.03
N SER A 67 14.21 -16.82 4.94
CA SER A 67 15.60 -16.43 5.15
C SER A 67 16.56 -17.51 4.69
N GLY A 68 16.31 -18.74 5.15
CA GLY A 68 17.16 -19.86 4.78
C GLY A 68 17.40 -19.93 3.28
N PRO A 69 16.31 -20.08 2.51
CA PRO A 69 16.38 -20.16 1.04
C PRO A 69 16.78 -18.84 0.40
N SER A 70 16.21 -17.75 0.90
CA SER A 70 16.50 -16.42 0.38
C SER A 70 16.87 -15.46 1.51
N SER A 71 18.14 -15.07 1.53
CA SER A 71 18.64 -14.16 2.56
C SER A 71 17.91 -12.81 2.49
N GLY A 72 17.33 -12.40 3.61
CA GLY A 72 16.61 -11.14 3.67
C GLY A 72 15.92 -10.92 4.99
N GLY A 1 -23.23 8.46 -2.77
CA GLY A 1 -21.99 9.17 -2.52
C GLY A 1 -22.06 10.62 -2.95
N SER A 2 -22.72 11.45 -2.14
CA SER A 2 -22.86 12.86 -2.45
C SER A 2 -21.76 13.68 -1.75
N SER A 3 -21.79 13.66 -0.42
CA SER A 3 -20.81 14.40 0.37
C SER A 3 -19.90 13.45 1.13
N GLY A 4 -18.60 13.74 1.10
CA GLY A 4 -17.64 12.89 1.80
C GLY A 4 -16.21 13.15 1.35
N SER A 5 -15.27 13.08 2.29
CA SER A 5 -13.87 13.30 1.97
C SER A 5 -12.99 12.29 2.69
N SER A 6 -12.31 11.45 1.91
CA SER A 6 -11.43 10.43 2.47
C SER A 6 -10.05 11.01 2.79
N GLY A 7 -9.37 11.50 1.76
CA GLY A 7 -8.05 12.07 1.94
C GLY A 7 -6.96 11.01 2.07
N CYS A 8 -5.90 11.16 1.29
CA CYS A 8 -4.80 10.21 1.32
C CYS A 8 -4.00 10.34 2.61
N GLN A 9 -3.20 9.32 2.91
CA GLN A 9 -2.39 9.32 4.12
C GLN A 9 -0.92 9.51 3.78
N GLU A 10 -0.50 8.94 2.65
CA GLU A 10 0.89 9.05 2.22
C GLU A 10 1.28 10.51 2.00
N CYS A 11 0.73 11.11 0.96
CA CYS A 11 1.02 12.51 0.63
C CYS A 11 0.03 13.44 1.32
N LYS A 12 -0.87 12.86 2.11
CA LYS A 12 -1.88 13.63 2.82
C LYS A 12 -2.60 14.59 1.87
N LYS A 13 -3.00 14.07 0.72
CA LYS A 13 -3.71 14.87 -0.28
C LYS A 13 -5.10 14.32 -0.54
N THR A 14 -6.06 15.22 -0.74
CA THR A 14 -7.44 14.82 -0.99
C THR A 14 -7.53 13.91 -2.22
N ILE A 15 -7.97 12.69 -2.00
CA ILE A 15 -8.12 11.73 -3.10
C ILE A 15 -9.38 11.99 -3.91
N MET A 16 -9.22 12.71 -5.01
CA MET A 16 -10.35 13.03 -5.87
C MET A 16 -11.26 11.81 -6.06
N PRO A 17 -12.56 12.06 -6.22
CA PRO A 17 -13.55 11.00 -6.42
C PRO A 17 -13.43 10.33 -7.78
N GLY A 18 -12.72 11.00 -8.69
CA GLY A 18 -12.53 10.45 -10.03
C GLY A 18 -11.27 9.63 -10.14
N THR A 19 -11.00 8.80 -9.15
CA THR A 19 -9.81 7.97 -9.14
C THR A 19 -9.94 6.81 -8.16
N ARG A 20 -9.26 5.71 -8.44
CA ARG A 20 -9.31 4.53 -7.59
C ARG A 20 -8.34 4.68 -6.42
N LYS A 21 -8.81 4.35 -5.22
CA LYS A 21 -8.00 4.43 -4.01
C LYS A 21 -7.99 3.11 -3.27
N MET A 22 -7.07 2.99 -2.31
CA MET A 22 -6.96 1.77 -1.52
C MET A 22 -7.31 2.04 -0.06
N GLU A 23 -8.40 1.42 0.42
CA GLU A 23 -8.84 1.61 1.79
C GLU A 23 -8.20 0.56 2.71
N TYR A 24 -7.40 1.03 3.67
CA TYR A 24 -6.72 0.15 4.60
C TYR A 24 -6.88 0.64 6.03
N LYS A 25 -7.77 -0.01 6.78
CA LYS A 25 -8.02 0.36 8.17
C LYS A 25 -8.59 1.77 8.26
N GLY A 26 -9.62 2.05 7.47
CA GLY A 26 -10.23 3.37 7.47
C GLY A 26 -9.44 4.38 6.67
N SER A 27 -8.12 4.27 6.71
CA SER A 27 -7.25 5.18 5.97
C SER A 27 -7.24 4.85 4.48
N SER A 28 -6.92 5.84 3.65
CA SER A 28 -6.89 5.66 2.21
C SER A 28 -5.49 5.96 1.66
N TRP A 29 -5.17 5.37 0.52
CA TRP A 29 -3.87 5.56 -0.11
C TRP A 29 -4.01 5.64 -1.62
N HIS A 30 -3.51 6.73 -2.21
CA HIS A 30 -3.58 6.92 -3.66
C HIS A 30 -3.19 5.64 -4.39
N GLU A 31 -3.89 5.34 -5.48
CA GLU A 31 -3.61 4.15 -6.27
C GLU A 31 -2.10 3.91 -6.39
N THR A 32 -1.33 4.99 -6.27
CA THR A 32 0.12 4.89 -6.36
C THR A 32 0.77 4.91 -4.98
N CYS A 33 0.47 5.94 -4.20
CA CYS A 33 1.02 6.07 -2.86
C CYS A 33 1.01 4.72 -2.14
N PHE A 34 0.13 3.83 -2.58
CA PHE A 34 0.03 2.50 -1.98
C PHE A 34 1.10 1.57 -2.52
N ILE A 35 2.17 2.16 -3.04
CA ILE A 35 3.28 1.38 -3.60
C ILE A 35 3.78 0.34 -2.59
N CYS A 36 4.76 -0.46 -3.01
CA CYS A 36 5.33 -1.48 -2.15
C CYS A 36 6.35 -0.88 -1.19
N HIS A 37 6.71 -1.64 -0.16
CA HIS A 37 7.68 -1.18 0.82
C HIS A 37 9.07 -1.70 0.50
N ARG A 38 9.15 -2.65 -0.43
CA ARG A 38 10.43 -3.22 -0.83
C ARG A 38 10.82 -2.77 -2.23
N CYS A 39 10.01 -3.13 -3.22
CA CYS A 39 10.28 -2.76 -4.61
C CYS A 39 9.78 -1.35 -4.90
N GLN A 40 9.05 -0.77 -3.93
CA GLN A 40 8.51 0.57 -4.08
C GLN A 40 7.74 0.70 -5.39
N GLN A 41 6.91 -0.30 -5.68
CA GLN A 41 6.11 -0.28 -6.90
C GLN A 41 4.62 -0.30 -6.58
N PRO A 42 3.82 0.35 -7.44
CA PRO A 42 2.37 0.43 -7.27
C PRO A 42 1.68 -0.92 -7.48
N ILE A 43 1.57 -1.69 -6.42
CA ILE A 43 0.93 -3.00 -6.49
C ILE A 43 -0.39 -2.92 -7.26
N GLY A 44 -1.35 -2.19 -6.70
CA GLY A 44 -2.64 -2.06 -7.34
C GLY A 44 -3.64 -3.09 -6.87
N THR A 45 -3.71 -4.21 -7.59
CA THR A 45 -4.64 -5.28 -7.24
C THR A 45 -3.89 -6.59 -7.01
N LYS A 46 -2.80 -6.78 -7.74
CA LYS A 46 -1.99 -7.99 -7.62
C LYS A 46 -2.02 -8.51 -6.19
N SER A 47 -2.35 -9.79 -6.04
CA SER A 47 -2.41 -10.41 -4.71
C SER A 47 -1.14 -10.10 -3.91
N PHE A 48 -1.25 -9.16 -2.99
CA PHE A 48 -0.12 -8.77 -2.16
C PHE A 48 -0.41 -9.04 -0.69
N ILE A 49 0.65 -9.23 0.09
CA ILE A 49 0.52 -9.52 1.51
C ILE A 49 0.66 -8.24 2.34
N PRO A 50 -0.47 -7.75 2.87
CA PRO A 50 -0.50 -6.53 3.68
C PRO A 50 0.15 -6.73 5.05
N LYS A 51 1.21 -5.97 5.30
CA LYS A 51 1.93 -6.06 6.57
C LYS A 51 1.28 -5.17 7.63
N ASP A 52 1.46 -5.54 8.90
CA ASP A 52 0.90 -4.78 10.01
C ASP A 52 0.85 -3.30 9.67
N ASN A 53 2.02 -2.67 9.55
CA ASN A 53 2.10 -1.25 9.24
C ASN A 53 2.86 -1.03 7.93
N GLN A 54 2.81 -2.02 7.05
CA GLN A 54 3.48 -1.94 5.76
C GLN A 54 2.81 -2.84 4.72
N ASN A 55 3.30 -2.78 3.49
CA ASN A 55 2.75 -3.60 2.42
C ASN A 55 3.86 -4.19 1.56
N PHE A 56 3.75 -5.48 1.27
CA PHE A 56 4.74 -6.18 0.47
C PHE A 56 4.07 -7.15 -0.50
N CYS A 57 4.60 -7.21 -1.73
CA CYS A 57 4.06 -8.10 -2.75
C CYS A 57 4.33 -9.56 -2.40
N VAL A 58 3.96 -10.45 -3.31
CA VAL A 58 4.16 -11.88 -3.10
C VAL A 58 5.65 -12.23 -3.12
N PRO A 59 6.35 -11.76 -4.15
CA PRO A 59 7.79 -12.01 -4.31
C PRO A 59 8.62 -11.25 -3.28
N CYS A 60 8.01 -10.27 -2.63
CA CYS A 60 8.69 -9.48 -1.62
C CYS A 60 8.44 -10.03 -0.23
N TYR A 61 7.17 -10.18 0.12
CA TYR A 61 6.78 -10.70 1.44
C TYR A 61 7.46 -12.03 1.70
N GLU A 62 7.28 -12.97 0.78
CA GLU A 62 7.87 -14.30 0.92
C GLU A 62 9.32 -14.20 1.37
N LYS A 63 10.08 -13.29 0.76
CA LYS A 63 11.48 -13.10 1.10
C LYS A 63 11.62 -12.41 2.46
N GLN A 64 10.91 -11.30 2.63
CA GLN A 64 10.95 -10.56 3.89
C GLN A 64 10.76 -11.48 5.07
N HIS A 65 9.77 -12.37 4.98
CA HIS A 65 9.48 -13.31 6.06
C HIS A 65 10.60 -14.33 6.19
N ALA A 66 11.00 -14.93 5.06
CA ALA A 66 12.06 -15.92 5.07
C ALA A 66 13.36 -15.33 5.60
N SER A 67 14.24 -16.21 6.09
CA SER A 67 15.53 -15.77 6.63
C SER A 67 16.58 -15.68 5.53
N GLY A 68 16.89 -14.44 5.13
CA GLY A 68 17.87 -14.24 4.08
C GLY A 68 18.70 -12.98 4.32
N PRO A 69 20.00 -13.07 4.01
CA PRO A 69 20.92 -11.94 4.18
C PRO A 69 20.67 -10.83 3.18
N SER A 70 20.58 -11.18 1.90
CA SER A 70 20.34 -10.20 0.85
C SER A 70 21.15 -8.93 1.09
N SER A 71 22.39 -9.10 1.53
CA SER A 71 23.26 -7.97 1.80
C SER A 71 24.57 -8.10 1.03
N GLY A 72 25.24 -6.97 0.81
CA GLY A 72 26.49 -6.98 0.08
C GLY A 72 26.89 -5.60 -0.41
N GLY A 1 -23.30 19.54 -1.33
CA GLY A 1 -22.20 19.23 -0.44
C GLY A 1 -20.86 19.30 -1.15
N SER A 2 -19.82 19.67 -0.40
CA SER A 2 -18.47 19.78 -0.96
C SER A 2 -17.95 18.41 -1.37
N SER A 3 -17.06 18.39 -2.36
CA SER A 3 -16.48 17.15 -2.85
C SER A 3 -15.14 16.87 -2.18
N GLY A 4 -14.99 15.65 -1.65
CA GLY A 4 -13.76 15.28 -0.98
C GLY A 4 -13.97 14.89 0.46
N SER A 5 -14.07 13.58 0.72
CA SER A 5 -14.29 13.08 2.06
C SER A 5 -13.08 12.28 2.54
N SER A 6 -12.65 11.32 1.73
CA SER A 6 -11.51 10.47 2.07
C SER A 6 -10.20 11.22 1.84
N GLY A 7 -9.20 10.91 2.66
CA GLY A 7 -7.91 11.56 2.53
C GLY A 7 -6.76 10.57 2.61
N CYS A 8 -5.91 10.57 1.60
CA CYS A 8 -4.76 9.67 1.55
C CYS A 8 -3.98 9.72 2.86
N GLN A 9 -3.16 8.70 3.09
CA GLN A 9 -2.36 8.63 4.31
C GLN A 9 -0.89 8.86 4.01
N GLU A 10 -0.44 8.41 2.84
CA GLU A 10 0.95 8.57 2.43
C GLU A 10 1.31 10.04 2.31
N CYS A 11 0.78 10.70 1.29
CA CYS A 11 1.05 12.11 1.06
C CYS A 11 0.06 12.99 1.82
N LYS A 12 -1.00 12.36 2.34
CA LYS A 12 -2.02 13.08 3.09
C LYS A 12 -2.71 14.13 2.22
N LYS A 13 -3.03 13.74 1.00
CA LYS A 13 -3.70 14.65 0.07
C LYS A 13 -5.09 14.14 -0.28
N THR A 14 -6.07 15.04 -0.28
CA THR A 14 -7.45 14.69 -0.59
C THR A 14 -7.52 13.88 -1.89
N ILE A 15 -7.89 12.61 -1.76
CA ILE A 15 -8.01 11.73 -2.92
C ILE A 15 -9.29 12.00 -3.69
N MET A 16 -9.15 12.57 -4.88
CA MET A 16 -10.31 12.89 -5.73
C MET A 16 -11.07 11.61 -6.08
N PRO A 17 -12.36 11.78 -6.38
CA PRO A 17 -13.24 10.65 -6.74
C PRO A 17 -12.89 10.08 -8.12
N GLY A 18 -12.24 10.88 -8.95
CA GLY A 18 -11.87 10.44 -10.27
C GLY A 18 -10.61 9.60 -10.27
N THR A 19 -10.54 8.63 -9.35
CA THR A 19 -9.38 7.76 -9.24
C THR A 19 -9.65 6.59 -8.32
N ARG A 20 -8.91 5.50 -8.49
CA ARG A 20 -9.07 4.32 -7.66
C ARG A 20 -8.12 4.34 -6.48
N LYS A 21 -8.65 4.62 -5.29
CA LYS A 21 -7.84 4.68 -4.08
C LYS A 21 -7.89 3.35 -3.33
N MET A 22 -7.03 3.21 -2.34
CA MET A 22 -6.97 1.99 -1.54
C MET A 22 -7.37 2.26 -0.10
N GLU A 23 -8.60 1.90 0.25
CA GLU A 23 -9.10 2.10 1.60
C GLU A 23 -8.83 0.88 2.48
N TYR A 24 -8.09 1.10 3.56
CA TYR A 24 -7.75 0.01 4.49
C TYR A 24 -7.78 0.50 5.93
N LYS A 25 -8.67 -0.09 6.72
CA LYS A 25 -8.82 0.28 8.13
C LYS A 25 -9.20 1.75 8.26
N GLY A 26 -10.10 2.20 7.41
CA GLY A 26 -10.54 3.59 7.45
C GLY A 26 -9.61 4.52 6.70
N SER A 27 -8.33 4.17 6.66
CA SER A 27 -7.33 4.98 5.97
C SER A 27 -7.41 4.77 4.47
N SER A 28 -6.83 5.71 3.72
CA SER A 28 -6.84 5.63 2.27
C SER A 28 -5.44 5.85 1.70
N TRP A 29 -5.19 5.30 0.51
CA TRP A 29 -3.89 5.45 -0.13
C TRP A 29 -4.04 5.59 -1.64
N HIS A 30 -3.47 6.64 -2.19
CA HIS A 30 -3.55 6.89 -3.63
C HIS A 30 -3.20 5.64 -4.42
N GLU A 31 -3.79 5.50 -5.61
CA GLU A 31 -3.55 4.34 -6.45
C GLU A 31 -2.05 4.05 -6.55
N THR A 32 -1.24 5.04 -6.25
CA THR A 32 0.21 4.88 -6.29
C THR A 32 0.81 4.84 -4.89
N CYS A 33 0.50 5.86 -4.09
CA CYS A 33 1.01 5.93 -2.72
C CYS A 33 1.00 4.56 -2.06
N PHE A 34 0.13 3.68 -2.55
CA PHE A 34 0.01 2.33 -2.00
C PHE A 34 1.08 1.42 -2.58
N ILE A 35 2.20 2.01 -3.00
CA ILE A 35 3.30 1.25 -3.58
C ILE A 35 3.85 0.24 -2.57
N CYS A 36 4.76 -0.61 -3.04
CA CYS A 36 5.37 -1.62 -2.19
C CYS A 36 6.42 -1.00 -1.26
N HIS A 37 6.83 -1.74 -0.25
CA HIS A 37 7.82 -1.26 0.70
C HIS A 37 9.21 -1.81 0.37
N ARG A 38 9.25 -2.78 -0.54
CA ARG A 38 10.51 -3.40 -0.94
C ARG A 38 10.89 -2.96 -2.36
N CYS A 39 10.02 -3.24 -3.32
CA CYS A 39 10.26 -2.87 -4.71
C CYS A 39 9.77 -1.46 -4.99
N GLN A 40 9.03 -0.89 -4.04
CA GLN A 40 8.50 0.46 -4.20
C GLN A 40 7.68 0.57 -5.48
N GLN A 41 6.86 -0.44 -5.74
CA GLN A 41 6.02 -0.45 -6.93
C GLN A 41 4.55 -0.45 -6.57
N PRO A 42 3.72 0.20 -7.41
CA PRO A 42 2.28 0.28 -7.18
C PRO A 42 1.57 -1.05 -7.38
N ILE A 43 1.50 -1.84 -6.31
CA ILE A 43 0.85 -3.14 -6.36
C ILE A 43 -0.45 -3.08 -7.16
N GLY A 44 -1.46 -2.44 -6.58
CA GLY A 44 -2.75 -2.32 -7.25
C GLY A 44 -3.79 -3.25 -6.68
N THR A 45 -3.95 -4.43 -7.30
CA THR A 45 -4.92 -5.40 -6.84
C THR A 45 -4.26 -6.76 -6.60
N LYS A 46 -3.13 -6.99 -7.24
CA LYS A 46 -2.40 -8.24 -7.10
C LYS A 46 -2.53 -8.78 -5.67
N SER A 47 -2.47 -10.10 -5.54
CA SER A 47 -2.58 -10.74 -4.23
C SER A 47 -1.34 -10.47 -3.38
N PHE A 48 -1.24 -9.24 -2.88
CA PHE A 48 -0.10 -8.85 -2.06
C PHE A 48 -0.36 -9.17 -0.58
N ILE A 49 0.70 -9.15 0.22
CA ILE A 49 0.59 -9.44 1.64
C ILE A 49 0.77 -8.17 2.46
N PRO A 50 -0.34 -7.65 3.00
CA PRO A 50 -0.33 -6.44 3.83
C PRO A 50 0.33 -6.67 5.18
N LYS A 51 1.42 -5.95 5.44
CA LYS A 51 2.14 -6.08 6.70
C LYS A 51 1.54 -5.16 7.76
N ASP A 52 1.73 -5.53 9.03
CA ASP A 52 1.21 -4.75 10.14
C ASP A 52 1.16 -3.26 9.79
N ASN A 53 2.34 -2.65 9.67
CA ASN A 53 2.43 -1.24 9.33
C ASN A 53 3.18 -1.04 8.01
N GLN A 54 3.12 -2.04 7.15
CA GLN A 54 3.79 -1.98 5.85
C GLN A 54 3.09 -2.87 4.84
N ASN A 55 3.54 -2.81 3.59
CA ASN A 55 2.96 -3.62 2.52
C ASN A 55 4.05 -4.26 1.68
N PHE A 56 3.84 -5.52 1.31
CA PHE A 56 4.80 -6.25 0.50
C PHE A 56 4.09 -7.21 -0.45
N CYS A 57 4.59 -7.29 -1.68
CA CYS A 57 4.00 -8.15 -2.69
C CYS A 57 4.21 -9.62 -2.34
N VAL A 58 3.77 -10.51 -3.22
CA VAL A 58 3.92 -11.95 -3.00
C VAL A 58 5.38 -12.36 -3.02
N PRO A 59 6.12 -11.93 -4.05
CA PRO A 59 7.54 -12.24 -4.21
C PRO A 59 8.40 -11.52 -3.17
N CYS A 60 7.94 -10.36 -2.74
CA CYS A 60 8.67 -9.57 -1.75
C CYS A 60 8.43 -10.09 -0.34
N TYR A 61 7.17 -10.32 -0.01
CA TYR A 61 6.80 -10.83 1.31
C TYR A 61 7.46 -12.17 1.59
N GLU A 62 7.65 -12.96 0.52
CA GLU A 62 8.27 -14.27 0.65
C GLU A 62 9.71 -14.14 1.14
N LYS A 63 10.43 -13.15 0.62
CA LYS A 63 11.82 -12.92 1.01
C LYS A 63 11.89 -12.26 2.37
N GLN A 64 10.98 -11.32 2.63
CA GLN A 64 10.95 -10.62 3.90
C GLN A 64 10.60 -11.56 5.04
N HIS A 65 9.79 -12.58 4.73
CA HIS A 65 9.38 -13.55 5.73
C HIS A 65 10.47 -14.59 5.97
N ALA A 66 10.98 -15.16 4.88
CA ALA A 66 12.04 -16.17 4.97
C ALA A 66 13.34 -15.55 5.47
N SER A 67 13.97 -16.21 6.43
CA SER A 67 15.23 -15.72 6.99
C SER A 67 16.42 -16.27 6.22
N GLY A 68 17.23 -15.36 5.67
CA GLY A 68 18.39 -15.75 4.91
C GLY A 68 19.48 -14.70 4.92
N PRO A 69 20.11 -14.51 6.08
CA PRO A 69 21.18 -13.52 6.24
C PRO A 69 22.45 -13.93 5.51
N SER A 70 22.52 -15.18 5.09
CA SER A 70 23.68 -15.70 4.38
C SER A 70 23.28 -16.29 3.03
N SER A 71 23.20 -15.44 2.01
CA SER A 71 22.83 -15.86 0.67
C SER A 71 23.87 -15.43 -0.35
N GLY A 72 24.62 -16.40 -0.87
CA GLY A 72 25.65 -16.10 -1.85
C GLY A 72 26.63 -15.06 -1.36
N GLY A 1 -25.38 16.32 7.88
CA GLY A 1 -25.03 17.45 7.03
C GLY A 1 -23.86 17.14 6.11
N SER A 2 -22.64 17.40 6.60
CA SER A 2 -21.44 17.16 5.82
C SER A 2 -21.52 15.81 5.11
N SER A 3 -21.00 15.75 3.89
CA SER A 3 -21.01 14.52 3.10
C SER A 3 -19.72 13.73 3.33
N GLY A 4 -19.77 12.44 2.99
CA GLY A 4 -18.61 11.59 3.15
C GLY A 4 -17.37 12.16 2.48
N SER A 5 -16.21 11.92 3.07
CA SER A 5 -14.95 12.42 2.53
C SER A 5 -13.81 11.45 2.82
N SER A 6 -12.77 11.49 1.99
CA SER A 6 -11.63 10.62 2.15
C SER A 6 -10.32 11.38 1.96
N GLY A 7 -9.21 10.77 2.37
CA GLY A 7 -7.91 11.42 2.23
C GLY A 7 -6.77 10.43 2.29
N CYS A 8 -5.78 10.64 1.43
CA CYS A 8 -4.62 9.75 1.37
C CYS A 8 -3.82 9.83 2.67
N GLN A 9 -2.99 8.82 2.91
CA GLN A 9 -2.17 8.76 4.11
C GLN A 9 -0.70 9.00 3.78
N GLU A 10 -0.28 8.50 2.62
CA GLU A 10 1.11 8.65 2.19
C GLU A 10 1.47 10.12 2.02
N CYS A 11 0.89 10.76 1.00
CA CYS A 11 1.15 12.17 0.73
C CYS A 11 0.19 13.05 1.51
N LYS A 12 -0.85 12.45 2.06
CA LYS A 12 -1.85 13.18 2.83
C LYS A 12 -2.54 14.23 1.97
N LYS A 13 -2.93 13.83 0.76
CA LYS A 13 -3.60 14.74 -0.17
C LYS A 13 -5.02 14.26 -0.46
N THR A 14 -5.97 15.19 -0.43
CA THR A 14 -7.36 14.87 -0.70
C THR A 14 -7.49 14.01 -1.95
N ILE A 15 -7.93 12.77 -1.77
CA ILE A 15 -8.10 11.85 -2.89
C ILE A 15 -9.40 12.12 -3.62
N MET A 16 -9.30 12.51 -4.90
CA MET A 16 -10.47 12.79 -5.71
C MET A 16 -11.26 11.53 -5.99
N PRO A 17 -12.57 11.69 -6.25
CA PRO A 17 -13.47 10.56 -6.54
C PRO A 17 -13.18 9.93 -7.90
N GLY A 18 -12.49 10.67 -8.76
CA GLY A 18 -12.16 10.17 -10.07
C GLY A 18 -11.14 9.07 -10.04
N THR A 19 -10.07 9.27 -9.27
CA THR A 19 -9.00 8.29 -9.14
C THR A 19 -9.37 7.21 -8.12
N ARG A 20 -8.73 6.06 -8.25
CA ARG A 20 -8.99 4.94 -7.33
C ARG A 20 -8.03 4.97 -6.15
N LYS A 21 -8.54 4.65 -4.97
CA LYS A 21 -7.72 4.64 -3.76
C LYS A 21 -7.80 3.28 -3.07
N MET A 22 -6.90 3.07 -2.11
CA MET A 22 -6.85 1.80 -1.37
C MET A 22 -7.28 2.01 0.08
N GLU A 23 -8.52 1.62 0.39
CA GLU A 23 -9.04 1.76 1.74
C GLU A 23 -8.62 0.59 2.61
N TYR A 24 -7.76 0.85 3.59
CA TYR A 24 -7.29 -0.18 4.50
C TYR A 24 -7.20 0.33 5.93
N LYS A 25 -7.90 -0.34 6.84
CA LYS A 25 -7.91 0.05 8.24
C LYS A 25 -8.43 1.48 8.41
N GLY A 26 -9.46 1.82 7.64
CA GLY A 26 -10.03 3.16 7.72
C GLY A 26 -9.28 4.15 6.87
N SER A 27 -7.95 4.04 6.85
CA SER A 27 -7.12 4.95 6.08
C SER A 27 -7.16 4.60 4.59
N SER A 28 -6.76 5.55 3.75
CA SER A 28 -6.76 5.34 2.31
C SER A 28 -5.38 5.65 1.72
N TRP A 29 -5.09 5.04 0.57
CA TRP A 29 -3.81 5.25 -0.09
C TRP A 29 -3.99 5.31 -1.61
N HIS A 30 -3.52 6.41 -2.20
CA HIS A 30 -3.63 6.59 -3.65
C HIS A 30 -3.22 5.32 -4.39
N GLU A 31 -3.88 5.07 -5.51
CA GLU A 31 -3.59 3.89 -6.32
C GLU A 31 -2.08 3.68 -6.46
N THR A 32 -1.32 4.75 -6.27
CA THR A 32 0.14 4.69 -6.38
C THR A 32 0.78 4.71 -5.00
N CYS A 33 0.47 5.73 -4.22
CA CYS A 33 1.02 5.86 -2.87
C CYS A 33 1.06 4.51 -2.16
N PHE A 34 0.20 3.60 -2.60
CA PHE A 34 0.14 2.27 -2.01
C PHE A 34 1.24 1.37 -2.57
N ILE A 35 2.30 1.98 -3.06
CA ILE A 35 3.41 1.24 -3.63
C ILE A 35 3.95 0.21 -2.64
N CYS A 36 4.96 -0.55 -3.06
CA CYS A 36 5.56 -1.58 -2.22
C CYS A 36 6.62 -0.97 -1.31
N HIS A 37 7.08 -1.75 -0.34
CA HIS A 37 8.09 -1.29 0.60
C HIS A 37 9.46 -1.87 0.25
N ARG A 38 9.47 -2.88 -0.61
CA ARG A 38 10.71 -3.52 -1.03
C ARG A 38 11.08 -3.10 -2.45
N CYS A 39 10.14 -3.27 -3.38
CA CYS A 39 10.36 -2.92 -4.77
C CYS A 39 9.88 -1.50 -5.06
N GLN A 40 9.13 -0.93 -4.13
CA GLN A 40 8.61 0.42 -4.28
C GLN A 40 7.78 0.54 -5.55
N GLN A 41 6.94 -0.45 -5.80
CA GLN A 41 6.09 -0.46 -6.99
C GLN A 41 4.62 -0.37 -6.61
N PRO A 42 3.82 0.28 -7.47
CA PRO A 42 2.39 0.45 -7.24
C PRO A 42 1.62 -0.85 -7.36
N ILE A 43 1.57 -1.61 -6.28
CA ILE A 43 0.86 -2.89 -6.26
C ILE A 43 -0.53 -2.75 -6.87
N GLY A 44 -1.36 -1.90 -6.27
CA GLY A 44 -2.70 -1.70 -6.77
C GLY A 44 -3.69 -2.70 -6.19
N THR A 45 -4.15 -3.62 -7.04
CA THR A 45 -5.11 -4.63 -6.61
C THR A 45 -4.68 -6.03 -7.06
N LYS A 46 -3.38 -6.30 -6.94
CA LYS A 46 -2.84 -7.60 -7.33
C LYS A 46 -2.35 -8.38 -6.11
N SER A 47 -2.35 -9.71 -6.22
CA SER A 47 -1.91 -10.56 -5.12
C SER A 47 -0.77 -9.91 -4.35
N PHE A 48 -1.08 -9.43 -3.14
CA PHE A 48 -0.08 -8.79 -2.30
C PHE A 48 -0.38 -9.05 -0.82
N ILE A 49 0.68 -9.10 -0.02
CA ILE A 49 0.55 -9.34 1.41
C ILE A 49 0.72 -8.05 2.21
N PRO A 50 -0.40 -7.50 2.70
CA PRO A 50 -0.40 -6.27 3.49
C PRO A 50 0.24 -6.45 4.86
N LYS A 51 1.33 -5.74 5.11
CA LYS A 51 2.04 -5.84 6.39
C LYS A 51 1.40 -4.90 7.42
N ASP A 52 1.50 -5.28 8.69
CA ASP A 52 0.93 -4.47 9.77
C ASP A 52 0.97 -2.99 9.41
N ASN A 53 2.17 -2.42 9.37
CA ASN A 53 2.35 -1.02 9.05
C ASN A 53 3.15 -0.85 7.76
N GLN A 54 3.02 -1.82 6.86
CA GLN A 54 3.74 -1.77 5.58
C GLN A 54 3.03 -2.63 4.54
N ASN A 55 3.58 -2.63 3.32
CA ASN A 55 2.99 -3.40 2.23
C ASN A 55 4.08 -4.11 1.42
N PHE A 56 3.87 -5.39 1.16
CA PHE A 56 4.83 -6.19 0.40
C PHE A 56 4.10 -7.16 -0.54
N CYS A 57 4.58 -7.22 -1.78
CA CYS A 57 3.99 -8.10 -2.77
C CYS A 57 4.21 -9.57 -2.42
N VAL A 58 3.75 -10.46 -3.28
CA VAL A 58 3.90 -11.90 -3.04
C VAL A 58 5.37 -12.31 -3.09
N PRO A 59 6.08 -11.88 -4.15
CA PRO A 59 7.50 -12.20 -4.33
C PRO A 59 8.38 -11.46 -3.33
N CYS A 60 7.84 -10.40 -2.74
CA CYS A 60 8.58 -9.60 -1.76
C CYS A 60 8.31 -10.10 -0.34
N TYR A 61 7.06 -10.01 0.09
CA TYR A 61 6.67 -10.44 1.42
C TYR A 61 7.31 -11.78 1.76
N GLU A 62 7.38 -12.67 0.77
CA GLU A 62 7.98 -13.99 0.97
C GLU A 62 9.43 -13.87 1.43
N LYS A 63 10.14 -12.90 0.87
CA LYS A 63 11.53 -12.68 1.22
C LYS A 63 11.67 -12.21 2.67
N GLN A 64 10.66 -11.47 3.14
CA GLN A 64 10.67 -10.97 4.51
C GLN A 64 10.72 -12.11 5.52
N HIS A 65 9.97 -13.17 5.25
CA HIS A 65 9.94 -14.33 6.13
C HIS A 65 11.07 -15.30 5.80
N ALA A 66 11.31 -15.50 4.50
CA ALA A 66 12.36 -16.40 4.06
C ALA A 66 13.69 -16.08 4.75
N SER A 67 14.43 -17.13 5.10
CA SER A 67 15.71 -16.97 5.77
C SER A 67 16.87 -17.03 4.77
N GLY A 68 17.88 -16.20 4.99
CA GLY A 68 19.03 -16.17 4.11
C GLY A 68 20.10 -15.22 4.58
N PRO A 69 20.23 -14.07 3.90
CA PRO A 69 21.23 -13.05 4.24
C PRO A 69 20.91 -12.34 5.54
N SER A 70 21.62 -12.72 6.61
CA SER A 70 21.40 -12.13 7.92
C SER A 70 22.11 -10.77 8.02
N SER A 71 21.31 -9.71 8.14
CA SER A 71 21.86 -8.37 8.24
C SER A 71 22.17 -8.01 9.70
N GLY A 72 22.75 -8.96 10.41
CA GLY A 72 23.10 -8.74 11.81
C GLY A 72 23.14 -10.03 12.61
N GLY A 1 -22.50 19.31 -2.20
CA GLY A 1 -22.73 18.52 -1.01
C GLY A 1 -21.68 17.45 -0.80
N SER A 2 -20.86 17.61 0.23
CA SER A 2 -19.80 16.65 0.53
C SER A 2 -20.35 15.43 1.25
N SER A 3 -20.13 14.26 0.66
CA SER A 3 -20.62 13.01 1.25
C SER A 3 -19.65 12.50 2.31
N GLY A 4 -18.40 12.27 1.89
CA GLY A 4 -17.39 11.78 2.82
C GLY A 4 -15.99 11.83 2.24
N SER A 5 -15.09 12.47 2.97
CA SER A 5 -13.70 12.59 2.52
C SER A 5 -12.83 11.49 3.12
N SER A 6 -12.03 10.85 2.27
CA SER A 6 -11.15 9.77 2.71
C SER A 6 -9.80 10.32 3.16
N GLY A 7 -9.11 10.99 2.24
CA GLY A 7 -7.81 11.55 2.56
C GLY A 7 -6.71 10.51 2.57
N CYS A 8 -5.60 10.82 1.91
CA CYS A 8 -4.46 9.90 1.85
C CYS A 8 -3.67 9.92 3.15
N GLN A 9 -2.84 8.91 3.35
CA GLN A 9 -2.02 8.81 4.55
C GLN A 9 -0.55 9.01 4.22
N GLU A 10 -0.16 8.61 3.01
CA GLU A 10 1.23 8.74 2.58
C GLU A 10 1.62 10.20 2.47
N CYS A 11 0.93 10.94 1.61
CA CYS A 11 1.21 12.36 1.42
C CYS A 11 0.20 13.23 2.17
N LYS A 12 -0.70 12.58 2.90
CA LYS A 12 -1.72 13.28 3.67
C LYS A 12 -2.48 14.27 2.79
N LYS A 13 -2.77 13.85 1.55
CA LYS A 13 -3.50 14.70 0.62
C LYS A 13 -4.90 14.15 0.36
N THR A 14 -5.87 15.04 0.26
CA THR A 14 -7.25 14.65 0.03
C THR A 14 -7.36 13.79 -1.23
N ILE A 15 -7.75 12.53 -1.05
CA ILE A 15 -7.90 11.60 -2.16
C ILE A 15 -9.20 11.85 -2.91
N MET A 16 -9.12 12.61 -3.99
CA MET A 16 -10.29 12.93 -4.81
C MET A 16 -11.10 11.66 -5.09
N PRO A 17 -12.44 11.82 -5.14
CA PRO A 17 -13.36 10.71 -5.40
C PRO A 17 -13.26 10.20 -6.84
N GLY A 18 -12.45 10.88 -7.64
CA GLY A 18 -12.28 10.49 -9.03
C GLY A 18 -10.95 9.81 -9.28
N THR A 19 -10.68 8.75 -8.52
CA THR A 19 -9.43 8.01 -8.67
C THR A 19 -9.46 6.72 -7.87
N ARG A 20 -8.59 5.78 -8.24
CA ARG A 20 -8.52 4.50 -7.56
C ARG A 20 -7.64 4.58 -6.32
N LYS A 21 -8.25 4.43 -5.15
CA LYS A 21 -7.52 4.49 -3.88
C LYS A 21 -7.52 3.14 -3.19
N MET A 22 -6.72 3.01 -2.14
CA MET A 22 -6.62 1.77 -1.39
C MET A 22 -7.07 1.98 0.05
N GLU A 23 -8.19 1.37 0.42
CA GLU A 23 -8.73 1.51 1.77
C GLU A 23 -8.29 0.33 2.64
N TYR A 24 -7.44 0.61 3.63
CA TYR A 24 -6.93 -0.42 4.53
C TYR A 24 -7.01 0.04 5.98
N LYS A 25 -7.84 -0.65 6.76
CA LYS A 25 -8.00 -0.31 8.17
C LYS A 25 -8.59 1.08 8.33
N GLY A 26 -9.58 1.40 7.51
CA GLY A 26 -10.22 2.71 7.58
C GLY A 26 -9.45 3.77 6.82
N SER A 27 -8.13 3.71 6.90
CA SER A 27 -7.27 4.67 6.22
C SER A 27 -7.19 4.37 4.73
N SER A 28 -6.97 5.41 3.93
CA SER A 28 -6.88 5.25 2.48
C SER A 28 -5.49 5.64 1.98
N TRP A 29 -5.12 5.12 0.81
CA TRP A 29 -3.82 5.41 0.22
C TRP A 29 -3.93 5.53 -1.30
N HIS A 30 -3.30 6.56 -1.85
CA HIS A 30 -3.32 6.79 -3.29
C HIS A 30 -2.78 5.58 -4.04
N GLU A 31 -3.17 5.46 -5.31
CA GLU A 31 -2.73 4.33 -6.13
C GLU A 31 -1.21 4.35 -6.30
N THR A 32 -0.61 5.54 -6.21
CA THR A 32 0.82 5.69 -6.36
C THR A 32 1.51 5.74 -4.99
N CYS A 33 0.71 5.95 -3.94
CA CYS A 33 1.25 6.02 -2.58
C CYS A 33 1.24 4.65 -1.93
N PHE A 34 0.33 3.79 -2.39
CA PHE A 34 0.22 2.44 -1.84
C PHE A 34 1.24 1.51 -2.46
N ILE A 35 2.36 2.08 -2.89
CA ILE A 35 3.43 1.30 -3.51
C ILE A 35 4.05 0.33 -2.51
N CYS A 36 4.87 -0.59 -3.02
CA CYS A 36 5.52 -1.58 -2.17
C CYS A 36 6.65 -0.94 -1.37
N HIS A 37 7.14 -1.67 -0.37
CA HIS A 37 8.22 -1.17 0.48
C HIS A 37 9.55 -1.84 0.11
N ARG A 38 9.47 -2.94 -0.63
CA ARG A 38 10.66 -3.67 -1.06
C ARG A 38 11.06 -3.29 -2.48
N CYS A 39 10.11 -3.40 -3.40
CA CYS A 39 10.36 -3.08 -4.80
C CYS A 39 9.96 -1.63 -5.10
N GLN A 40 9.19 -1.03 -4.20
CA GLN A 40 8.74 0.35 -4.37
C GLN A 40 7.92 0.49 -5.64
N GLN A 41 7.03 -0.46 -5.88
CA GLN A 41 6.18 -0.44 -7.06
C GLN A 41 4.71 -0.38 -6.68
N PRO A 42 3.91 0.32 -7.51
CA PRO A 42 2.47 0.48 -7.27
C PRO A 42 1.70 -0.83 -7.47
N ILE A 43 1.75 -1.69 -6.46
CA ILE A 43 1.05 -2.98 -6.52
C ILE A 43 -0.30 -2.84 -7.22
N GLY A 44 -1.21 -2.10 -6.59
CA GLY A 44 -2.53 -1.91 -7.17
C GLY A 44 -3.48 -3.05 -6.83
N THR A 45 -3.85 -3.82 -7.85
CA THR A 45 -4.77 -4.93 -7.67
C THR A 45 -4.14 -6.24 -8.12
N LYS A 46 -3.39 -6.87 -7.24
CA LYS A 46 -2.73 -8.14 -7.56
C LYS A 46 -2.29 -8.86 -6.27
N SER A 47 -1.85 -10.10 -6.43
CA SER A 47 -1.41 -10.90 -5.29
C SER A 47 -0.37 -10.15 -4.47
N PHE A 48 -0.80 -9.63 -3.32
CA PHE A 48 0.09 -8.88 -2.44
C PHE A 48 -0.29 -9.09 -0.97
N ILE A 49 0.70 -9.07 -0.09
CA ILE A 49 0.47 -9.24 1.34
C ILE A 49 0.59 -7.92 2.08
N PRO A 50 -0.56 -7.41 2.55
CA PRO A 50 -0.61 -6.15 3.30
C PRO A 50 0.02 -6.26 4.68
N LYS A 51 1.05 -5.46 4.92
CA LYS A 51 1.74 -5.47 6.21
C LYS A 51 1.10 -4.49 7.18
N ASP A 52 1.21 -4.79 8.47
CA ASP A 52 0.64 -3.93 9.50
C ASP A 52 0.63 -2.48 9.06
N ASN A 53 1.82 -1.88 8.92
CA ASN A 53 1.94 -0.50 8.51
C ASN A 53 2.76 -0.39 7.23
N GLN A 54 2.72 -1.43 6.41
CA GLN A 54 3.47 -1.46 5.15
C GLN A 54 2.78 -2.35 4.13
N ASN A 55 3.32 -2.39 2.92
CA ASN A 55 2.76 -3.22 1.85
C ASN A 55 3.86 -3.99 1.12
N PHE A 56 3.74 -5.31 1.10
CA PHE A 56 4.72 -6.16 0.44
C PHE A 56 4.03 -7.18 -0.46
N CYS A 57 4.51 -7.27 -1.70
CA CYS A 57 3.95 -8.20 -2.67
C CYS A 57 4.17 -9.64 -2.24
N VAL A 58 3.77 -10.59 -3.08
CA VAL A 58 3.93 -12.01 -2.78
C VAL A 58 5.40 -12.39 -2.76
N PRO A 59 6.13 -12.05 -3.84
CA PRO A 59 7.55 -12.36 -3.98
C PRO A 59 8.41 -11.53 -3.02
N CYS A 60 7.83 -10.46 -2.47
CA CYS A 60 8.53 -9.60 -1.54
C CYS A 60 8.30 -10.03 -0.10
N TYR A 61 7.03 -10.15 0.27
CA TYR A 61 6.66 -10.56 1.62
C TYR A 61 7.24 -11.93 1.95
N GLU A 62 7.12 -12.86 1.01
CA GLU A 62 7.63 -14.21 1.21
C GLU A 62 9.13 -14.19 1.47
N LYS A 63 9.81 -13.18 0.92
CA LYS A 63 11.25 -13.05 1.08
C LYS A 63 11.59 -12.35 2.40
N GLN A 64 11.13 -11.12 2.53
CA GLN A 64 11.37 -10.34 3.74
C GLN A 64 10.87 -11.07 4.98
N HIS A 65 9.81 -11.85 4.80
CA HIS A 65 9.22 -12.61 5.90
C HIS A 65 10.13 -13.78 6.29
N ALA A 66 10.25 -14.76 5.39
CA ALA A 66 11.08 -15.92 5.65
C ALA A 66 12.54 -15.52 5.86
N SER A 67 13.35 -16.47 6.32
CA SER A 67 14.77 -16.22 6.56
C SER A 67 15.44 -15.64 5.32
N GLY A 68 16.48 -14.84 5.53
CA GLY A 68 17.20 -14.24 4.43
C GLY A 68 17.71 -12.86 4.76
N PRO A 69 18.93 -12.54 4.31
CA PRO A 69 19.56 -11.24 4.54
C PRO A 69 18.88 -10.12 3.77
N SER A 70 17.84 -9.54 4.37
CA SER A 70 17.10 -8.46 3.74
C SER A 70 17.35 -7.13 4.46
N SER A 71 18.03 -6.22 3.79
CA SER A 71 18.33 -4.91 4.37
C SER A 71 17.07 -4.23 4.89
N GLY A 72 17.25 -3.17 5.66
CA GLY A 72 16.11 -2.45 6.20
C GLY A 72 16.38 -0.96 6.35
N GLY A 1 -23.79 17.98 9.74
CA GLY A 1 -23.14 17.22 8.68
C GLY A 1 -21.80 16.67 9.10
N SER A 2 -21.80 15.58 9.85
CA SER A 2 -20.56 14.96 10.31
C SER A 2 -19.97 14.06 9.24
N SER A 3 -19.89 14.57 8.01
CA SER A 3 -19.35 13.82 6.89
C SER A 3 -18.19 14.57 6.23
N GLY A 4 -17.41 13.86 5.43
CA GLY A 4 -16.29 14.48 4.75
C GLY A 4 -15.86 13.72 3.51
N SER A 5 -14.66 13.16 3.54
CA SER A 5 -14.14 12.40 2.40
C SER A 5 -13.10 11.39 2.86
N SER A 6 -12.78 10.44 1.98
CA SER A 6 -11.79 9.41 2.29
C SER A 6 -10.44 10.03 2.62
N GLY A 7 -9.83 10.66 1.61
CA GLY A 7 -8.53 11.29 1.81
C GLY A 7 -7.41 10.27 1.91
N CYS A 8 -6.28 10.58 1.29
CA CYS A 8 -5.12 9.69 1.32
C CYS A 8 -4.37 9.82 2.63
N GLN A 9 -3.54 8.81 2.93
CA GLN A 9 -2.77 8.82 4.17
C GLN A 9 -1.30 9.11 3.89
N GLU A 10 -0.82 8.63 2.75
CA GLU A 10 0.58 8.86 2.36
C GLU A 10 0.86 10.34 2.16
N CYS A 11 0.32 10.90 1.08
CA CYS A 11 0.52 12.31 0.78
C CYS A 11 -0.48 13.17 1.54
N LYS A 12 -1.49 12.54 2.11
CA LYS A 12 -2.51 13.25 2.87
C LYS A 12 -3.28 14.22 1.97
N LYS A 13 -3.62 13.77 0.78
CA LYS A 13 -4.36 14.60 -0.17
C LYS A 13 -5.73 14.00 -0.46
N THR A 14 -6.74 14.86 -0.51
CA THR A 14 -8.11 14.41 -0.77
C THR A 14 -8.16 13.55 -2.03
N ILE A 15 -8.45 12.27 -1.83
CA ILE A 15 -8.54 11.33 -2.95
C ILE A 15 -9.86 11.50 -3.70
N MET A 16 -9.76 11.91 -4.96
CA MET A 16 -10.95 12.10 -5.79
C MET A 16 -11.63 10.77 -6.08
N PRO A 17 -12.96 10.82 -6.28
CA PRO A 17 -13.77 9.63 -6.57
C PRO A 17 -13.47 9.05 -7.94
N GLY A 18 -12.76 9.82 -8.77
CA GLY A 18 -12.43 9.37 -10.10
C GLY A 18 -11.27 8.39 -10.12
N THR A 19 -10.27 8.65 -9.28
CA THR A 19 -9.10 7.78 -9.20
C THR A 19 -9.32 6.66 -8.19
N ARG A 20 -8.56 5.57 -8.35
CA ARG A 20 -8.68 4.43 -7.45
C ARG A 20 -7.86 4.66 -6.18
N LYS A 21 -8.25 3.98 -5.11
CA LYS A 21 -7.55 4.11 -3.83
C LYS A 21 -7.57 2.79 -3.07
N MET A 22 -6.74 2.69 -2.05
CA MET A 22 -6.65 1.48 -1.23
C MET A 22 -7.07 1.77 0.21
N GLU A 23 -8.26 1.33 0.57
CA GLU A 23 -8.78 1.54 1.93
C GLU A 23 -8.27 0.46 2.87
N TYR A 24 -7.47 0.88 3.85
CA TYR A 24 -6.92 -0.06 4.82
C TYR A 24 -6.89 0.57 6.21
N LYS A 25 -7.66 -0.01 7.13
CA LYS A 25 -7.72 0.48 8.50
C LYS A 25 -8.28 1.90 8.54
N GLY A 26 -9.40 2.12 7.84
CA GLY A 26 -10.01 3.42 7.81
C GLY A 26 -9.32 4.37 6.86
N SER A 27 -7.99 4.40 6.90
CA SER A 27 -7.21 5.27 6.04
C SER A 27 -7.15 4.72 4.62
N SER A 28 -6.80 5.58 3.68
CA SER A 28 -6.70 5.17 2.27
C SER A 28 -5.35 5.56 1.69
N TRP A 29 -5.06 5.03 0.51
CA TRP A 29 -3.79 5.31 -0.16
C TRP A 29 -3.98 5.39 -1.68
N HIS A 30 -3.52 6.49 -2.27
CA HIS A 30 -3.64 6.68 -3.71
C HIS A 30 -3.19 5.43 -4.47
N GLU A 31 -3.85 5.15 -5.59
CA GLU A 31 -3.52 3.99 -6.41
C GLU A 31 -2.00 3.79 -6.48
N THR A 32 -1.26 4.87 -6.29
CA THR A 32 0.20 4.82 -6.33
C THR A 32 0.79 4.85 -4.93
N CYS A 33 0.44 5.89 -4.17
CA CYS A 33 0.93 6.03 -2.80
C CYS A 33 0.96 4.69 -2.09
N PHE A 34 0.13 3.76 -2.54
CA PHE A 34 0.06 2.43 -1.94
C PHE A 34 1.16 1.54 -2.49
N ILE A 35 2.23 2.15 -3.01
CA ILE A 35 3.35 1.40 -3.55
C ILE A 35 3.84 0.35 -2.56
N CYS A 36 4.92 -0.34 -2.93
CA CYS A 36 5.48 -1.38 -2.09
C CYS A 36 6.50 -0.79 -1.12
N HIS A 37 6.89 -1.59 -0.12
CA HIS A 37 7.86 -1.14 0.88
C HIS A 37 9.24 -1.69 0.56
N ARG A 38 9.31 -2.62 -0.39
CA ARG A 38 10.57 -3.23 -0.78
C ARG A 38 11.00 -2.75 -2.17
N CYS A 39 10.15 -2.99 -3.16
CA CYS A 39 10.44 -2.59 -4.54
C CYS A 39 9.94 -1.17 -4.80
N GLN A 40 9.17 -0.63 -3.86
CA GLN A 40 8.62 0.71 -3.99
C GLN A 40 7.85 0.85 -5.30
N GLN A 41 7.03 -0.15 -5.61
CA GLN A 41 6.23 -0.13 -6.84
C GLN A 41 4.74 -0.09 -6.52
N PRO A 42 3.96 0.55 -7.40
CA PRO A 42 2.51 0.67 -7.24
C PRO A 42 1.80 -0.66 -7.41
N ILE A 43 1.70 -1.43 -6.34
CA ILE A 43 1.04 -2.73 -6.38
C ILE A 43 -0.33 -2.63 -7.05
N GLY A 44 -1.23 -1.88 -6.44
CA GLY A 44 -2.55 -1.70 -7.00
C GLY A 44 -3.56 -2.66 -6.39
N THR A 45 -4.10 -3.56 -7.20
CA THR A 45 -5.08 -4.53 -6.74
C THR A 45 -4.69 -5.95 -7.16
N LYS A 46 -3.40 -6.26 -7.04
CA LYS A 46 -2.91 -7.58 -7.39
C LYS A 46 -2.44 -8.35 -6.16
N SER A 47 -2.45 -9.67 -6.24
CA SER A 47 -2.03 -10.51 -5.13
C SER A 47 -0.88 -9.87 -4.36
N PHE A 48 -1.18 -9.39 -3.15
CA PHE A 48 -0.17 -8.75 -2.32
C PHE A 48 -0.44 -9.01 -0.84
N ILE A 49 0.63 -9.13 -0.06
CA ILE A 49 0.50 -9.38 1.37
C ILE A 49 0.63 -8.08 2.17
N PRO A 50 -0.51 -7.56 2.64
CA PRO A 50 -0.56 -6.33 3.43
C PRO A 50 0.05 -6.49 4.81
N LYS A 51 1.11 -5.74 5.08
CA LYS A 51 1.78 -5.80 6.38
C LYS A 51 1.10 -4.90 7.39
N ASP A 52 1.25 -5.23 8.67
CA ASP A 52 0.64 -4.45 9.74
C ASP A 52 0.58 -2.97 9.37
N ASN A 53 1.76 -2.35 9.26
CA ASN A 53 1.84 -0.94 8.91
C ASN A 53 2.66 -0.74 7.64
N GLN A 54 2.67 -1.75 6.78
CA GLN A 54 3.41 -1.69 5.53
C GLN A 54 2.74 -2.55 4.46
N ASN A 55 3.31 -2.54 3.25
CA ASN A 55 2.78 -3.32 2.15
C ASN A 55 3.90 -3.99 1.36
N PHE A 56 3.78 -5.30 1.17
CA PHE A 56 4.78 -6.06 0.44
C PHE A 56 4.13 -7.03 -0.55
N CYS A 57 4.64 -7.06 -1.76
CA CYS A 57 4.10 -7.94 -2.79
C CYS A 57 4.32 -9.41 -2.43
N VAL A 58 3.91 -10.30 -3.32
CA VAL A 58 4.07 -11.74 -3.09
C VAL A 58 5.54 -12.14 -3.06
N PRO A 59 6.29 -11.70 -4.07
CA PRO A 59 7.73 -11.99 -4.18
C PRO A 59 8.55 -11.26 -3.13
N CYS A 60 8.01 -10.16 -2.63
CA CYS A 60 8.69 -9.36 -1.62
C CYS A 60 8.39 -9.90 -0.22
N TYR A 61 7.12 -9.91 0.14
CA TYR A 61 6.70 -10.39 1.45
C TYR A 61 7.27 -11.78 1.74
N GLU A 62 7.07 -12.69 0.80
CA GLU A 62 7.56 -14.05 0.94
C GLU A 62 9.02 -14.07 1.38
N LYS A 63 9.81 -13.18 0.79
CA LYS A 63 11.23 -13.08 1.12
C LYS A 63 11.42 -12.66 2.58
N GLN A 64 10.96 -11.46 2.90
CA GLN A 64 11.07 -10.94 4.26
C GLN A 64 10.62 -11.98 5.28
N HIS A 65 9.59 -12.75 4.93
CA HIS A 65 9.07 -13.79 5.81
C HIS A 65 10.07 -14.92 5.97
N ALA A 66 10.77 -15.26 4.89
CA ALA A 66 11.75 -16.33 4.90
C ALA A 66 13.18 -15.76 4.86
N SER A 67 13.37 -14.63 5.54
CA SER A 67 14.69 -13.99 5.58
C SER A 67 15.42 -14.17 4.25
N GLY A 68 14.69 -14.02 3.15
CA GLY A 68 15.29 -14.18 1.84
C GLY A 68 16.54 -13.34 1.67
N PRO A 69 17.31 -13.62 0.61
CA PRO A 69 18.55 -12.91 0.32
C PRO A 69 18.30 -11.48 -0.13
N SER A 70 18.57 -10.52 0.76
CA SER A 70 18.38 -9.11 0.46
C SER A 70 19.71 -8.37 0.40
N SER A 71 19.97 -7.74 -0.74
CA SER A 71 21.22 -7.00 -0.92
C SER A 71 21.51 -6.12 0.28
N GLY A 72 22.79 -5.97 0.60
CA GLY A 72 23.19 -5.15 1.73
C GLY A 72 22.45 -3.82 1.77
N GLY A 1 -22.78 20.15 -0.92
CA GLY A 1 -23.61 19.33 -1.78
C GLY A 1 -22.79 18.61 -2.84
N SER A 2 -21.66 18.06 -2.44
CA SER A 2 -20.78 17.34 -3.36
C SER A 2 -20.94 15.82 -3.20
N SER A 3 -20.23 15.07 -4.03
CA SER A 3 -20.29 13.62 -3.98
C SER A 3 -18.90 13.01 -4.15
N GLY A 4 -18.63 11.93 -3.41
CA GLY A 4 -17.34 11.27 -3.49
C GLY A 4 -16.22 12.16 -3.00
N SER A 5 -15.71 11.86 -1.80
CA SER A 5 -14.63 12.63 -1.21
C SER A 5 -13.85 11.80 -0.20
N SER A 6 -12.53 11.86 -0.28
CA SER A 6 -11.68 11.11 0.64
C SER A 6 -10.32 11.80 0.81
N GLY A 7 -9.54 11.33 1.77
CA GLY A 7 -8.23 11.91 2.01
C GLY A 7 -7.14 10.85 2.13
N CYS A 8 -6.02 11.09 1.46
CA CYS A 8 -4.90 10.16 1.50
C CYS A 8 -4.17 10.22 2.84
N GLN A 9 -3.38 9.20 3.13
CA GLN A 9 -2.63 9.14 4.37
C GLN A 9 -1.13 9.30 4.12
N GLU A 10 -0.67 8.78 2.99
CA GLU A 10 0.73 8.86 2.62
C GLU A 10 1.18 10.32 2.51
N CYS A 11 0.64 11.03 1.54
CA CYS A 11 0.98 12.43 1.32
C CYS A 11 -0.03 13.35 2.00
N LYS A 12 -1.07 12.75 2.57
CA LYS A 12 -2.12 13.51 3.24
C LYS A 12 -2.81 14.47 2.29
N LYS A 13 -2.95 14.04 1.03
CA LYS A 13 -3.60 14.87 0.01
C LYS A 13 -5.01 14.36 -0.28
N THR A 14 -5.92 15.30 -0.53
CA THR A 14 -7.31 14.95 -0.82
C THR A 14 -7.40 14.02 -2.03
N ILE A 15 -7.99 12.85 -1.82
CA ILE A 15 -8.14 11.86 -2.88
C ILE A 15 -9.39 12.15 -3.72
N MET A 16 -9.19 12.65 -4.93
CA MET A 16 -10.30 12.96 -5.82
C MET A 16 -11.13 11.71 -6.11
N PRO A 17 -12.42 11.92 -6.40
CA PRO A 17 -13.36 10.83 -6.69
C PRO A 17 -13.06 10.16 -8.02
N GLY A 18 -12.27 10.83 -8.86
CA GLY A 18 -11.93 10.28 -10.16
C GLY A 18 -10.61 9.53 -10.15
N THR A 19 -10.52 8.51 -9.30
CA THR A 19 -9.31 7.71 -9.19
C THR A 19 -9.52 6.52 -8.26
N ARG A 20 -8.75 5.46 -8.48
CA ARG A 20 -8.84 4.26 -7.67
C ARG A 20 -7.90 4.31 -6.48
N LYS A 21 -8.46 4.36 -5.28
CA LYS A 21 -7.66 4.41 -4.06
C LYS A 21 -7.74 3.10 -3.30
N MET A 22 -6.92 2.97 -2.26
CA MET A 22 -6.89 1.76 -1.44
C MET A 22 -7.39 2.04 -0.03
N GLU A 23 -8.61 1.62 0.26
CA GLU A 23 -9.21 1.83 1.58
C GLU A 23 -8.79 0.73 2.54
N TYR A 24 -8.04 1.11 3.58
CA TYR A 24 -7.58 0.16 4.58
C TYR A 24 -7.64 0.76 5.98
N LYS A 25 -8.43 0.14 6.85
CA LYS A 25 -8.58 0.60 8.22
C LYS A 25 -9.15 2.02 8.25
N GLY A 26 -10.17 2.27 7.44
CA GLY A 26 -10.79 3.58 7.39
C GLY A 26 -10.00 4.56 6.54
N SER A 27 -8.68 4.54 6.69
CA SER A 27 -7.82 5.44 5.94
C SER A 27 -7.65 4.96 4.50
N SER A 28 -7.30 5.88 3.62
CA SER A 28 -7.12 5.55 2.20
C SER A 28 -5.70 5.91 1.74
N TRP A 29 -5.28 5.32 0.63
CA TRP A 29 -3.96 5.58 0.08
C TRP A 29 -4.01 5.66 -1.44
N HIS A 30 -3.47 6.74 -2.00
CA HIS A 30 -3.45 6.92 -3.44
C HIS A 30 -2.89 5.69 -4.15
N GLU A 31 -3.29 5.50 -5.40
CA GLU A 31 -2.83 4.36 -6.18
C GLU A 31 -1.31 4.38 -6.33
N THR A 32 -0.72 5.57 -6.21
CA THR A 32 0.72 5.72 -6.34
C THR A 32 1.38 5.89 -4.97
N CYS A 33 0.56 5.84 -3.92
CA CYS A 33 1.05 5.99 -2.56
C CYS A 33 1.09 4.64 -1.85
N PHE A 34 0.20 3.74 -2.26
CA PHE A 34 0.13 2.41 -1.66
C PHE A 34 1.19 1.49 -2.24
N ILE A 35 2.17 2.08 -2.93
CA ILE A 35 3.25 1.31 -3.52
C ILE A 35 3.83 0.31 -2.54
N CYS A 36 4.77 -0.51 -3.00
CA CYS A 36 5.40 -1.51 -2.16
C CYS A 36 6.45 -0.88 -1.26
N HIS A 37 6.89 -1.63 -0.26
CA HIS A 37 7.90 -1.14 0.67
C HIS A 37 9.29 -1.67 0.32
N ARG A 38 9.32 -2.67 -0.56
CA ARG A 38 10.58 -3.27 -0.98
C ARG A 38 10.93 -2.83 -2.40
N CYS A 39 10.05 -3.13 -3.34
CA CYS A 39 10.27 -2.77 -4.74
C CYS A 39 9.75 -1.36 -5.02
N GLN A 40 9.05 -0.78 -4.06
CA GLN A 40 8.50 0.56 -4.20
C GLN A 40 7.68 0.67 -5.49
N GLN A 41 6.85 -0.33 -5.74
CA GLN A 41 6.01 -0.34 -6.93
C GLN A 41 4.53 -0.33 -6.55
N PRO A 42 3.71 0.31 -7.40
CA PRO A 42 2.27 0.40 -7.18
C PRO A 42 1.56 -0.94 -7.35
N ILE A 43 1.60 -1.77 -6.31
CA ILE A 43 0.97 -3.07 -6.35
C ILE A 43 -0.38 -3.01 -7.08
N GLY A 44 -1.30 -2.22 -6.55
CA GLY A 44 -2.61 -2.08 -7.16
C GLY A 44 -3.64 -3.01 -6.53
N THR A 45 -4.16 -3.94 -7.33
CA THR A 45 -5.16 -4.88 -6.84
C THR A 45 -4.75 -6.32 -7.14
N LYS A 46 -3.48 -6.63 -6.91
CA LYS A 46 -2.96 -7.97 -7.15
C LYS A 46 -2.61 -8.66 -5.84
N SER A 47 -2.36 -9.96 -5.91
CA SER A 47 -2.00 -10.73 -4.72
C SER A 47 -0.84 -10.09 -3.97
N PHE A 48 -1.14 -9.52 -2.82
CA PHE A 48 -0.11 -8.87 -2.01
C PHE A 48 -0.38 -9.10 -0.52
N ILE A 49 0.70 -9.24 0.25
CA ILE A 49 0.59 -9.46 1.68
C ILE A 49 0.75 -8.16 2.46
N PRO A 50 -0.37 -7.61 2.94
CA PRO A 50 -0.38 -6.36 3.71
C PRO A 50 0.25 -6.53 5.09
N LYS A 51 1.29 -5.74 5.36
CA LYS A 51 1.98 -5.80 6.65
C LYS A 51 1.37 -4.81 7.62
N ASP A 52 1.53 -5.08 8.91
CA ASP A 52 0.99 -4.21 9.96
C ASP A 52 0.99 -2.75 9.50
N ASN A 53 2.18 -2.17 9.37
CA ASN A 53 2.31 -0.79 8.95
C ASN A 53 3.11 -0.69 7.65
N GLN A 54 3.06 -1.74 6.85
CA GLN A 54 3.78 -1.78 5.58
C GLN A 54 3.07 -2.68 4.57
N ASN A 55 3.51 -2.61 3.32
CA ASN A 55 2.92 -3.43 2.27
C ASN A 55 4.00 -4.08 1.41
N PHE A 56 3.92 -5.41 1.28
CA PHE A 56 4.89 -6.15 0.50
C PHE A 56 4.20 -7.16 -0.41
N CYS A 57 4.64 -7.21 -1.67
CA CYS A 57 4.06 -8.12 -2.65
C CYS A 57 4.33 -9.58 -2.27
N VAL A 58 3.93 -10.50 -3.13
CA VAL A 58 4.14 -11.92 -2.89
C VAL A 58 5.61 -12.28 -2.90
N PRO A 59 6.31 -11.85 -3.98
CA PRO A 59 7.74 -12.11 -4.13
C PRO A 59 8.60 -11.33 -3.14
N CYS A 60 8.04 -10.25 -2.60
CA CYS A 60 8.73 -9.42 -1.64
C CYS A 60 8.48 -9.91 -0.21
N TYR A 61 7.24 -10.27 0.08
CA TYR A 61 6.87 -10.76 1.39
C TYR A 61 7.49 -12.13 1.67
N GLU A 62 7.30 -13.05 0.73
CA GLU A 62 7.84 -14.40 0.87
C GLU A 62 9.35 -14.36 1.08
N LYS A 63 10.00 -13.38 0.46
CA LYS A 63 11.45 -13.22 0.57
C LYS A 63 11.85 -12.86 2.00
N GLN A 64 11.35 -11.74 2.48
CA GLN A 64 11.65 -11.28 3.83
C GLN A 64 11.06 -12.23 4.87
N HIS A 65 9.75 -12.43 4.81
CA HIS A 65 9.07 -13.31 5.75
C HIS A 65 9.87 -14.59 5.98
N ALA A 66 10.33 -15.20 4.89
CA ALA A 66 11.12 -16.42 4.98
C ALA A 66 12.61 -16.12 4.91
N SER A 67 13.27 -16.20 6.06
CA SER A 67 14.70 -15.95 6.13
C SER A 67 15.46 -16.72 5.06
N GLY A 68 16.33 -16.03 4.34
CA GLY A 68 17.11 -16.67 3.29
C GLY A 68 18.54 -16.18 3.24
N PRO A 69 18.81 -15.26 2.31
CA PRO A 69 20.15 -14.69 2.13
C PRO A 69 20.55 -13.77 3.29
N SER A 70 21.41 -14.28 4.16
CA SER A 70 21.87 -13.50 5.32
C SER A 70 22.77 -12.35 4.88
N SER A 71 22.14 -11.24 4.48
CA SER A 71 22.88 -10.07 4.04
C SER A 71 22.00 -8.82 4.10
N GLY A 72 22.50 -7.78 4.76
CA GLY A 72 21.75 -6.55 4.87
C GLY A 72 22.13 -5.75 6.11
N GLY A 1 -21.27 7.15 9.75
CA GLY A 1 -20.17 6.20 9.76
C GLY A 1 -18.96 6.69 8.98
N SER A 2 -19.00 6.52 7.67
CA SER A 2 -17.90 6.95 6.81
C SER A 2 -18.20 8.30 6.17
N SER A 3 -17.18 9.15 6.06
CA SER A 3 -17.35 10.47 5.47
C SER A 3 -17.50 10.37 3.96
N GLY A 4 -18.32 11.24 3.39
CA GLY A 4 -18.55 11.24 1.95
C GLY A 4 -17.25 11.29 1.17
N SER A 5 -16.48 12.35 1.37
CA SER A 5 -15.20 12.51 0.66
C SER A 5 -14.16 11.55 1.22
N SER A 6 -13.00 11.50 0.56
CA SER A 6 -11.91 10.63 0.98
C SER A 6 -10.55 11.30 0.77
N GLY A 7 -9.62 11.02 1.68
CA GLY A 7 -8.29 11.62 1.58
C GLY A 7 -7.20 10.58 1.66
N CYS A 8 -6.01 10.93 1.18
CA CYS A 8 -4.87 10.02 1.19
C CYS A 8 -4.10 10.14 2.51
N GLN A 9 -3.28 9.14 2.80
CA GLN A 9 -2.49 9.14 4.02
C GLN A 9 -1.01 9.32 3.71
N GLU A 10 -0.57 8.77 2.57
CA GLU A 10 0.82 8.88 2.16
C GLU A 10 1.21 10.33 1.93
N CYS A 11 0.64 10.93 0.89
CA CYS A 11 0.93 12.32 0.56
C CYS A 11 -0.03 13.27 1.28
N LYS A 12 -1.11 12.70 1.82
CA LYS A 12 -2.10 13.49 2.53
C LYS A 12 -2.78 14.50 1.61
N LYS A 13 -3.15 14.03 0.42
CA LYS A 13 -3.81 14.88 -0.55
C LYS A 13 -5.20 14.35 -0.91
N THR A 14 -6.18 15.25 -0.93
CA THR A 14 -7.56 14.85 -1.25
C THR A 14 -7.59 13.90 -2.43
N ILE A 15 -8.06 12.68 -2.19
CA ILE A 15 -8.14 11.67 -3.24
C ILE A 15 -9.43 11.84 -4.05
N MET A 16 -9.32 12.48 -5.21
CA MET A 16 -10.46 12.69 -6.08
C MET A 16 -11.31 11.43 -6.18
N PRO A 17 -12.63 11.62 -6.37
CA PRO A 17 -13.58 10.51 -6.49
C PRO A 17 -13.41 9.74 -7.79
N GLY A 18 -12.61 10.29 -8.70
CA GLY A 18 -12.38 9.64 -9.97
C GLY A 18 -11.34 8.54 -9.89
N THR A 19 -10.15 8.88 -9.39
CA THR A 19 -9.08 7.91 -9.26
C THR A 19 -9.39 6.88 -8.17
N ARG A 20 -8.85 5.68 -8.33
CA ARG A 20 -9.07 4.61 -7.35
C ARG A 20 -8.13 4.75 -6.16
N LYS A 21 -8.58 4.32 -5.00
CA LYS A 21 -7.78 4.39 -3.78
C LYS A 21 -7.80 3.05 -3.04
N MET A 22 -6.95 2.95 -2.02
CA MET A 22 -6.87 1.72 -1.22
C MET A 22 -7.27 1.97 0.22
N GLU A 23 -8.49 1.57 0.57
CA GLU A 23 -9.00 1.76 1.92
C GLU A 23 -8.55 0.63 2.84
N TYR A 24 -7.74 0.97 3.83
CA TYR A 24 -7.22 -0.02 4.78
C TYR A 24 -7.29 0.52 6.20
N LYS A 25 -8.16 -0.06 7.01
CA LYS A 25 -8.32 0.35 8.40
C LYS A 25 -8.79 1.80 8.49
N GLY A 26 -9.75 2.15 7.64
CA GLY A 26 -10.28 3.50 7.65
C GLY A 26 -9.45 4.45 6.80
N SER A 27 -8.14 4.25 6.81
CA SER A 27 -7.24 5.09 6.03
C SER A 27 -7.28 4.74 4.55
N SER A 28 -6.80 5.64 3.71
CA SER A 28 -6.79 5.42 2.27
C SER A 28 -5.42 5.75 1.68
N TRP A 29 -5.14 5.21 0.50
CA TRP A 29 -3.87 5.45 -0.18
C TRP A 29 -4.06 5.54 -1.69
N HIS A 30 -3.51 6.58 -2.28
CA HIS A 30 -3.61 6.78 -3.72
C HIS A 30 -3.19 5.53 -4.49
N GLU A 31 -3.89 5.25 -5.59
CA GLU A 31 -3.57 4.08 -6.40
C GLU A 31 -2.07 3.92 -6.59
N THR A 32 -1.34 5.03 -6.42
CA THR A 32 0.11 5.01 -6.58
C THR A 32 0.80 5.04 -5.22
N CYS A 33 0.27 5.84 -4.30
CA CYS A 33 0.84 5.96 -2.97
C CYS A 33 0.87 4.61 -2.27
N PHE A 34 0.04 3.69 -2.75
CA PHE A 34 -0.04 2.35 -2.17
C PHE A 34 1.04 1.44 -2.74
N ILE A 35 2.14 2.04 -3.18
CA ILE A 35 3.25 1.29 -3.75
C ILE A 35 3.81 0.29 -2.75
N CYS A 36 4.80 -0.48 -3.19
CA CYS A 36 5.43 -1.48 -2.32
C CYS A 36 6.47 -0.83 -1.41
N HIS A 37 6.90 -1.59 -0.40
CA HIS A 37 7.90 -1.09 0.54
C HIS A 37 9.29 -1.62 0.20
N ARG A 38 9.33 -2.66 -0.62
CA ARG A 38 10.59 -3.27 -1.03
C ARG A 38 11.00 -2.80 -2.42
N CYS A 39 10.16 -3.10 -3.41
CA CYS A 39 10.43 -2.71 -4.78
C CYS A 39 9.96 -1.28 -5.05
N GLN A 40 9.10 -0.78 -4.17
CA GLN A 40 8.57 0.58 -4.31
C GLN A 40 7.78 0.71 -5.60
N GLN A 41 6.93 -0.28 -5.89
CA GLN A 41 6.12 -0.26 -7.10
C GLN A 41 4.63 -0.25 -6.74
N PRO A 42 3.83 0.39 -7.61
CA PRO A 42 2.38 0.48 -7.41
C PRO A 42 1.67 -0.86 -7.59
N ILE A 43 1.58 -1.61 -6.50
CA ILE A 43 0.93 -2.92 -6.53
C ILE A 43 -0.45 -2.83 -7.17
N GLY A 44 -1.35 -2.09 -6.53
CA GLY A 44 -2.69 -1.94 -7.06
C GLY A 44 -3.70 -2.84 -6.37
N THR A 45 -4.28 -3.76 -7.12
CA THR A 45 -5.26 -4.70 -6.58
C THR A 45 -4.92 -6.13 -6.96
N LYS A 46 -3.65 -6.47 -6.89
CA LYS A 46 -3.19 -7.82 -7.23
C LYS A 46 -2.73 -8.56 -5.98
N SER A 47 -2.48 -9.86 -6.13
CA SER A 47 -2.03 -10.69 -5.02
C SER A 47 -0.88 -10.02 -4.27
N PHE A 48 -1.15 -9.53 -3.07
CA PHE A 48 -0.13 -8.87 -2.26
C PHE A 48 -0.39 -9.09 -0.77
N ILE A 49 0.68 -9.21 0.00
CA ILE A 49 0.58 -9.43 1.43
C ILE A 49 0.72 -8.12 2.20
N PRO A 50 -0.42 -7.60 2.68
CA PRO A 50 -0.45 -6.35 3.45
C PRO A 50 0.18 -6.49 4.82
N LYS A 51 1.25 -5.73 5.06
CA LYS A 51 1.95 -5.78 6.34
C LYS A 51 1.27 -4.87 7.36
N ASP A 52 1.42 -5.21 8.64
CA ASP A 52 0.81 -4.42 9.71
C ASP A 52 0.74 -2.95 9.32
N ASN A 53 1.90 -2.32 9.21
CA ASN A 53 1.96 -0.91 8.84
C ASN A 53 2.77 -0.71 7.57
N GLN A 54 2.76 -1.72 6.71
CA GLN A 54 3.49 -1.66 5.43
C GLN A 54 2.84 -2.56 4.40
N ASN A 55 3.39 -2.54 3.18
CA ASN A 55 2.87 -3.36 2.09
C ASN A 55 4.00 -4.04 1.34
N PHE A 56 3.83 -5.33 1.07
CA PHE A 56 4.84 -6.10 0.35
C PHE A 56 4.18 -7.12 -0.59
N CYS A 57 4.64 -7.13 -1.83
CA CYS A 57 4.11 -8.05 -2.83
C CYS A 57 4.34 -9.50 -2.42
N VAL A 58 3.92 -10.43 -3.28
CA VAL A 58 4.10 -11.85 -3.01
C VAL A 58 5.57 -12.24 -2.99
N PRO A 59 6.30 -11.83 -4.04
CA PRO A 59 7.73 -12.12 -4.17
C PRO A 59 8.57 -11.34 -3.15
N CYS A 60 8.05 -10.21 -2.70
CA CYS A 60 8.75 -9.39 -1.72
C CYS A 60 8.50 -9.87 -0.31
N TYR A 61 7.21 -9.97 0.05
CA TYR A 61 6.83 -10.44 1.38
C TYR A 61 7.45 -11.79 1.69
N GLU A 62 7.25 -12.75 0.79
CA GLU A 62 7.80 -14.09 0.98
C GLU A 62 9.25 -14.03 1.44
N LYS A 63 10.04 -13.17 0.79
CA LYS A 63 11.45 -13.01 1.13
C LYS A 63 11.62 -12.71 2.61
N GLN A 64 10.83 -11.76 3.10
CA GLN A 64 10.89 -11.37 4.51
C GLN A 64 10.76 -12.58 5.42
N HIS A 65 9.77 -13.43 5.12
CA HIS A 65 9.53 -14.63 5.91
C HIS A 65 10.28 -15.83 5.33
N ALA A 66 11.52 -15.60 4.92
CA ALA A 66 12.34 -16.66 4.35
C ALA A 66 13.82 -16.41 4.64
N SER A 67 14.63 -17.46 4.46
CA SER A 67 16.06 -17.36 4.71
C SER A 67 16.84 -17.30 3.40
N GLY A 68 18.10 -16.89 3.48
CA GLY A 68 18.93 -16.79 2.29
C GLY A 68 20.03 -17.84 2.26
N PRO A 69 19.69 -19.05 1.80
CA PRO A 69 20.64 -20.17 1.72
C PRO A 69 21.70 -19.94 0.65
N SER A 70 21.64 -18.78 -0.01
CA SER A 70 22.59 -18.45 -1.07
C SER A 70 23.06 -17.00 -0.93
N SER A 71 24.03 -16.63 -1.76
CA SER A 71 24.58 -15.28 -1.73
C SER A 71 23.46 -14.25 -1.65
N GLY A 72 23.55 -13.37 -0.66
CA GLY A 72 22.54 -12.33 -0.48
C GLY A 72 21.49 -12.72 0.55
N GLY A 1 -23.57 20.00 3.10
CA GLY A 1 -22.33 20.46 2.51
C GLY A 1 -21.69 19.43 1.61
N SER A 2 -20.92 18.53 2.20
CA SER A 2 -20.24 17.48 1.44
C SER A 2 -20.09 16.22 2.27
N SER A 3 -19.93 15.09 1.59
CA SER A 3 -19.77 13.80 2.27
C SER A 3 -18.69 12.96 1.61
N GLY A 4 -17.70 12.54 2.38
CA GLY A 4 -16.62 11.74 1.84
C GLY A 4 -15.26 12.19 2.33
N SER A 5 -15.10 12.25 3.65
CA SER A 5 -13.83 12.68 4.25
C SER A 5 -12.88 11.49 4.40
N SER A 6 -11.91 11.39 3.49
CA SER A 6 -10.94 10.30 3.53
C SER A 6 -9.52 10.85 3.69
N GLY A 7 -9.01 11.47 2.63
CA GLY A 7 -7.68 12.02 2.67
C GLY A 7 -6.60 10.96 2.71
N CYS A 8 -5.73 10.95 1.71
CA CYS A 8 -4.66 9.96 1.63
C CYS A 8 -3.86 9.93 2.94
N GLN A 9 -3.10 8.84 3.13
CA GLN A 9 -2.30 8.69 4.34
C GLN A 9 -0.82 8.87 4.03
N GLU A 10 -0.41 8.43 2.84
CA GLU A 10 0.98 8.55 2.43
C GLU A 10 1.39 10.02 2.30
N CYS A 11 0.87 10.69 1.27
CA CYS A 11 1.19 12.09 1.04
C CYS A 11 0.28 12.99 1.87
N LYS A 12 -0.81 12.43 2.37
CA LYS A 12 -1.75 13.18 3.19
C LYS A 12 -2.46 14.26 2.36
N LYS A 13 -2.79 13.90 1.12
CA LYS A 13 -3.47 14.83 0.22
C LYS A 13 -4.90 14.40 -0.04
N THR A 14 -5.83 15.35 0.00
CA THR A 14 -7.24 15.06 -0.23
C THR A 14 -7.43 14.28 -1.52
N ILE A 15 -7.79 13.01 -1.39
CA ILE A 15 -8.01 12.15 -2.55
C ILE A 15 -9.33 12.49 -3.24
N MET A 16 -9.25 12.91 -4.49
CA MET A 16 -10.45 13.27 -5.26
C MET A 16 -11.30 12.04 -5.52
N PRO A 17 -12.61 12.26 -5.72
CA PRO A 17 -13.57 11.17 -5.97
C PRO A 17 -13.37 10.54 -7.35
N GLY A 18 -12.42 11.09 -8.11
CA GLY A 18 -12.16 10.56 -9.44
C GLY A 18 -11.20 9.39 -9.42
N THR A 19 -9.94 9.66 -9.06
CA THR A 19 -8.93 8.62 -9.01
C THR A 19 -9.36 7.47 -8.10
N ARG A 20 -8.81 6.29 -8.36
CA ARG A 20 -9.15 5.11 -7.56
C ARG A 20 -8.19 4.95 -6.39
N LYS A 21 -8.69 5.19 -5.18
CA LYS A 21 -7.88 5.07 -3.98
C LYS A 21 -8.00 3.68 -3.37
N MET A 22 -7.15 3.38 -2.39
CA MET A 22 -7.17 2.09 -1.72
C MET A 22 -7.51 2.23 -0.25
N GLU A 23 -8.72 1.82 0.12
CA GLU A 23 -9.17 1.90 1.51
C GLU A 23 -8.75 0.66 2.29
N TYR A 24 -7.90 0.87 3.29
CA TYR A 24 -7.42 -0.24 4.12
C TYR A 24 -7.34 0.19 5.58
N LYS A 25 -8.10 -0.50 6.43
CA LYS A 25 -8.12 -0.21 7.86
C LYS A 25 -8.61 1.21 8.12
N GLY A 26 -9.55 1.67 7.30
CA GLY A 26 -10.09 3.01 7.45
C GLY A 26 -9.27 4.05 6.71
N SER A 27 -7.95 3.83 6.66
CA SER A 27 -7.06 4.76 5.98
C SER A 27 -7.15 4.61 4.47
N SER A 28 -6.73 5.65 3.76
CA SER A 28 -6.78 5.62 2.29
C SER A 28 -5.38 5.85 1.71
N TRP A 29 -5.15 5.32 0.52
CA TRP A 29 -3.87 5.46 -0.15
C TRP A 29 -4.05 5.63 -1.65
N HIS A 30 -3.49 6.71 -2.20
CA HIS A 30 -3.59 6.99 -3.63
C HIS A 30 -3.24 5.75 -4.44
N GLU A 31 -3.89 5.61 -5.60
CA GLU A 31 -3.65 4.47 -6.47
C GLU A 31 -2.16 4.18 -6.59
N THR A 32 -1.34 5.18 -6.32
CA THR A 32 0.11 5.03 -6.40
C THR A 32 0.73 4.96 -5.01
N CYS A 33 0.44 5.96 -4.18
CA CYS A 33 0.97 6.01 -2.82
C CYS A 33 0.91 4.63 -2.17
N PHE A 34 0.02 3.77 -2.67
CA PHE A 34 -0.12 2.43 -2.14
C PHE A 34 0.93 1.49 -2.72
N ILE A 35 2.05 2.07 -3.15
CA ILE A 35 3.14 1.28 -3.72
C ILE A 35 3.65 0.26 -2.72
N CYS A 36 4.58 -0.58 -3.18
CA CYS A 36 5.16 -1.61 -2.33
C CYS A 36 6.24 -1.03 -1.42
N HIS A 37 6.63 -1.77 -0.40
CA HIS A 37 7.64 -1.33 0.54
C HIS A 37 9.02 -1.89 0.16
N ARG A 38 9.02 -2.83 -0.77
CA ARG A 38 10.26 -3.45 -1.21
C ARG A 38 10.62 -3.01 -2.63
N CYS A 39 9.76 -3.36 -3.58
CA CYS A 39 9.98 -3.00 -4.97
C CYS A 39 9.52 -1.57 -5.24
N GLN A 40 8.84 -0.97 -4.27
CA GLN A 40 8.35 0.38 -4.40
C GLN A 40 7.53 0.55 -5.68
N GLN A 41 6.65 -0.41 -5.93
CA GLN A 41 5.80 -0.37 -7.12
C GLN A 41 4.33 -0.35 -6.75
N PRO A 42 3.52 0.31 -7.57
CA PRO A 42 2.07 0.42 -7.35
C PRO A 42 1.34 -0.91 -7.55
N ILE A 43 1.31 -1.72 -6.51
CA ILE A 43 0.65 -3.02 -6.58
C ILE A 43 -0.68 -2.93 -7.32
N GLY A 44 -1.64 -2.27 -6.69
CA GLY A 44 -2.95 -2.12 -7.31
C GLY A 44 -3.96 -3.14 -6.81
N THR A 45 -3.97 -4.31 -7.44
CA THR A 45 -4.88 -5.37 -7.06
C THR A 45 -4.14 -6.68 -6.83
N LYS A 46 -3.08 -6.90 -7.60
CA LYS A 46 -2.28 -8.11 -7.47
C LYS A 46 -2.23 -8.58 -6.01
N SER A 47 -2.55 -9.85 -5.80
CA SER A 47 -2.56 -10.43 -4.46
C SER A 47 -1.26 -10.09 -3.73
N PHE A 48 -1.37 -9.27 -2.69
CA PHE A 48 -0.21 -8.86 -1.91
C PHE A 48 -0.42 -9.17 -0.43
N ILE A 49 0.68 -9.20 0.32
CA ILE A 49 0.62 -9.49 1.75
C ILE A 49 0.77 -8.21 2.57
N PRO A 50 -0.35 -7.76 3.16
CA PRO A 50 -0.38 -6.55 3.99
C PRO A 50 0.35 -6.73 5.31
N LYS A 51 1.41 -5.96 5.51
CA LYS A 51 2.20 -6.04 6.74
C LYS A 51 1.60 -5.14 7.82
N ASP A 52 1.86 -5.49 9.08
CA ASP A 52 1.36 -4.72 10.21
C ASP A 52 1.26 -3.24 9.85
N ASN A 53 2.41 -2.61 9.65
CA ASN A 53 2.46 -1.19 9.30
C ASN A 53 3.15 -0.98 7.96
N GLN A 54 3.07 -1.98 7.09
CA GLN A 54 3.68 -1.91 5.77
C GLN A 54 2.96 -2.81 4.78
N ASN A 55 3.43 -2.82 3.54
CA ASN A 55 2.82 -3.64 2.50
C ASN A 55 3.90 -4.26 1.60
N PHE A 56 3.71 -5.53 1.25
CA PHE A 56 4.66 -6.24 0.41
C PHE A 56 3.94 -7.22 -0.51
N CYS A 57 4.42 -7.32 -1.75
CA CYS A 57 3.81 -8.23 -2.72
C CYS A 57 4.12 -9.68 -2.38
N VAL A 58 3.67 -10.59 -3.23
CA VAL A 58 3.90 -12.02 -3.02
C VAL A 58 5.38 -12.36 -3.14
N PRO A 59 6.01 -11.90 -4.23
CA PRO A 59 7.42 -12.15 -4.49
C PRO A 59 8.33 -11.38 -3.53
N CYS A 60 7.75 -10.42 -2.81
CA CYS A 60 8.51 -9.62 -1.86
C CYS A 60 8.33 -10.16 -0.45
N TYR A 61 7.09 -10.16 0.03
CA TYR A 61 6.80 -10.64 1.38
C TYR A 61 7.53 -11.94 1.67
N GLU A 62 7.67 -12.78 0.64
CA GLU A 62 8.36 -14.06 0.78
C GLU A 62 9.80 -13.85 1.26
N LYS A 63 10.47 -12.86 0.69
CA LYS A 63 11.85 -12.56 1.05
C LYS A 63 11.97 -12.30 2.55
N GLN A 64 11.19 -11.36 3.04
CA GLN A 64 11.21 -11.02 4.46
C GLN A 64 11.12 -12.28 5.33
N HIS A 65 10.16 -13.14 5.01
CA HIS A 65 9.97 -14.38 5.75
C HIS A 65 10.62 -15.55 5.02
N ALA A 66 11.80 -15.32 4.47
CA ALA A 66 12.53 -16.35 3.74
C ALA A 66 13.56 -17.01 4.64
N SER A 67 14.39 -16.20 5.28
CA SER A 67 15.43 -16.71 6.17
C SER A 67 15.07 -16.47 7.63
N GLY A 68 14.90 -17.56 8.38
CA GLY A 68 14.55 -17.46 9.78
C GLY A 68 15.77 -17.50 10.69
N PRO A 69 16.28 -18.70 10.93
CA PRO A 69 17.45 -18.92 11.79
C PRO A 69 18.74 -18.39 11.15
N SER A 70 19.71 -18.04 11.98
CA SER A 70 20.98 -17.52 11.50
C SER A 70 20.77 -16.34 10.57
N SER A 71 19.86 -15.45 10.95
CA SER A 71 19.55 -14.27 10.15
C SER A 71 18.77 -13.25 10.96
N GLY A 72 19.03 -11.97 10.70
CA GLY A 72 18.34 -10.91 11.42
C GLY A 72 19.28 -10.10 12.29
N GLY A 1 -22.00 17.57 -3.65
CA GLY A 1 -22.90 16.53 -4.09
C GLY A 1 -22.43 15.14 -3.70
N SER A 2 -22.28 14.92 -2.40
CA SER A 2 -21.82 13.63 -1.90
C SER A 2 -20.48 13.24 -2.53
N SER A 3 -19.59 14.23 -2.66
CA SER A 3 -18.28 13.99 -3.25
C SER A 3 -17.55 12.86 -2.53
N GLY A 4 -16.58 12.26 -3.21
CA GLY A 4 -15.82 11.17 -2.63
C GLY A 4 -14.60 11.65 -1.88
N SER A 5 -14.73 12.80 -1.21
CA SER A 5 -13.62 13.38 -0.45
C SER A 5 -13.19 12.43 0.66
N SER A 6 -12.23 11.56 0.36
CA SER A 6 -11.73 10.61 1.35
C SER A 6 -10.45 11.13 2.01
N GLY A 7 -9.43 11.35 1.20
CA GLY A 7 -8.16 11.86 1.72
C GLY A 7 -7.11 10.77 1.81
N CYS A 8 -5.92 11.07 1.29
CA CYS A 8 -4.81 10.12 1.31
C CYS A 8 -4.03 10.21 2.62
N GLN A 9 -3.25 9.18 2.91
CA GLN A 9 -2.45 9.14 4.13
C GLN A 9 -0.97 9.30 3.82
N GLU A 10 -0.55 8.79 2.65
CA GLU A 10 0.84 8.89 2.25
C GLU A 10 1.26 10.35 2.09
N CYS A 11 0.71 11.02 1.09
CA CYS A 11 1.03 12.42 0.84
C CYS A 11 0.02 13.34 1.51
N LYS A 12 -0.90 12.75 2.27
CA LYS A 12 -1.92 13.52 2.98
C LYS A 12 -2.63 14.48 2.03
N LYS A 13 -2.94 14.00 0.83
CA LYS A 13 -3.62 14.82 -0.17
C LYS A 13 -5.02 14.30 -0.44
N THR A 14 -5.95 15.21 -0.70
CA THR A 14 -7.34 14.85 -0.97
C THR A 14 -7.43 13.91 -2.16
N ILE A 15 -7.93 12.70 -1.92
CA ILE A 15 -8.07 11.72 -2.98
C ILE A 15 -9.33 11.98 -3.82
N MET A 16 -9.16 12.68 -4.93
CA MET A 16 -10.28 13.00 -5.81
C MET A 16 -11.18 11.79 -6.00
N PRO A 17 -12.48 12.05 -6.20
CA PRO A 17 -13.47 10.99 -6.40
C PRO A 17 -13.31 10.29 -7.75
N GLY A 18 -12.64 10.95 -8.68
CA GLY A 18 -12.43 10.39 -9.99
C GLY A 18 -11.16 9.55 -10.06
N THR A 19 -11.09 8.53 -9.20
CA THR A 19 -9.92 7.64 -9.16
C THR A 19 -10.14 6.50 -8.18
N ARG A 20 -9.34 5.44 -8.35
CA ARG A 20 -9.45 4.28 -7.48
C ARG A 20 -8.42 4.34 -6.36
N LYS A 21 -8.90 4.40 -5.12
CA LYS A 21 -8.02 4.47 -3.95
C LYS A 21 -7.96 3.13 -3.24
N MET A 22 -7.03 3.00 -2.30
CA MET A 22 -6.87 1.76 -1.54
C MET A 22 -7.24 1.97 -0.08
N GLU A 23 -8.43 1.52 0.31
CA GLU A 23 -8.90 1.65 1.68
C GLU A 23 -8.42 0.49 2.54
N TYR A 24 -7.57 0.80 3.51
CA TYR A 24 -7.04 -0.22 4.41
C TYR A 24 -7.10 0.23 5.86
N LYS A 25 -7.89 -0.46 6.67
CA LYS A 25 -8.03 -0.12 8.07
C LYS A 25 -8.62 1.28 8.24
N GLY A 26 -9.60 1.61 7.41
CA GLY A 26 -10.22 2.92 7.49
C GLY A 26 -9.48 3.97 6.69
N SER A 27 -8.16 3.89 6.69
CA SER A 27 -7.32 4.83 5.96
C SER A 27 -7.33 4.53 4.47
N SER A 28 -6.92 5.50 3.66
CA SER A 28 -6.89 5.34 2.22
C SER A 28 -5.52 5.71 1.66
N TRP A 29 -5.21 5.20 0.48
CA TRP A 29 -3.93 5.47 -0.17
C TRP A 29 -4.09 5.60 -1.68
N HIS A 30 -3.53 6.67 -2.25
CA HIS A 30 -3.62 6.91 -3.68
C HIS A 30 -3.22 5.65 -4.46
N GLU A 31 -3.92 5.41 -5.56
CA GLU A 31 -3.65 4.25 -6.40
C GLU A 31 -2.14 4.01 -6.53
N THR A 32 -1.37 5.09 -6.37
CA THR A 32 0.09 5.01 -6.47
C THR A 32 0.73 4.97 -5.10
N CYS A 33 0.48 6.01 -4.30
CA CYS A 33 1.04 6.09 -2.96
C CYS A 33 1.03 4.72 -2.28
N PHE A 34 0.12 3.85 -2.72
CA PHE A 34 0.01 2.52 -2.15
C PHE A 34 1.06 1.58 -2.74
N ILE A 35 2.21 2.14 -3.09
CA ILE A 35 3.30 1.36 -3.67
C ILE A 35 3.86 0.37 -2.66
N CYS A 36 4.82 -0.43 -3.10
CA CYS A 36 5.45 -1.43 -2.23
C CYS A 36 6.51 -0.77 -1.35
N HIS A 37 6.89 -1.48 -0.28
CA HIS A 37 7.89 -0.96 0.65
C HIS A 37 9.27 -1.54 0.32
N ARG A 38 9.30 -2.51 -0.59
CA ARG A 38 10.56 -3.14 -0.99
C ARG A 38 10.95 -2.72 -2.40
N CYS A 39 10.11 -3.08 -3.38
CA CYS A 39 10.39 -2.73 -4.77
C CYS A 39 9.91 -1.31 -5.08
N GLN A 40 9.14 -0.75 -4.16
CA GLN A 40 8.62 0.61 -4.35
C GLN A 40 7.80 0.71 -5.62
N GLN A 41 6.96 -0.30 -5.86
CA GLN A 41 6.11 -0.32 -7.05
C GLN A 41 4.63 -0.36 -6.67
N PRO A 42 3.78 0.24 -7.52
CA PRO A 42 2.34 0.28 -7.29
C PRO A 42 1.68 -1.08 -7.45
N ILE A 43 1.64 -1.84 -6.36
CA ILE A 43 1.05 -3.16 -6.37
C ILE A 43 -0.25 -3.18 -7.18
N GLY A 44 -1.28 -2.51 -6.65
CA GLY A 44 -2.56 -2.45 -7.32
C GLY A 44 -3.61 -3.30 -6.65
N THR A 45 -4.09 -4.32 -7.37
CA THR A 45 -5.12 -5.21 -6.84
C THR A 45 -4.68 -6.67 -6.94
N LYS A 46 -3.40 -6.91 -6.70
CA LYS A 46 -2.85 -8.26 -6.77
C LYS A 46 -2.87 -8.93 -5.40
N SER A 47 -2.43 -10.18 -5.34
CA SER A 47 -2.40 -10.93 -4.09
C SER A 47 -1.21 -10.51 -3.24
N PHE A 48 -1.17 -9.24 -2.87
CA PHE A 48 -0.08 -8.71 -2.05
C PHE A 48 -0.37 -8.90 -0.57
N ILE A 49 0.67 -9.15 0.21
CA ILE A 49 0.53 -9.34 1.64
C ILE A 49 0.79 -8.05 2.41
N PRO A 50 -0.30 -7.41 2.88
CA PRO A 50 -0.19 -6.15 3.63
C PRO A 50 0.42 -6.35 5.02
N LYS A 51 1.54 -5.71 5.26
CA LYS A 51 2.23 -5.81 6.54
C LYS A 51 1.55 -4.94 7.59
N ASP A 52 1.71 -5.31 8.86
CA ASP A 52 1.11 -4.57 9.96
C ASP A 52 1.06 -3.08 9.64
N ASN A 53 2.23 -2.46 9.57
CA ASN A 53 2.33 -1.03 9.28
C ASN A 53 3.09 -0.80 7.98
N GLN A 54 3.05 -1.78 7.09
CA GLN A 54 3.74 -1.67 5.80
C GLN A 54 3.08 -2.54 4.75
N ASN A 55 3.61 -2.51 3.54
CA ASN A 55 3.07 -3.30 2.44
C ASN A 55 4.17 -4.05 1.70
N PHE A 56 3.84 -5.21 1.16
CA PHE A 56 4.80 -6.03 0.43
C PHE A 56 4.10 -6.97 -0.54
N CYS A 57 4.63 -7.07 -1.75
CA CYS A 57 4.06 -7.94 -2.77
C CYS A 57 4.24 -9.41 -2.40
N VAL A 58 3.83 -10.29 -3.31
CA VAL A 58 3.95 -11.73 -3.08
C VAL A 58 5.41 -12.15 -3.04
N PRO A 59 6.17 -11.77 -4.07
CA PRO A 59 7.60 -12.10 -4.18
C PRO A 59 8.45 -11.36 -3.15
N CYS A 60 7.91 -10.24 -2.65
CA CYS A 60 8.62 -9.44 -1.66
C CYS A 60 8.35 -9.96 -0.24
N TYR A 61 7.08 -10.11 0.09
CA TYR A 61 6.69 -10.60 1.41
C TYR A 61 7.33 -11.95 1.70
N GLU A 62 7.16 -12.89 0.78
CA GLU A 62 7.72 -14.23 0.94
C GLU A 62 9.20 -14.16 1.29
N LYS A 63 9.92 -13.25 0.64
CA LYS A 63 11.34 -13.08 0.89
C LYS A 63 11.61 -12.75 2.35
N GLN A 64 10.89 -11.76 2.87
CA GLN A 64 11.03 -11.34 4.26
C GLN A 64 10.64 -12.47 5.21
N HIS A 65 9.58 -13.19 4.87
CA HIS A 65 9.10 -14.29 5.69
C HIS A 65 9.71 -15.61 5.23
N ALA A 66 11.01 -15.59 4.95
CA ALA A 66 11.71 -16.79 4.50
C ALA A 66 12.82 -17.17 5.48
N SER A 67 12.90 -18.45 5.82
CA SER A 67 13.90 -18.94 6.74
C SER A 67 15.17 -19.36 6.00
N GLY A 68 16.22 -18.58 6.15
CA GLY A 68 17.48 -18.88 5.49
C GLY A 68 18.34 -17.65 5.27
N PRO A 69 19.44 -17.81 4.54
CA PRO A 69 20.37 -16.72 4.24
C PRO A 69 19.77 -15.68 3.29
N SER A 70 18.53 -15.91 2.89
CA SER A 70 17.84 -15.01 1.98
C SER A 70 17.31 -13.79 2.72
N SER A 71 17.58 -12.60 2.19
CA SER A 71 17.13 -11.37 2.81
C SER A 71 17.67 -11.24 4.23
N GLY A 72 18.96 -11.50 4.39
CA GLY A 72 19.58 -11.41 5.70
C GLY A 72 20.66 -10.34 5.75
N GLY A 1 -11.23 24.24 -2.87
CA GLY A 1 -11.83 23.64 -4.04
C GLY A 1 -11.78 22.13 -4.02
N SER A 2 -12.43 21.50 -4.99
CA SER A 2 -12.45 20.04 -5.08
C SER A 2 -12.50 19.42 -3.68
N SER A 3 -13.38 19.94 -2.84
CA SER A 3 -13.52 19.43 -1.47
C SER A 3 -14.13 18.04 -1.47
N GLY A 4 -13.31 17.03 -1.19
CA GLY A 4 -13.78 15.66 -1.17
C GLY A 4 -13.97 15.14 0.25
N SER A 5 -14.25 13.85 0.37
CA SER A 5 -14.46 13.23 1.67
C SER A 5 -13.25 12.40 2.08
N SER A 6 -12.82 11.50 1.18
CA SER A 6 -11.68 10.64 1.46
C SER A 6 -10.38 11.42 1.40
N GLY A 7 -9.34 10.88 2.03
CA GLY A 7 -8.06 11.55 2.04
C GLY A 7 -6.89 10.57 2.09
N CYS A 8 -5.91 10.77 1.22
CA CYS A 8 -4.74 9.89 1.17
C CYS A 8 -3.92 10.03 2.44
N GLN A 9 -3.05 9.04 2.68
CA GLN A 9 -2.21 9.05 3.87
C GLN A 9 -0.75 9.35 3.50
N GLU A 10 -0.33 8.87 2.34
CA GLU A 10 1.03 9.09 1.87
C GLU A 10 1.30 10.58 1.67
N CYS A 11 0.71 11.15 0.61
CA CYS A 11 0.90 12.56 0.32
C CYS A 11 -0.07 13.42 1.13
N LYS A 12 -1.05 12.76 1.76
CA LYS A 12 -2.03 13.47 2.58
C LYS A 12 -2.83 14.45 1.72
N LYS A 13 -3.29 14.00 0.56
CA LYS A 13 -4.07 14.84 -0.33
C LYS A 13 -5.46 14.26 -0.56
N THR A 14 -6.47 15.12 -0.49
CA THR A 14 -7.85 14.69 -0.68
C THR A 14 -7.98 13.80 -1.91
N ILE A 15 -8.27 12.53 -1.69
CA ILE A 15 -8.43 11.58 -2.79
C ILE A 15 -9.76 11.79 -3.50
N MET A 16 -9.69 12.07 -4.80
CA MET A 16 -10.89 12.29 -5.60
C MET A 16 -11.57 10.96 -5.91
N PRO A 17 -12.90 11.01 -6.12
CA PRO A 17 -13.71 9.83 -6.43
C PRO A 17 -13.41 9.27 -7.82
N GLY A 18 -12.68 10.04 -8.61
CA GLY A 18 -12.33 9.60 -9.95
C GLY A 18 -11.06 8.78 -9.99
N THR A 19 -10.88 7.92 -8.99
CA THR A 19 -9.70 7.08 -8.91
C THR A 19 -9.87 5.98 -7.86
N ARG A 20 -9.21 4.85 -8.06
CA ARG A 20 -9.29 3.74 -7.14
C ARG A 20 -8.25 3.88 -6.03
N LYS A 21 -8.72 3.94 -4.78
CA LYS A 21 -7.84 4.07 -3.64
C LYS A 21 -7.76 2.78 -2.85
N MET A 22 -6.74 2.64 -2.01
CA MET A 22 -6.56 1.44 -1.20
C MET A 22 -6.97 1.70 0.25
N GLU A 23 -8.13 1.18 0.63
CA GLU A 23 -8.63 1.35 1.98
C GLU A 23 -8.06 0.29 2.92
N TYR A 24 -7.24 0.72 3.87
CA TYR A 24 -6.62 -0.20 4.83
C TYR A 24 -6.62 0.41 6.23
N LYS A 25 -7.35 -0.23 7.14
CA LYS A 25 -7.43 0.25 8.51
C LYS A 25 -8.08 1.62 8.58
N GLY A 26 -9.11 1.83 7.77
CA GLY A 26 -9.81 3.10 7.75
C GLY A 26 -9.11 4.13 6.89
N SER A 27 -7.79 4.02 6.78
CA SER A 27 -7.01 4.95 5.98
C SER A 27 -7.05 4.56 4.51
N SER A 28 -6.69 5.50 3.64
CA SER A 28 -6.68 5.26 2.20
C SER A 28 -5.34 5.66 1.59
N TRP A 29 -5.02 5.06 0.45
CA TRP A 29 -3.77 5.35 -0.24
C TRP A 29 -3.96 5.36 -1.75
N HIS A 30 -3.56 6.45 -2.39
CA HIS A 30 -3.69 6.58 -3.83
C HIS A 30 -3.21 5.32 -4.54
N GLU A 31 -3.91 4.95 -5.60
CA GLU A 31 -3.56 3.76 -6.36
C GLU A 31 -2.05 3.62 -6.50
N THR A 32 -1.34 4.75 -6.43
CA THR A 32 0.12 4.75 -6.54
C THR A 32 0.76 4.83 -5.16
N CYS A 33 0.46 5.89 -4.42
CA CYS A 33 1.00 6.08 -3.09
C CYS A 33 1.07 4.77 -2.33
N PHE A 34 0.23 3.82 -2.73
CA PHE A 34 0.18 2.51 -2.08
C PHE A 34 1.29 1.61 -2.62
N ILE A 35 2.34 2.22 -3.14
CA ILE A 35 3.47 1.47 -3.69
C ILE A 35 3.94 0.39 -2.71
N CYS A 36 4.98 -0.32 -3.10
CA CYS A 36 5.53 -1.39 -2.27
C CYS A 36 6.58 -0.83 -1.30
N HIS A 37 6.96 -1.62 -0.31
CA HIS A 37 7.95 -1.21 0.67
C HIS A 37 9.31 -1.81 0.35
N ARG A 38 9.35 -2.69 -0.63
CA ARG A 38 10.59 -3.34 -1.04
C ARG A 38 11.01 -2.89 -2.44
N CYS A 39 10.10 -3.05 -3.40
CA CYS A 39 10.38 -2.66 -4.78
C CYS A 39 9.85 -1.26 -5.06
N GLN A 40 9.18 -0.68 -4.07
CA GLN A 40 8.62 0.67 -4.22
C GLN A 40 7.83 0.79 -5.51
N GLN A 41 7.01 -0.23 -5.81
CA GLN A 41 6.20 -0.23 -7.01
C GLN A 41 4.71 -0.12 -6.67
N PRO A 42 3.96 0.54 -7.55
CA PRO A 42 2.51 0.73 -7.36
C PRO A 42 1.73 -0.58 -7.53
N ILE A 43 1.67 -1.36 -6.45
CA ILE A 43 0.96 -2.63 -6.49
C ILE A 43 -0.42 -2.47 -7.13
N GLY A 44 -1.24 -1.60 -6.56
CA GLY A 44 -2.57 -1.37 -7.09
C GLY A 44 -3.61 -2.27 -6.45
N THR A 45 -4.15 -3.20 -7.24
CA THR A 45 -5.17 -4.11 -6.74
C THR A 45 -4.86 -5.55 -7.15
N LYS A 46 -3.58 -5.92 -7.05
CA LYS A 46 -3.15 -7.27 -7.41
C LYS A 46 -2.74 -8.06 -6.16
N SER A 47 -2.48 -9.35 -6.35
CA SER A 47 -2.09 -10.21 -5.23
C SER A 47 -0.93 -9.60 -4.47
N PHE A 48 -1.21 -9.11 -3.27
CA PHE A 48 -0.19 -8.50 -2.43
C PHE A 48 -0.46 -8.76 -0.95
N ILE A 49 0.60 -8.96 -0.18
CA ILE A 49 0.47 -9.22 1.24
C ILE A 49 0.65 -7.94 2.07
N PRO A 50 -0.47 -7.41 2.56
CA PRO A 50 -0.48 -6.18 3.37
C PRO A 50 0.14 -6.38 4.73
N LYS A 51 1.23 -5.67 5.01
CA LYS A 51 1.92 -5.78 6.29
C LYS A 51 1.25 -4.89 7.34
N ASP A 52 1.41 -5.26 8.61
CA ASP A 52 0.83 -4.49 9.71
C ASP A 52 0.81 -3.01 9.38
N ASN A 53 2.00 -2.41 9.30
CA ASN A 53 2.12 -0.99 8.99
C ASN A 53 2.90 -0.77 7.69
N GLN A 54 2.84 -1.76 6.81
CA GLN A 54 3.54 -1.68 5.52
C GLN A 54 2.83 -2.51 4.46
N ASN A 55 3.40 -2.52 3.25
CA ASN A 55 2.82 -3.28 2.15
C ASN A 55 3.91 -3.94 1.31
N PHE A 56 3.80 -5.26 1.16
CA PHE A 56 4.78 -6.02 0.38
C PHE A 56 4.08 -6.96 -0.59
N CYS A 57 4.56 -7.00 -1.83
CA CYS A 57 3.99 -7.87 -2.85
C CYS A 57 4.17 -9.33 -2.48
N VAL A 58 3.76 -10.22 -3.38
CA VAL A 58 3.88 -11.65 -3.16
C VAL A 58 5.33 -12.09 -3.14
N PRO A 59 6.08 -11.72 -4.20
CA PRO A 59 7.49 -12.07 -4.32
C PRO A 59 8.37 -11.30 -3.33
N CYS A 60 7.82 -10.24 -2.76
CA CYS A 60 8.54 -9.42 -1.79
C CYS A 60 8.28 -9.92 -0.37
N TYR A 61 7.01 -10.10 -0.04
CA TYR A 61 6.62 -10.57 1.29
C TYR A 61 7.25 -11.92 1.60
N GLU A 62 7.44 -12.73 0.57
CA GLU A 62 8.05 -14.04 0.73
C GLU A 62 9.43 -13.94 1.37
N LYS A 63 10.11 -12.83 1.10
CA LYS A 63 11.44 -12.61 1.64
C LYS A 63 11.39 -12.46 3.17
N GLN A 64 10.65 -11.46 3.64
CA GLN A 64 10.51 -11.23 5.07
C GLN A 64 9.73 -12.35 5.75
N HIS A 65 8.53 -12.60 5.24
CA HIS A 65 7.68 -13.66 5.79
C HIS A 65 8.50 -14.91 6.09
N ALA A 66 9.11 -15.48 5.06
CA ALA A 66 9.92 -16.68 5.22
C ALA A 66 11.35 -16.32 5.64
N SER A 67 11.85 -17.02 6.65
CA SER A 67 13.21 -16.78 7.14
C SER A 67 14.00 -18.09 7.19
N GLY A 68 15.30 -17.96 7.44
CA GLY A 68 16.16 -19.14 7.52
C GLY A 68 17.52 -18.82 8.09
N PRO A 69 18.07 -19.76 8.88
CA PRO A 69 19.39 -19.60 9.51
C PRO A 69 20.52 -19.65 8.49
N SER A 70 20.21 -20.07 7.27
CA SER A 70 21.19 -20.16 6.21
C SER A 70 21.46 -18.81 5.59
N SER A 71 22.48 -18.74 4.73
CA SER A 71 22.84 -17.49 4.07
C SER A 71 22.67 -16.30 5.02
N GLY A 72 23.09 -16.48 6.26
CA GLY A 72 22.98 -15.42 7.25
C GLY A 72 21.81 -15.62 8.18
N GLY A 1 -7.52 16.04 5.57
CA GLY A 1 -7.80 14.82 6.31
C GLY A 1 -9.17 14.83 6.96
N SER A 2 -9.35 15.73 7.92
CA SER A 2 -10.62 15.85 8.63
C SER A 2 -11.73 16.34 7.69
N SER A 3 -11.43 17.41 6.98
CA SER A 3 -12.41 17.99 6.04
C SER A 3 -12.65 17.06 4.86
N GLY A 4 -11.59 16.79 4.11
CA GLY A 4 -11.69 15.92 2.95
C GLY A 4 -11.99 14.48 3.34
N SER A 5 -12.85 13.83 2.57
CA SER A 5 -13.21 12.44 2.84
C SER A 5 -12.29 11.48 2.08
N SER A 6 -11.99 10.34 2.71
CA SER A 6 -11.12 9.34 2.11
C SER A 6 -9.77 9.95 1.75
N GLY A 7 -9.23 10.76 2.66
CA GLY A 7 -7.94 11.38 2.43
C GLY A 7 -6.81 10.38 2.38
N CYS A 8 -5.72 10.74 1.70
CA CYS A 8 -4.57 9.86 1.58
C CYS A 8 -3.70 9.91 2.84
N GLN A 9 -2.84 8.92 3.00
CA GLN A 9 -1.96 8.85 4.16
C GLN A 9 -0.51 9.12 3.76
N GLU A 10 -0.14 8.67 2.57
CA GLU A 10 1.22 8.86 2.07
C GLU A 10 1.57 10.34 1.99
N CYS A 11 0.89 11.05 1.10
CA CYS A 11 1.13 12.48 0.92
C CYS A 11 0.07 13.30 1.64
N LYS A 12 -0.73 12.64 2.47
CA LYS A 12 -1.79 13.30 3.22
C LYS A 12 -2.54 14.29 2.34
N LYS A 13 -2.91 13.84 1.15
CA LYS A 13 -3.65 14.68 0.20
C LYS A 13 -5.06 14.15 -0.01
N THR A 14 -6.00 15.06 -0.26
CA THR A 14 -7.39 14.68 -0.48
C THR A 14 -7.53 13.82 -1.73
N ILE A 15 -7.85 12.54 -1.54
CA ILE A 15 -8.02 11.62 -2.64
C ILE A 15 -9.36 11.80 -3.32
N MET A 16 -9.36 12.31 -4.54
CA MET A 16 -10.58 12.53 -5.30
C MET A 16 -11.34 11.23 -5.50
N PRO A 17 -12.66 11.33 -5.69
CA PRO A 17 -13.52 10.16 -5.90
C PRO A 17 -13.29 9.50 -7.25
N GLY A 18 -13.29 10.31 -8.31
CA GLY A 18 -13.07 9.79 -9.65
C GLY A 18 -11.94 8.78 -9.70
N THR A 19 -10.85 9.07 -8.98
CA THR A 19 -9.71 8.18 -8.95
C THR A 19 -9.90 7.05 -7.94
N ARG A 20 -9.23 5.94 -8.16
CA ARG A 20 -9.32 4.78 -7.27
C ARG A 20 -8.32 4.90 -6.12
N LYS A 21 -8.72 4.41 -4.95
CA LYS A 21 -7.87 4.46 -3.77
C LYS A 21 -7.86 3.11 -3.05
N MET A 22 -6.88 2.93 -2.17
CA MET A 22 -6.77 1.68 -1.41
C MET A 22 -7.15 1.90 0.05
N GLU A 23 -8.32 1.39 0.44
CA GLU A 23 -8.79 1.53 1.81
C GLU A 23 -8.29 0.38 2.68
N TYR A 24 -7.41 0.71 3.62
CA TYR A 24 -6.84 -0.29 4.51
C TYR A 24 -6.77 0.22 5.95
N LYS A 25 -7.38 -0.51 6.86
CA LYS A 25 -7.39 -0.12 8.27
C LYS A 25 -7.99 1.28 8.45
N GLY A 26 -9.07 1.55 7.73
CA GLY A 26 -9.72 2.84 7.82
C GLY A 26 -9.03 3.90 6.98
N SER A 27 -7.69 3.86 6.95
CA SER A 27 -6.91 4.81 6.18
C SER A 27 -6.96 4.48 4.69
N SER A 28 -6.67 5.47 3.85
CA SER A 28 -6.68 5.27 2.40
C SER A 28 -5.34 5.68 1.80
N TRP A 29 -5.07 5.18 0.60
CA TRP A 29 -3.82 5.49 -0.09
C TRP A 29 -4.05 5.62 -1.59
N HIS A 30 -3.50 6.67 -2.18
CA HIS A 30 -3.63 6.90 -3.61
C HIS A 30 -3.23 5.67 -4.41
N GLU A 31 -3.99 5.39 -5.47
CA GLU A 31 -3.71 4.23 -6.32
C GLU A 31 -2.22 3.98 -6.44
N THR A 32 -1.43 5.07 -6.40
CA THR A 32 0.01 4.98 -6.50
C THR A 32 0.67 4.94 -5.13
N CYS A 33 0.40 5.97 -4.33
CA CYS A 33 0.96 6.06 -2.98
C CYS A 33 0.96 4.69 -2.31
N PHE A 34 0.06 3.82 -2.75
CA PHE A 34 -0.05 2.48 -2.19
C PHE A 34 1.00 1.55 -2.77
N ILE A 35 2.13 2.12 -3.16
CA ILE A 35 3.22 1.34 -3.75
C ILE A 35 3.82 0.38 -2.72
N CYS A 36 4.68 -0.51 -3.19
CA CYS A 36 5.33 -1.48 -2.32
C CYS A 36 6.39 -0.82 -1.44
N HIS A 37 6.82 -1.53 -0.41
CA HIS A 37 7.83 -1.00 0.51
C HIS A 37 9.21 -1.56 0.16
N ARG A 38 9.24 -2.64 -0.61
CA ARG A 38 10.49 -3.27 -1.01
C ARG A 38 10.88 -2.85 -2.43
N CYS A 39 10.03 -3.18 -3.38
CA CYS A 39 10.29 -2.85 -4.78
C CYS A 39 9.84 -1.42 -5.10
N GLN A 40 9.00 -0.87 -4.22
CA GLN A 40 8.49 0.48 -4.40
C GLN A 40 7.68 0.59 -5.68
N GLN A 41 6.82 -0.40 -5.92
CA GLN A 41 5.98 -0.41 -7.12
C GLN A 41 4.50 -0.40 -6.74
N PRO A 42 3.69 0.25 -7.59
CA PRO A 42 2.24 0.34 -7.37
C PRO A 42 1.53 -1.00 -7.56
N ILE A 43 1.43 -1.76 -6.48
CA ILE A 43 0.78 -3.07 -6.53
C ILE A 43 -0.58 -2.97 -7.21
N GLY A 44 -1.47 -2.16 -6.64
CA GLY A 44 -2.79 -2.00 -7.21
C GLY A 44 -3.79 -2.98 -6.63
N THR A 45 -4.24 -3.93 -7.44
CA THR A 45 -5.21 -4.92 -7.01
C THR A 45 -4.75 -6.33 -7.35
N LYS A 46 -3.45 -6.58 -7.20
CA LYS A 46 -2.90 -7.89 -7.50
C LYS A 46 -2.44 -8.59 -6.22
N SER A 47 -2.28 -9.91 -6.31
CA SER A 47 -1.85 -10.70 -5.16
C SER A 47 -0.74 -9.99 -4.39
N PHE A 48 -1.09 -9.51 -3.19
CA PHE A 48 -0.12 -8.80 -2.35
C PHE A 48 -0.42 -9.05 -0.87
N ILE A 49 0.64 -9.09 -0.06
CA ILE A 49 0.50 -9.31 1.38
C ILE A 49 0.60 -8.01 2.15
N PRO A 50 -0.55 -7.49 2.59
CA PRO A 50 -0.61 -6.24 3.35
C PRO A 50 -0.02 -6.38 4.75
N LYS A 51 1.03 -5.62 5.02
CA LYS A 51 1.70 -5.65 6.33
C LYS A 51 1.04 -4.68 7.29
N ASP A 52 1.10 -5.00 8.58
CA ASP A 52 0.52 -4.15 9.61
C ASP A 52 0.56 -2.68 9.19
N ASN A 53 1.75 -2.11 9.16
CA ASN A 53 1.93 -0.72 8.77
C ASN A 53 2.78 -0.61 7.51
N GLN A 54 2.69 -1.61 6.65
CA GLN A 54 3.45 -1.62 5.40
C GLN A 54 2.77 -2.52 4.37
N ASN A 55 3.33 -2.53 3.16
CA ASN A 55 2.79 -3.35 2.08
C ASN A 55 3.91 -4.03 1.29
N PHE A 56 3.76 -5.33 1.08
CA PHE A 56 4.77 -6.10 0.34
C PHE A 56 4.10 -7.12 -0.58
N CYS A 57 4.54 -7.15 -1.83
CA CYS A 57 3.98 -8.08 -2.81
C CYS A 57 4.24 -9.53 -2.39
N VAL A 58 3.81 -10.46 -3.24
CA VAL A 58 3.99 -11.88 -2.96
C VAL A 58 5.47 -12.26 -2.97
N PRO A 59 6.18 -11.85 -4.03
CA PRO A 59 7.61 -12.14 -4.18
C PRO A 59 8.46 -11.35 -3.19
N CYS A 60 7.89 -10.31 -2.61
CA CYS A 60 8.59 -9.49 -1.64
C CYS A 60 8.35 -9.97 -0.21
N TYR A 61 7.08 -10.10 0.15
CA TYR A 61 6.71 -10.56 1.48
C TYR A 61 7.40 -11.87 1.82
N GLU A 62 7.27 -12.84 0.91
CA GLU A 62 7.89 -14.15 1.11
C GLU A 62 9.34 -14.01 1.55
N LYS A 63 10.06 -13.11 0.89
CA LYS A 63 11.47 -12.89 1.20
C LYS A 63 11.64 -12.49 2.67
N GLN A 64 10.97 -11.41 3.07
CA GLN A 64 11.05 -10.93 4.45
C GLN A 64 10.66 -12.03 5.43
N HIS A 65 9.57 -12.73 5.12
CA HIS A 65 9.09 -13.81 5.98
C HIS A 65 10.18 -14.84 6.23
N ALA A 66 10.69 -15.42 5.14
CA ALA A 66 11.74 -16.43 5.23
C ALA A 66 13.11 -15.77 5.41
N SER A 67 14.09 -16.56 5.85
CA SER A 67 15.44 -16.06 6.07
C SER A 67 16.47 -17.16 5.86
N GLY A 68 17.51 -16.85 5.10
CA GLY A 68 18.55 -17.83 4.83
C GLY A 68 19.74 -17.24 4.11
N PRO A 69 20.65 -18.11 3.63
CA PRO A 69 21.84 -17.68 2.91
C PRO A 69 21.51 -17.11 1.53
N SER A 70 22.26 -16.09 1.12
CA SER A 70 22.05 -15.45 -0.17
C SER A 70 23.26 -15.65 -1.08
N SER A 71 23.00 -16.20 -2.28
CA SER A 71 24.08 -16.44 -3.24
C SER A 71 24.25 -15.25 -4.17
N GLY A 72 25.50 -14.82 -4.34
CA GLY A 72 25.78 -13.69 -5.21
C GLY A 72 26.78 -12.73 -4.60
#